data_4AJN
#
_entry.id   4AJN
#
_cell.length_a   62.222
_cell.length_b   82.728
_cell.length_c   129.481
_cell.angle_alpha   90.00
_cell.angle_beta   96.23
_cell.angle_gamma   90.00
#
_symmetry.space_group_name_H-M   'P 1 21 1'
#
loop_
_entity.id
_entity.type
_entity.pdbx_description
1 polymer 'L-LACTATE DEHYDROGENASE A CHAIN'
2 non-polymer '(4-{2-[({3-[(2-METHYL-1,3-BENZOTHIAZOL-6-YL)AMINO]-3-OXOPROPYL}CARBAMOYL)AMINO]ETHYL}BENZYL)PROPANEDIOIC ACID'
3 non-polymer GLYCEROL
4 water water
#
_entity_poly.entity_id   1
_entity_poly.type   'polypeptide(L)'
_entity_poly.pdbx_seq_one_letter_code
;AALKDQLIVNLLKEEQVPQNKITVVGVGAVGMACAISILMKDLADELALVDVIEDKLKGEMMDLQHGSLFLKTPKIVSSK
DYSVTANSKLVIITAGARQQEGESRLNLVQRNVNIFKFIIPNVVKYSPQCKLLIVSNPVDILTYVAWKISGFPKNRVIGS
GCNLDSARFRYLMGERLGVHPLSCHGWVLGEHGDSSVPVWSGVNVAGVSLKSLNPQLGTDADKEQWKDVHKQVVDSAYEV
IKLKGYTSWAIGLSVADLAESIMKNLRRVHPISTMIKGLYGIKEDVFLSVPCILGQNGISDVVKVTLTPDEEARLKKSAD
TLWGIQKELQF
;
_entity_poly.pdbx_strand_id   A,B,C,D
#
loop_
_chem_comp.id
_chem_comp.type
_chem_comp.name
_chem_comp.formula
88V non-polymer '(4-{2-[({3-[(2-METHYL-1,3-BENZOTHIAZOL-6-YL)AMINO]-3-OXOPROPYL}CARBAMOYL)AMINO]ETHYL}BENZYL)PROPANEDIOIC ACID' 'C24 H26 N4 O6 S'
GOL non-polymer GLYCEROL 'C3 H8 O3'
#
# COMPACT_ATOMS: atom_id res chain seq x y z
N ALA A 2 -13.33 28.47 -24.77
CA ALA A 2 -12.18 27.69 -24.22
C ALA A 2 -12.49 26.19 -24.17
N LEU A 3 -11.51 25.36 -24.54
CA LEU A 3 -11.73 23.91 -24.56
C LEU A 3 -12.16 23.41 -23.16
N LYS A 4 -11.48 23.88 -22.12
CA LYS A 4 -11.81 23.48 -20.75
C LYS A 4 -13.30 23.68 -20.41
N ASP A 5 -13.85 24.82 -20.78
CA ASP A 5 -15.26 25.16 -20.51
C ASP A 5 -16.24 24.43 -21.41
N GLN A 6 -15.78 23.95 -22.56
CA GLN A 6 -16.61 23.12 -23.42
C GLN A 6 -16.70 21.71 -22.85
N LEU A 7 -15.70 21.33 -22.06
CA LEU A 7 -15.60 19.99 -21.51
C LEU A 7 -16.20 19.91 -20.10
N ILE A 8 -15.88 20.88 -19.27
CA ILE A 8 -16.18 20.82 -17.85
C ILE A 8 -17.04 21.99 -17.41
N VAL A 9 -18.10 21.70 -16.66
CA VAL A 9 -18.91 22.74 -16.03
C VAL A 9 -18.43 22.91 -14.61
N ASN A 10 -17.89 24.06 -14.31
CA ASN A 10 -17.41 24.34 -12.96
C ASN A 10 -18.58 24.67 -12.03
N LEU A 11 -18.64 24.02 -10.88
CA LEU A 11 -19.70 24.26 -9.89
C LEU A 11 -19.21 24.93 -8.58
N LEU A 12 -17.89 25.04 -8.42
CA LEU A 12 -17.30 25.51 -7.17
C LEU A 12 -15.87 26.00 -7.48
N LYS A 13 -15.52 27.20 -7.05
CA LYS A 13 -14.23 27.80 -7.40
C LYS A 13 -13.10 27.25 -6.55
N GLU A 15 -11.32 28.00 -3.72
CA GLU A 15 -9.86 27.87 -3.76
C GLU A 15 -9.43 26.45 -3.43
N GLN A 16 -8.31 26.28 -2.73
CA GLN A 16 -7.83 24.94 -2.35
C GLN A 16 -6.85 24.98 -1.17
N VAL A 17 -7.35 24.66 0.03
CA VAL A 17 -6.55 24.73 1.27
C VAL A 17 -6.24 23.31 1.76
N PRO A 18 -4.95 22.95 1.89
CA PRO A 18 -4.60 21.54 2.14
C PRO A 18 -4.78 21.12 3.59
N GLN A 19 -5.14 19.86 3.78
CA GLN A 19 -5.47 19.34 5.09
C GLN A 19 -4.38 18.48 5.67
N ASN A 20 -3.47 17.96 4.84
CA ASN A 20 -2.41 17.09 5.31
C ASN A 20 -1.11 17.41 4.60
N LYS A 21 -0.70 18.66 4.72
CA LYS A 21 0.49 19.16 4.00
C LYS A 21 1.78 18.97 4.82
N ILE A 22 2.80 18.46 4.15
CA ILE A 22 4.14 18.24 4.71
C ILE A 22 5.10 19.13 3.91
N THR A 23 6.04 19.77 4.61
CA THR A 23 7.11 20.56 3.97
C THR A 23 8.46 19.89 4.28
N VAL A 24 9.27 19.66 3.26
CA VAL A 24 10.66 19.33 3.46
C VAL A 24 11.55 20.54 3.14
N VAL A 25 12.36 20.93 4.10
CA VAL A 25 13.34 22.01 3.92
C VAL A 25 14.68 21.31 3.66
N GLY A 26 15.22 21.55 2.47
CA GLY A 26 16.45 20.96 2.03
C GLY A 26 16.17 19.97 0.95
N VAL A 27 16.76 20.18 -0.24
CA VAL A 27 16.60 19.24 -1.36
C VAL A 27 17.94 18.59 -1.73
N GLY A 28 18.83 18.48 -0.74
CA GLY A 28 19.95 17.55 -0.89
C GLY A 28 19.46 16.11 -0.93
N ALA A 29 20.38 15.12 -0.97
CA ALA A 29 20.01 13.72 -1.13
C ALA A 29 19.11 13.23 0.00
N VAL A 30 19.35 13.70 1.21
CA VAL A 30 18.49 13.36 2.34
C VAL A 30 17.08 13.93 2.17
N GLY A 31 16.96 15.19 1.80
CA GLY A 31 15.63 15.81 1.72
C GLY A 31 14.82 15.17 0.63
N MET A 32 15.48 14.79 -0.47
CA MET A 32 14.80 14.18 -1.61
C MET A 32 14.41 12.70 -1.34
N ALA A 33 15.18 12.02 -0.51
CA ALA A 33 14.86 10.65 -0.05
C ALA A 33 13.65 10.71 0.84
N CYS A 34 13.66 11.67 1.76
CA CYS A 34 12.47 11.94 2.56
C CYS A 34 11.24 12.20 1.65
N ALA A 35 11.37 13.14 0.73
CA ALA A 35 10.30 13.49 -0.19
C ALA A 35 9.71 12.29 -0.92
N ILE A 36 10.56 11.49 -1.59
CA ILE A 36 10.08 10.39 -2.39
C ILE A 36 9.38 9.34 -1.47
N SER A 37 10.00 9.06 -0.32
CA SER A 37 9.45 8.11 0.65
C SER A 37 8.08 8.55 1.16
N ILE A 38 7.96 9.84 1.44
CA ILE A 38 6.68 10.44 1.89
C ILE A 38 5.62 10.35 0.78
N LEU A 39 6.03 10.65 -0.45
CA LEU A 39 5.09 10.55 -1.57
C LEU A 39 4.61 9.11 -1.81
N MET A 40 5.53 8.17 -1.63
CA MET A 40 5.23 6.80 -1.89
C MET A 40 4.52 6.10 -0.75
N LYS A 41 4.42 6.73 0.42
CA LYS A 41 3.58 6.23 1.52
C LYS A 41 2.22 6.95 1.62
N ASP A 42 1.93 7.86 0.68
CA ASP A 42 0.64 8.56 0.62
C ASP A 42 0.25 9.27 1.91
N LEU A 43 1.19 10.03 2.47
CA LEU A 43 1.03 10.63 3.76
C LEU A 43 0.53 12.07 3.68
N ALA A 44 0.62 12.67 2.50
CA ALA A 44 0.34 14.07 2.32
C ALA A 44 -0.53 14.34 1.11
N ASP A 45 -1.38 15.37 1.21
CA ASP A 45 -2.10 15.84 0.04
C ASP A 45 -1.42 16.98 -0.66
N GLU A 46 -0.34 17.47 -0.06
CA GLU A 46 0.45 18.55 -0.64
C GLU A 46 1.84 18.44 -0.05
N LEU A 47 2.84 18.38 -0.91
CA LEU A 47 4.20 18.45 -0.46
C LEU A 47 4.86 19.73 -0.97
N ALA A 48 5.64 20.37 -0.11
CA ALA A 48 6.32 21.63 -0.40
C ALA A 48 7.78 21.42 -0.11
N LEU A 49 8.62 21.94 -0.99
CA LEU A 49 10.07 21.86 -0.88
C LEU A 49 10.65 23.24 -0.83
N VAL A 50 11.66 23.39 0.01
CA VAL A 50 12.36 24.65 0.14
C VAL A 50 13.86 24.43 0.12
N ASP A 51 14.59 25.32 -0.54
CA ASP A 51 16.04 25.32 -0.49
C ASP A 51 16.51 26.71 -0.95
N VAL A 52 17.81 26.94 -0.98
CA VAL A 52 18.36 28.27 -1.40
C VAL A 52 18.92 28.32 -2.82
N ILE A 53 19.14 27.15 -3.42
CA ILE A 53 19.59 27.06 -4.78
C ILE A 53 18.38 26.83 -5.70
N GLU A 54 18.03 27.86 -6.47
CA GLU A 54 16.75 27.96 -7.20
C GLU A 54 16.53 26.92 -8.31
N ASP A 55 17.53 26.76 -9.16
CA ASP A 55 17.46 25.79 -10.27
C ASP A 55 17.30 24.35 -9.76
N LYS A 56 18.17 23.97 -8.85
CA LYS A 56 18.15 22.66 -8.21
C LYS A 56 16.75 22.37 -7.71
N LEU A 57 16.21 23.33 -6.94
CA LEU A 57 14.94 23.24 -6.28
C LEU A 57 13.82 23.09 -7.28
N LYS A 58 13.82 23.91 -8.33
CA LYS A 58 12.80 23.83 -9.38
C LYS A 58 12.90 22.53 -10.13
N GLY A 59 14.11 22.09 -10.44
CA GLY A 59 14.30 20.83 -11.18
C GLY A 59 13.86 19.60 -10.38
N GLU A 60 14.14 19.58 -9.09
CA GLU A 60 13.69 18.46 -8.27
C GLU A 60 12.19 18.42 -8.23
N MET A 61 11.55 19.58 -8.00
CA MET A 61 10.12 19.70 -8.01
C MET A 61 9.47 19.17 -9.28
N MET A 62 9.94 19.65 -10.42
CA MET A 62 9.43 19.24 -11.72
C MET A 62 9.60 17.73 -11.94
N ASP A 63 10.75 17.19 -11.54
CA ASP A 63 11.04 15.72 -11.71
C ASP A 63 9.97 14.92 -10.96
N LEU A 64 9.63 15.38 -9.74
CA LEU A 64 8.62 14.70 -8.91
C LEU A 64 7.24 14.84 -9.59
N GLN A 65 6.97 16.03 -10.09
CA GLN A 65 5.68 16.34 -10.72
C GLN A 65 5.48 15.43 -11.94
N HIS A 66 6.54 15.20 -12.69
CA HIS A 66 6.40 14.30 -13.82
C HIS A 66 5.92 12.93 -13.45
N GLY A 67 6.23 12.46 -12.24
CA GLY A 67 5.69 11.15 -11.79
C GLY A 67 4.30 11.08 -11.16
N SER A 68 3.60 12.24 -11.17
CA SER A 68 2.34 12.43 -10.51
C SER A 68 1.30 11.37 -10.88
N LEU A 69 1.37 10.88 -12.11
CA LEU A 69 0.49 9.78 -12.58
C LEU A 69 0.61 8.55 -11.68
N PHE A 70 1.76 8.39 -11.04
CA PHE A 70 2.05 7.18 -10.26
C PHE A 70 1.94 7.40 -8.79
N LEU A 71 1.44 8.56 -8.39
CA LEU A 71 1.36 8.97 -7.00
C LEU A 71 -0.07 9.35 -6.67
N LYS A 72 -0.31 9.67 -5.40
CA LYS A 72 -1.62 10.08 -4.91
C LYS A 72 -1.45 11.31 -4.04
N THR A 73 -0.52 12.20 -4.43
CA THR A 73 -0.32 13.48 -3.79
C THR A 73 -0.49 14.53 -4.89
N PRO A 74 -1.65 15.19 -4.91
CA PRO A 74 -2.04 16.00 -6.04
C PRO A 74 -1.40 17.39 -6.15
N LYS A 75 -0.57 17.80 -5.20
CA LYS A 75 0.08 19.06 -5.31
C LYS A 75 1.47 19.00 -4.72
N ILE A 76 2.47 19.29 -5.55
CA ILE A 76 3.87 19.34 -5.17
C ILE A 76 4.29 20.75 -5.55
N VAL A 77 4.85 21.51 -4.61
CA VAL A 77 5.22 22.90 -4.89
C VAL A 77 6.63 23.12 -4.38
N SER A 78 7.27 24.19 -4.85
CA SER A 78 8.59 24.57 -4.33
C SER A 78 8.82 26.06 -4.42
N SER A 79 9.61 26.61 -3.49
CA SER A 79 10.09 27.98 -3.55
C SER A 79 11.22 28.15 -2.54
N LYS A 80 12.07 29.15 -2.78
CA LYS A 80 12.97 29.64 -1.73
C LYS A 80 12.18 30.43 -0.67
N ASP A 81 10.99 30.90 -1.04
CA ASP A 81 10.11 31.73 -0.17
C ASP A 81 9.23 30.83 0.69
N TYR A 82 9.17 31.12 2.01
CA TYR A 82 8.54 30.19 2.97
C TYR A 82 7.03 30.28 3.00
N SER A 83 6.48 31.25 2.27
CA SER A 83 5.03 31.33 2.04
C SER A 83 4.51 30.07 1.39
N VAL A 84 5.38 29.35 0.67
CA VAL A 84 5.01 28.08 0.05
C VAL A 84 4.73 26.98 1.09
N THR A 85 5.21 27.16 2.32
CA THR A 85 5.12 26.18 3.41
C THR A 85 3.90 26.36 4.30
N ALA A 86 3.11 27.42 4.05
CA ALA A 86 2.00 27.77 4.92
C ALA A 86 1.02 26.61 5.11
N ASN A 87 0.46 26.55 6.31
CA ASN A 87 -0.48 25.50 6.71
C ASN A 87 0.10 24.09 6.63
N SER A 88 1.38 23.95 6.92
CA SER A 88 1.98 22.62 7.02
C SER A 88 1.59 22.00 8.37
N LYS A 89 1.22 20.72 8.36
CA LYS A 89 1.05 19.94 9.61
C LYS A 89 2.41 19.51 10.17
N LEU A 90 3.34 19.25 9.26
CA LEU A 90 4.65 18.72 9.59
C LEU A 90 5.70 19.36 8.69
N VAL A 91 6.73 19.96 9.28
CA VAL A 91 7.83 20.54 8.53
C VAL A 91 9.11 19.80 8.94
N ILE A 92 9.74 19.14 7.96
CA ILE A 92 10.93 18.34 8.19
C ILE A 92 12.11 19.24 7.79
N ILE A 93 13.11 19.42 8.65
CA ILE A 93 14.30 20.24 8.36
C ILE A 93 15.48 19.26 8.10
N THR A 94 15.95 19.26 6.87
CA THR A 94 17.08 18.43 6.49
C THR A 94 18.28 19.29 6.03
N ALA A 95 18.15 20.62 6.13
CA ALA A 95 19.22 21.56 5.69
C ALA A 95 20.45 21.54 6.60
N GLY A 96 21.59 21.97 6.03
CA GLY A 96 22.80 22.15 6.80
C GLY A 96 24.00 21.40 6.26
N ALA A 97 25.16 21.71 6.83
CA ALA A 97 26.41 21.01 6.45
C ALA A 97 26.34 19.54 6.87
N ARG A 98 26.95 18.67 6.07
CA ARG A 98 27.03 17.27 6.45
C ARG A 98 28.47 16.84 6.72
N GLN A 99 28.65 15.79 7.52
CA GLN A 99 30.03 15.47 7.91
C GLN A 99 30.80 14.79 6.81
N GLN A 100 32.06 15.15 6.74
CA GLN A 100 33.03 14.55 5.88
C GLN A 100 33.37 13.17 6.37
N GLU A 101 33.96 12.40 5.47
CA GLU A 101 34.53 11.10 5.79
C GLU A 101 35.56 11.28 6.91
N GLY A 102 35.33 10.62 8.04
CA GLY A 102 36.25 10.65 9.17
C GLY A 102 36.04 11.78 10.16
N GLU A 103 34.90 12.45 10.05
CA GLU A 103 34.61 13.63 10.88
C GLU A 103 33.30 13.48 11.70
N SER A 104 33.35 13.86 12.97
CA SER A 104 32.18 13.77 13.83
C SER A 104 31.06 14.72 13.40
N ARG A 105 29.83 14.33 13.67
CA ARG A 105 28.65 15.18 13.46
C ARG A 105 28.72 16.45 14.33
N LEU A 106 29.35 16.31 15.50
CA LEU A 106 29.50 17.43 16.46
C LEU A 106 30.26 18.59 15.85
N ASN A 107 31.02 18.29 14.82
CA ASN A 107 31.84 19.27 14.13
C ASN A 107 31.04 20.17 13.20
N LEU A 108 29.74 19.86 12.99
CA LEU A 108 28.84 20.64 12.13
C LEU A 108 28.03 21.70 12.92
N VAL A 109 28.19 21.71 14.23
CA VAL A 109 27.21 22.33 15.13
C VAL A 109 26.99 23.84 14.90
N GLN A 110 28.06 24.62 14.88
N GLN A 110 28.06 24.64 14.90
CA GLN A 110 27.94 26.05 14.77
CA GLN A 110 27.94 26.10 14.76
C GLN A 110 27.41 26.48 13.40
C GLN A 110 27.39 26.48 13.39
N ARG A 111 27.85 25.83 12.33
CA ARG A 111 27.38 26.14 10.97
C ARG A 111 25.87 25.90 10.78
N ASN A 112 25.38 24.82 11.36
CA ASN A 112 23.95 24.47 11.27
C ASN A 112 23.05 25.29 12.22
N VAL A 113 23.59 25.68 13.37
CA VAL A 113 22.87 26.57 14.27
C VAL A 113 22.62 27.90 13.56
N ASN A 114 23.62 28.47 12.89
CA ASN A 114 23.44 29.75 12.17
C ASN A 114 22.40 29.61 11.04
N ILE A 115 22.42 28.50 10.35
CA ILE A 115 21.39 28.25 9.34
C ILE A 115 20.00 28.19 9.99
N PHE A 116 19.88 27.45 11.08
CA PHE A 116 18.62 27.34 11.81
C PHE A 116 18.11 28.72 12.31
N LYS A 117 19.01 29.64 12.65
CA LYS A 117 18.63 31.02 13.02
C LYS A 117 17.81 31.69 11.91
N PHE A 118 18.01 31.24 10.65
CA PHE A 118 17.21 31.70 9.50
C PHE A 118 15.98 30.82 9.18
N ILE A 119 16.17 29.52 9.12
CA ILE A 119 15.09 28.63 8.75
C ILE A 119 13.95 28.71 9.73
N ILE A 120 14.22 28.52 11.02
CA ILE A 120 13.16 28.26 11.98
C ILE A 120 12.13 29.40 12.18
N PRO A 121 12.56 30.67 12.23
CA PRO A 121 11.53 31.71 12.34
C PRO A 121 10.66 31.74 11.10
N ASN A 122 11.24 31.40 9.94
CA ASN A 122 10.50 31.47 8.69
C ASN A 122 9.47 30.37 8.61
N VAL A 123 9.82 29.21 9.16
CA VAL A 123 8.88 28.08 9.25
C VAL A 123 7.74 28.43 10.21
N VAL A 124 8.08 28.91 11.38
CA VAL A 124 7.11 29.27 12.41
C VAL A 124 6.14 30.35 11.91
N LYS A 125 6.65 31.30 11.16
CA LYS A 125 5.86 32.40 10.68
C LYS A 125 4.67 31.89 9.87
N TYR A 126 4.92 30.89 9.01
CA TYR A 126 3.91 30.42 8.08
C TYR A 126 3.13 29.18 8.53
N SER A 127 3.68 28.42 9.48
CA SER A 127 2.94 27.34 10.09
C SER A 127 3.17 27.35 11.60
N PRO A 128 2.46 28.26 12.35
CA PRO A 128 2.76 28.38 13.78
C PRO A 128 2.34 27.18 14.60
N GLN A 129 1.53 26.30 14.02
CA GLN A 129 0.99 25.16 14.71
C GLN A 129 1.50 23.83 14.21
N CYS A 130 2.53 23.83 13.38
CA CYS A 130 3.06 22.60 12.83
C CYS A 130 3.87 21.84 13.85
N LYS A 131 4.17 20.59 13.50
CA LYS A 131 5.16 19.81 14.25
C LYS A 131 6.43 19.97 13.46
N LEU A 132 7.51 20.29 14.15
CA LEU A 132 8.85 20.30 13.56
C LEU A 132 9.57 18.95 13.73
N LEU A 133 10.06 18.41 12.63
CA LEU A 133 10.90 17.19 12.66
C LEU A 133 12.31 17.55 12.17
N ILE A 134 13.26 17.55 13.11
CA ILE A 134 14.63 17.92 12.84
C ILE A 134 15.42 16.66 12.46
N VAL A 135 16.07 16.73 11.30
CA VAL A 135 16.92 15.64 10.78
C VAL A 135 18.38 16.07 10.69
N SER A 136 18.62 17.34 10.41
CA SER A 136 19.97 17.91 10.30
C SER A 136 20.87 17.55 11.51
N ASN A 137 22.16 17.31 11.27
CA ASN A 137 23.11 17.01 12.38
C ASN A 137 23.95 18.17 12.96
N PRO A 138 24.35 18.07 14.24
CA PRO A 138 24.03 17.02 15.22
C PRO A 138 22.58 17.12 15.71
N VAL A 139 21.78 16.13 15.34
CA VAL A 139 20.34 16.23 15.50
C VAL A 139 19.84 16.61 16.91
N ASP A 140 20.48 16.06 17.95
CA ASP A 140 20.04 16.30 19.32
C ASP A 140 20.19 17.75 19.72
N ILE A 141 21.32 18.34 19.39
CA ILE A 141 21.54 19.75 19.70
C ILE A 141 20.67 20.64 18.82
N LEU A 142 20.55 20.28 17.56
CA LEU A 142 19.73 21.03 16.63
C LEU A 142 18.24 20.99 16.94
N THR A 143 17.76 19.92 17.61
CA THR A 143 16.40 19.89 18.07
C THR A 143 16.18 20.86 19.27
N TYR A 144 17.14 20.85 20.22
CA TYR A 144 17.15 21.86 21.29
C TYR A 144 17.10 23.29 20.70
N VAL A 145 17.96 23.56 19.73
CA VAL A 145 18.05 24.87 19.10
C VAL A 145 16.74 25.24 18.41
N ALA A 146 16.22 24.32 17.60
CA ALA A 146 14.91 24.53 16.97
C ALA A 146 13.83 24.87 18.00
N TRP A 147 13.87 24.18 19.14
CA TRP A 147 12.87 24.38 20.17
C TRP A 147 12.99 25.75 20.76
N LYS A 148 14.21 26.16 21.12
CA LYS A 148 14.44 27.52 21.65
C LYS A 148 14.07 28.60 20.60
N ILE A 149 14.50 28.43 19.35
CA ILE A 149 14.21 29.46 18.34
C ILE A 149 12.70 29.52 18.05
N SER A 150 12.05 28.37 17.77
CA SER A 150 10.60 28.34 17.47
C SER A 150 9.71 28.94 18.58
N GLY A 151 10.03 28.65 19.83
CA GLY A 151 9.17 28.94 20.97
C GLY A 151 8.03 27.94 21.13
N PHE A 152 8.03 26.87 20.34
CA PHE A 152 7.00 25.82 20.42
C PHE A 152 7.08 25.07 21.73
N PRO A 153 5.94 24.49 22.18
CA PRO A 153 6.07 23.57 23.30
C PRO A 153 6.85 22.34 22.84
N LYS A 154 7.54 21.70 23.79
CA LYS A 154 8.48 20.64 23.50
C LYS A 154 7.89 19.46 22.73
N ASN A 155 6.61 19.20 22.94
CA ASN A 155 5.97 18.07 22.26
C ASN A 155 6.08 18.17 20.74
N ARG A 156 6.10 19.39 20.22
CA ARG A 156 6.02 19.61 18.79
C ARG A 156 7.37 19.80 18.06
N VAL A 157 8.48 19.61 18.77
CA VAL A 157 9.81 19.71 18.21
C VAL A 157 10.49 18.36 18.40
N ILE A 158 10.60 17.59 17.32
CA ILE A 158 11.01 16.19 17.39
C ILE A 158 12.29 16.04 16.62
N GLY A 159 13.24 15.32 17.19
CA GLY A 159 14.46 15.02 16.44
C GLY A 159 14.42 13.61 15.92
N SER A 160 14.86 13.39 14.67
CA SER A 160 14.90 12.02 14.12
C SER A 160 15.75 11.04 14.96
N GLY A 161 16.73 11.57 15.68
CA GLY A 161 17.48 10.82 16.67
C GLY A 161 18.04 9.47 16.25
N CYS A 162 17.69 8.47 17.07
CA CYS A 162 18.19 7.11 16.99
C CYS A 162 17.15 6.16 16.35
N ASN A 163 16.15 6.74 15.69
CA ASN A 163 15.19 5.92 15.02
C ASN A 163 15.95 5.06 14.02
N LEU A 164 16.86 5.67 13.26
CA LEU A 164 17.67 4.98 12.23
C LEU A 164 18.69 4.03 12.84
N ASP A 165 19.35 4.52 13.87
CA ASP A 165 20.31 3.74 14.64
C ASP A 165 19.70 2.43 15.11
N SER A 166 18.51 2.52 15.70
CA SER A 166 17.76 1.34 16.13
C SER A 166 17.36 0.44 14.97
N ALA A 167 16.96 1.03 13.83
CA ALA A 167 16.59 0.23 12.66
C ALA A 167 17.79 -0.54 12.12
N ARG A 168 18.95 0.13 12.05
CA ARG A 168 20.20 -0.51 11.69
C ARG A 168 20.57 -1.65 12.67
N PHE A 169 20.34 -1.39 13.96
CA PHE A 169 20.61 -2.41 14.97
C PHE A 169 19.75 -3.63 14.72
N ARG A 170 18.47 -3.40 14.45
CA ARG A 170 17.52 -4.48 14.18
C ARG A 170 17.83 -5.19 12.82
N TYR A 171 18.34 -4.45 11.83
CA TYR A 171 18.79 -5.05 10.58
C TYR A 171 19.94 -6.05 10.82
N LEU A 172 20.97 -5.57 11.54
CA LEU A 172 22.16 -6.36 11.85
C LEU A 172 21.82 -7.59 12.73
N MET A 173 20.98 -7.36 13.75
CA MET A 173 20.53 -8.43 14.63
C MET A 173 19.74 -9.43 13.80
N GLY A 174 18.85 -8.92 12.94
CA GLY A 174 18.12 -9.76 12.00
C GLY A 174 19.00 -10.65 11.12
N GLU A 175 20.07 -10.08 10.58
CA GLU A 175 20.98 -10.82 9.70
C GLU A 175 21.72 -11.91 10.50
N ARG A 176 22.06 -11.61 11.74
CA ARG A 176 22.74 -12.57 12.60
C ARG A 176 21.82 -13.76 12.91
N LEU A 177 20.56 -13.49 13.20
CA LEU A 177 19.63 -14.48 13.70
C LEU A 177 18.87 -15.21 12.59
N GLY A 178 18.82 -14.60 11.39
CA GLY A 178 18.02 -15.13 10.27
C GLY A 178 16.54 -14.90 10.42
N VAL A 179 16.19 -13.74 10.98
CA VAL A 179 14.83 -13.34 11.29
C VAL A 179 14.66 -11.93 10.69
N HIS A 180 13.46 -11.61 10.27
CA HIS A 180 13.17 -10.24 9.77
C HIS A 180 13.35 -9.21 10.86
N PRO A 181 13.90 -8.03 10.53
CA PRO A 181 14.07 -6.98 11.56
C PRO A 181 12.79 -6.61 12.34
N LEU A 182 11.65 -6.67 11.70
CA LEU A 182 10.36 -6.41 12.38
C LEU A 182 10.20 -7.33 13.62
N SER A 183 10.83 -8.50 13.59
CA SER A 183 10.69 -9.46 14.69
C SER A 183 11.88 -9.43 15.62
N CYS A 184 12.89 -8.63 15.31
CA CYS A 184 14.07 -8.48 16.17
C CYS A 184 13.98 -7.13 16.88
N HIS A 185 13.96 -7.15 18.20
CA HIS A 185 13.76 -5.93 18.96
C HIS A 185 14.99 -5.61 19.72
N GLY A 186 15.26 -4.31 19.76
CA GLY A 186 16.45 -3.77 20.37
C GLY A 186 16.49 -2.27 20.23
N TRP A 187 16.99 -1.58 21.25
CA TRP A 187 16.91 -0.13 21.31
C TRP A 187 18.26 0.49 21.43
N VAL A 188 18.53 1.48 20.57
CA VAL A 188 19.73 2.33 20.68
C VAL A 188 19.28 3.73 21.12
N LEU A 189 19.72 4.17 22.30
CA LEU A 189 19.27 5.45 22.86
C LEU A 189 20.41 6.46 22.94
N GLY A 190 20.12 7.66 23.46
CA GLY A 190 21.14 8.71 23.67
C GLY A 190 21.37 9.61 22.45
N GLU A 191 22.63 10.00 22.25
CA GLU A 191 23.08 10.73 21.05
C GLU A 191 23.02 9.92 19.78
N HIS A 192 22.52 10.52 18.71
CA HIS A 192 22.70 9.95 17.37
C HIS A 192 24.13 10.22 16.96
N GLY A 193 25.01 9.27 17.25
CA GLY A 193 26.44 9.37 16.94
C GLY A 193 27.24 8.42 17.81
N ASP A 194 28.46 8.81 18.13
CA ASP A 194 29.45 7.91 18.70
C ASP A 194 29.11 7.44 20.11
N SER A 195 28.38 8.25 20.89
CA SER A 195 28.07 7.92 22.27
C SER A 195 26.68 7.31 22.50
N SER A 196 26.06 6.78 21.43
CA SER A 196 24.77 6.08 21.54
C SER A 196 24.89 4.84 22.43
N VAL A 197 23.80 4.45 23.08
CA VAL A 197 23.77 3.38 24.07
C VAL A 197 22.88 2.22 23.62
N PRO A 198 23.47 1.06 23.26
CA PRO A 198 22.69 -0.14 23.02
C PRO A 198 22.16 -0.70 24.34
N VAL A 199 20.85 -0.84 24.45
CA VAL A 199 20.26 -1.37 25.67
C VAL A 199 20.13 -2.88 25.58
N TRP A 200 21.23 -3.57 25.87
CA TRP A 200 21.28 -5.04 25.78
C TRP A 200 20.24 -5.74 26.63
N SER A 201 19.79 -5.07 27.69
CA SER A 201 18.74 -5.64 28.54
C SER A 201 17.43 -5.89 27.80
N GLY A 202 17.15 -5.07 26.80
CA GLY A 202 15.85 -5.09 26.11
C GLY A 202 15.89 -5.85 24.82
N VAL A 203 17.07 -6.34 24.46
CA VAL A 203 17.26 -7.03 23.18
C VAL A 203 16.61 -8.40 23.26
N ASN A 204 15.73 -8.69 22.30
CA ASN A 204 14.88 -9.88 22.34
C ASN A 204 14.21 -10.26 21.03
N VAL A 205 13.85 -11.54 20.96
CA VAL A 205 13.01 -12.08 19.90
C VAL A 205 11.84 -12.84 20.54
N ALA A 206 10.64 -12.52 20.10
CA ALA A 206 9.43 -13.09 20.65
C ALA A 206 9.37 -13.01 22.18
N GLY A 207 9.95 -11.95 22.75
CA GLY A 207 9.88 -11.73 24.19
C GLY A 207 10.96 -12.46 24.99
N VAL A 208 11.86 -13.13 24.28
CA VAL A 208 12.96 -13.87 24.88
C VAL A 208 14.20 -12.98 24.90
N SER A 209 14.61 -12.62 26.12
CA SER A 209 15.76 -11.78 26.37
C SER A 209 17.05 -12.46 25.93
N LEU A 210 17.71 -11.91 24.91
CA LEU A 210 19.02 -12.42 24.48
C LEU A 210 20.04 -12.41 25.63
N LYS A 211 19.90 -11.44 26.55
CA LYS A 211 20.80 -11.33 27.69
C LYS A 211 20.61 -12.48 28.71
N SER A 212 19.39 -13.02 28.81
CA SER A 212 19.14 -14.14 29.69
C SER A 212 19.84 -15.39 29.15
N LEU A 213 20.00 -15.49 27.83
CA LEU A 213 20.67 -16.64 27.23
C LEU A 213 22.18 -16.48 27.23
N ASN A 214 22.64 -15.23 27.37
CA ASN A 214 24.07 -14.91 27.36
C ASN A 214 24.26 -13.69 28.26
N PRO A 215 24.50 -13.91 29.56
CA PRO A 215 24.68 -12.79 30.50
C PRO A 215 25.79 -11.83 30.12
N GLN A 216 26.76 -12.29 29.33
CA GLN A 216 27.85 -11.46 28.85
C GLN A 216 27.50 -10.59 27.62
N LEU A 217 26.27 -10.69 27.11
CA LEU A 217 25.85 -9.99 25.88
C LEU A 217 26.24 -8.51 25.85
N GLY A 218 26.99 -8.11 24.84
CA GLY A 218 27.37 -6.69 24.67
C GLY A 218 28.63 -6.22 25.36
N THR A 219 29.10 -6.97 26.38
CA THR A 219 30.31 -6.59 27.11
C THR A 219 31.54 -7.17 26.41
N ASP A 220 32.73 -6.83 26.92
CA ASP A 220 33.98 -7.37 26.32
C ASP A 220 34.10 -8.89 26.49
N ALA A 221 33.56 -9.40 27.60
CA ALA A 221 33.44 -10.85 27.88
C ALA A 221 32.56 -11.66 26.90
N ASP A 222 31.83 -11.01 25.99
CA ASP A 222 30.93 -11.69 25.06
C ASP A 222 31.72 -12.47 24.01
N LYS A 223 31.65 -13.80 24.05
CA LYS A 223 32.34 -14.64 23.09
C LYS A 223 31.83 -14.40 21.66
N GLU A 224 30.53 -14.14 21.52
CA GLU A 224 29.92 -13.81 20.22
C GLU A 224 30.17 -12.33 19.80
N GLN A 225 30.69 -11.53 20.72
CA GLN A 225 31.09 -10.14 20.47
C GLN A 225 29.96 -9.25 19.95
N TRP A 226 28.79 -9.33 20.58
CA TRP A 226 27.66 -8.53 20.12
C TRP A 226 27.90 -7.04 20.20
N LYS A 227 28.85 -6.59 21.03
CA LYS A 227 29.23 -5.16 21.05
C LYS A 227 29.51 -4.61 19.63
N ASP A 228 30.09 -5.44 18.75
CA ASP A 228 30.44 -5.06 17.37
C ASP A 228 29.21 -4.68 16.56
N VAL A 229 28.08 -5.29 16.90
CA VAL A 229 26.83 -4.90 16.30
C VAL A 229 26.57 -3.42 16.59
N HIS A 230 26.73 -3.00 17.84
CA HIS A 230 26.55 -1.58 18.14
C HIS A 230 27.65 -0.73 17.54
N LYS A 231 28.86 -1.27 17.46
CA LYS A 231 29.96 -0.53 16.84
C LYS A 231 29.62 -0.32 15.35
N GLN A 232 29.06 -1.35 14.71
CA GLN A 232 28.64 -1.24 13.30
C GLN A 232 27.52 -0.20 13.12
N VAL A 233 26.62 -0.13 14.08
CA VAL A 233 25.56 0.89 14.07
C VAL A 233 26.24 2.28 14.12
N VAL A 234 27.16 2.47 15.08
CA VAL A 234 27.87 3.75 15.26
C VAL A 234 28.63 4.15 14.00
N ASP A 235 29.29 3.20 13.35
CA ASP A 235 30.12 3.43 12.17
C ASP A 235 29.35 3.47 10.85
N SER A 236 28.07 3.13 10.86
N SER A 236 28.06 3.13 10.87
CA SER A 236 27.31 2.94 9.62
CA SER A 236 27.28 2.95 9.66
C SER A 236 27.43 4.13 8.67
C SER A 236 27.40 4.12 8.67
N ALA A 237 27.09 5.33 9.12
CA ALA A 237 27.24 6.54 8.30
C ALA A 237 28.62 6.69 7.72
N TYR A 238 29.62 6.50 8.57
N TYR A 238 29.64 6.54 8.57
CA TYR A 238 31.02 6.64 8.19
CA TYR A 238 31.04 6.66 8.14
C TYR A 238 31.36 5.71 7.02
C TYR A 238 31.33 5.71 6.97
N GLU A 239 30.95 4.44 7.12
CA GLU A 239 31.18 3.43 6.07
C GLU A 239 30.46 3.81 4.77
N VAL A 240 29.19 4.20 4.87
CA VAL A 240 28.38 4.54 3.69
C VAL A 240 28.95 5.80 3.02
N ILE A 241 29.25 6.81 3.85
CA ILE A 241 29.97 8.02 3.37
C ILE A 241 31.26 7.66 2.57
N LYS A 242 32.06 6.76 3.10
CA LYS A 242 33.32 6.33 2.50
C LYS A 242 33.10 5.67 1.13
N LEU A 243 32.04 4.87 1.02
CA LEU A 243 31.74 4.07 -0.17
C LEU A 243 31.03 4.86 -1.27
N LYS A 244 29.99 5.60 -0.89
CA LYS A 244 29.17 6.36 -1.86
C LYS A 244 29.19 7.88 -1.68
N GLY A 245 29.89 8.37 -0.67
CA GLY A 245 30.01 9.83 -0.47
C GLY A 245 29.01 10.47 0.49
N TYR A 246 27.90 9.79 0.76
CA TYR A 246 26.85 10.32 1.62
C TYR A 246 25.83 9.22 1.96
N THR A 247 24.91 9.49 2.87
CA THR A 247 23.78 8.60 3.09
C THR A 247 22.47 9.31 2.73
N SER A 248 21.46 8.55 2.32
CA SER A 248 20.18 9.15 1.94
C SER A 248 18.97 8.20 2.15
N TRP A 249 19.02 7.01 1.61
CA TRP A 249 17.87 6.09 1.57
C TRP A 249 17.34 5.64 2.90
N ALA A 250 18.19 5.16 3.81
CA ALA A 250 17.74 4.66 5.10
C ALA A 250 17.15 5.82 5.95
N ILE A 251 17.75 7.00 5.86
CA ILE A 251 17.28 8.11 6.70
C ILE A 251 15.96 8.57 6.10
N GLY A 252 15.83 8.52 4.79
CA GLY A 252 14.56 8.88 4.14
C GLY A 252 13.43 7.96 4.58
N LEU A 253 13.73 6.66 4.64
CA LEU A 253 12.74 5.69 5.15
C LEU A 253 12.44 5.91 6.64
N SER A 254 13.49 6.24 7.39
CA SER A 254 13.37 6.40 8.82
C SER A 254 12.49 7.63 9.11
N VAL A 255 12.69 8.69 8.35
CA VAL A 255 11.94 9.93 8.53
C VAL A 255 10.48 9.76 8.09
N ALA A 256 10.28 9.09 6.98
CA ALA A 256 8.94 8.77 6.51
C ALA A 256 8.21 7.87 7.51
N ASP A 257 8.95 7.09 8.30
CA ASP A 257 8.33 6.25 9.34
C ASP A 257 7.78 7.16 10.47
N LEU A 258 8.58 8.12 10.91
CA LEU A 258 8.15 9.06 11.94
C LEU A 258 7.04 9.97 11.47
N ALA A 259 7.11 10.38 10.19
CA ALA A 259 6.05 11.21 9.59
C ALA A 259 4.76 10.40 9.53
N GLU A 260 4.86 9.11 9.22
CA GLU A 260 3.65 8.25 9.29
C GLU A 260 3.00 8.21 10.67
N SER A 261 3.78 8.06 11.75
CA SER A 261 3.20 8.09 13.10
C SER A 261 2.51 9.42 13.42
N ILE A 262 3.11 10.54 13.00
CA ILE A 262 2.59 11.89 13.28
C ILE A 262 1.32 12.14 12.48
N MET A 263 1.36 11.88 11.18
CA MET A 263 0.25 12.23 10.28
C MET A 263 -0.98 11.37 10.53
N LYS A 264 -0.80 10.16 11.02
CA LYS A 264 -1.90 9.18 11.23
C LYS A 264 -2.21 8.91 12.71
N ASN A 265 -1.54 9.64 13.58
CA ASN A 265 -1.79 9.64 15.04
C ASN A 265 -1.63 8.25 15.64
N LEU A 266 -0.65 7.50 15.13
CA LEU A 266 -0.54 6.10 15.44
C LEU A 266 -0.20 5.85 16.91
N ARG A 267 0.59 6.72 17.54
CA ARG A 267 1.04 6.52 18.93
C ARG A 267 1.87 5.23 19.07
N ARG A 268 2.71 4.99 18.07
CA ARG A 268 3.80 4.03 18.18
C ARG A 268 4.93 4.63 18.98
N VAL A 269 5.82 3.76 19.47
CA VAL A 269 6.97 4.17 20.25
C VAL A 269 8.22 4.16 19.34
N HIS A 270 8.98 5.24 19.34
CA HIS A 270 10.17 5.40 18.52
C HIS A 270 11.27 5.96 19.39
N PRO A 271 12.52 5.55 19.18
CA PRO A 271 13.62 6.19 19.87
C PRO A 271 14.09 7.46 19.14
N ILE A 272 13.57 8.61 19.58
CA ILE A 272 13.73 9.91 18.90
C ILE A 272 14.13 10.99 19.92
N SER A 273 14.74 12.09 19.44
CA SER A 273 15.19 13.16 20.34
C SER A 273 14.09 14.01 21.01
N THR A 274 14.08 14.02 22.33
CA THR A 274 13.16 14.85 23.10
C THR A 274 13.89 15.35 24.34
N MET A 275 13.28 16.27 25.07
CA MET A 275 13.94 16.79 26.27
C MET A 275 13.88 15.75 27.37
N ILE A 276 15.03 15.44 27.99
CA ILE A 276 15.05 14.41 29.04
C ILE A 276 15.43 14.96 30.43
N LYS A 277 15.10 16.24 30.68
CA LYS A 277 15.36 16.86 31.99
C LYS A 277 14.40 16.25 33.00
N GLY A 278 14.96 15.56 33.99
CA GLY A 278 14.14 14.87 34.99
C GLY A 278 14.40 13.38 35.00
N LEU A 279 14.90 12.83 33.89
CA LEU A 279 15.17 11.41 33.80
C LEU A 279 16.66 11.10 33.87
N TYR A 280 16.98 10.05 34.63
CA TYR A 280 18.35 9.53 34.78
C TYR A 280 19.35 10.55 35.34
N GLY A 281 18.89 11.34 36.32
CA GLY A 281 19.72 12.33 37.00
C GLY A 281 20.15 13.51 36.14
N ILE A 282 19.53 13.69 34.97
CA ILE A 282 19.88 14.78 34.08
C ILE A 282 19.02 16.00 34.43
N LYS A 283 19.69 17.11 34.77
CA LYS A 283 19.00 18.30 35.28
C LYS A 283 19.03 19.53 34.34
N GLU A 284 19.65 19.40 33.16
CA GLU A 284 19.69 20.49 32.16
C GLU A 284 18.68 20.30 31.02
N ASP A 285 18.56 21.32 30.15
CA ASP A 285 17.72 21.24 28.94
C ASP A 285 18.48 20.46 27.86
N VAL A 286 18.77 19.19 28.13
CA VAL A 286 19.41 18.31 27.16
C VAL A 286 18.32 17.56 26.37
N PHE A 287 18.65 17.24 25.12
CA PHE A 287 17.81 16.46 24.23
C PHE A 287 18.59 15.22 23.81
N LEU A 288 17.93 14.08 23.79
CA LEU A 288 18.52 12.86 23.22
C LEU A 288 17.40 11.82 23.06
N SER A 289 17.71 10.69 22.40
CA SER A 289 16.70 9.68 22.12
C SER A 289 16.35 8.80 23.32
N VAL A 290 15.06 8.73 23.61
CA VAL A 290 14.50 7.76 24.54
C VAL A 290 13.27 7.29 23.78
N PRO A 291 12.69 6.12 24.14
CA PRO A 291 11.45 5.68 23.45
C PRO A 291 10.26 6.60 23.76
N CYS A 292 9.71 7.22 22.71
CA CYS A 292 8.63 8.19 22.90
C CYS A 292 7.40 7.70 22.17
N ILE A 293 6.26 8.05 22.74
CA ILE A 293 5.03 7.84 22.05
C ILE A 293 4.80 9.03 21.12
N LEU A 294 4.61 8.74 19.83
CA LEU A 294 4.53 9.78 18.78
C LEU A 294 3.21 9.71 18.06
N GLY A 295 2.56 10.86 17.94
CA GLY A 295 1.24 10.94 17.35
C GLY A 295 0.98 12.31 16.77
N GLN A 296 -0.30 12.63 16.61
CA GLN A 296 -0.71 13.87 15.91
C GLN A 296 -0.19 15.13 16.62
N ASN A 297 0.06 15.04 17.92
CA ASN A 297 0.56 16.18 18.68
C ASN A 297 2.04 16.08 19.05
N GLY A 298 2.79 15.27 18.30
CA GLY A 298 4.19 15.11 18.56
C GLY A 298 4.40 14.12 19.69
N ILE A 299 5.38 14.39 20.53
CA ILE A 299 5.72 13.50 21.61
C ILE A 299 4.83 13.84 22.79
N SER A 300 3.94 12.91 23.12
CA SER A 300 3.00 13.08 24.21
C SER A 300 3.44 12.37 25.51
N ASP A 301 4.31 11.37 25.39
CA ASP A 301 4.68 10.52 26.52
C ASP A 301 6.03 9.86 26.22
N VAL A 302 6.75 9.51 27.28
CA VAL A 302 8.05 8.87 27.18
C VAL A 302 8.00 7.55 27.94
N VAL A 303 8.56 6.51 27.35
CA VAL A 303 8.71 5.26 28.06
C VAL A 303 9.98 5.32 28.94
N LYS A 304 9.80 5.00 30.23
CA LYS A 304 10.91 4.96 31.20
C LYS A 304 11.61 3.61 31.13
N VAL A 305 12.73 3.54 30.41
CA VAL A 305 13.44 2.27 30.29
C VAL A 305 14.25 2.07 31.56
N THR A 306 14.24 0.85 32.06
CA THR A 306 15.00 0.50 33.24
C THR A 306 16.42 0.19 32.79
N LEU A 307 17.34 1.06 33.16
CA LEU A 307 18.73 0.96 32.73
C LEU A 307 19.60 0.33 33.85
N THR A 308 20.44 -0.64 33.47
CA THR A 308 21.49 -1.19 34.35
C THR A 308 22.53 -0.10 34.64
N PRO A 309 23.26 -0.19 35.79
CA PRO A 309 24.22 0.88 36.09
C PRO A 309 25.20 1.16 34.94
N ASP A 310 25.62 0.12 34.24
CA ASP A 310 26.46 0.26 33.06
C ASP A 310 25.74 1.11 32.00
N GLU A 311 24.55 0.65 31.57
CA GLU A 311 23.70 1.35 30.57
C GLU A 311 23.40 2.78 31.02
N GLU A 312 23.03 2.94 32.28
CA GLU A 312 22.75 4.27 32.82
C GLU A 312 24.00 5.17 32.79
N ALA A 313 25.16 4.56 33.02
CA ALA A 313 26.41 5.28 33.03
C ALA A 313 26.68 5.82 31.63
N ARG A 314 26.61 4.92 30.66
CA ARG A 314 26.82 5.27 29.26
C ARG A 314 25.85 6.37 28.80
N LEU A 315 24.61 6.33 29.28
CA LEU A 315 23.64 7.37 28.93
C LEU A 315 23.99 8.70 29.59
N LYS A 316 24.30 8.66 30.88
CA LYS A 316 24.87 9.80 31.60
C LYS A 316 25.95 10.49 30.77
N LYS A 317 26.82 9.65 30.20
CA LYS A 317 27.99 10.08 29.42
C LYS A 317 27.59 10.69 28.08
N SER A 318 26.60 10.09 27.41
CA SER A 318 26.04 10.62 26.15
C SER A 318 25.48 12.01 26.43
N ALA A 319 24.70 12.10 27.51
CA ALA A 319 24.06 13.35 27.96
C ALA A 319 25.09 14.41 28.31
N ASP A 320 26.21 13.96 28.89
CA ASP A 320 27.32 14.85 29.23
C ASP A 320 28.06 15.40 27.98
N THR A 321 28.46 14.50 27.09
CA THR A 321 29.05 14.90 25.81
C THR A 321 28.24 16.00 25.14
N LEU A 322 26.91 15.88 25.15
CA LEU A 322 26.03 16.80 24.42
C LEU A 322 25.87 18.15 25.12
N TRP A 323 25.67 18.13 26.44
CA TRP A 323 25.60 19.37 27.19
C TRP A 323 26.91 20.14 27.13
N GLY A 324 28.02 19.40 26.97
CA GLY A 324 29.35 19.99 26.81
C GLY A 324 29.45 20.92 25.60
N ILE A 325 28.77 20.56 24.53
CA ILE A 325 28.74 21.36 23.31
C ILE A 325 27.65 22.43 23.38
N GLN A 326 26.49 22.04 23.88
CA GLN A 326 25.32 22.91 23.98
C GLN A 326 25.56 24.10 24.91
N LYS A 327 26.47 23.89 25.87
CA LYS A 327 26.93 24.91 26.82
C LYS A 327 27.21 26.27 26.18
N GLU A 328 28.17 26.29 25.28
CA GLU A 328 28.70 27.53 24.70
C GLU A 328 27.77 28.26 23.72
N LEU A 329 26.68 27.63 23.28
CA LEU A 329 25.82 28.21 22.22
C LEU A 329 25.08 29.49 22.64
N GLN A 330 25.04 30.47 21.74
CA GLN A 330 24.35 31.75 21.97
C GLN A 330 23.00 31.83 21.22
N PHE A 331 23.03 31.96 19.90
CA PHE A 331 21.82 32.11 19.05
C PHE A 331 20.67 32.85 19.73
N ALA B 2 26.19 -21.66 20.59
CA ALA B 2 25.86 -20.37 19.93
C ALA B 2 24.53 -19.80 20.42
N LEU B 3 24.43 -18.47 20.42
CA LEU B 3 23.24 -17.78 20.92
C LEU B 3 22.07 -18.01 20.00
N LYS B 4 22.32 -17.99 18.68
CA LYS B 4 21.30 -18.29 17.68
C LYS B 4 20.66 -19.67 17.93
N ASP B 5 21.47 -20.68 18.25
CA ASP B 5 20.98 -22.05 18.46
C ASP B 5 20.25 -22.25 19.79
N GLN B 6 20.64 -21.48 20.80
CA GLN B 6 19.93 -21.41 22.07
C GLN B 6 18.56 -20.76 21.94
N LEU B 7 18.43 -19.84 21.00
CA LEU B 7 17.21 -19.04 20.81
C LEU B 7 16.27 -19.68 19.79
N ILE B 8 16.84 -20.27 18.75
CA ILE B 8 16.10 -20.76 17.60
C ILE B 8 16.46 -22.21 17.29
N VAL B 9 15.47 -23.09 17.29
CA VAL B 9 15.68 -24.45 16.80
C VAL B 9 15.37 -24.43 15.31
N ASN B 10 16.37 -24.70 14.50
CA ASN B 10 16.19 -24.91 13.09
C ASN B 10 15.43 -26.19 12.88
N LEU B 11 14.31 -26.10 12.16
CA LEU B 11 13.49 -27.29 11.87
C LEU B 11 13.59 -27.71 10.43
N LEU B 12 14.18 -26.88 9.57
CA LEU B 12 14.21 -27.12 8.12
C LEU B 12 15.50 -26.64 7.45
N LYS B 13 16.18 -27.57 6.79
CA LYS B 13 17.31 -27.23 5.95
C LYS B 13 16.72 -26.93 4.58
N GLU B 14 16.79 -25.68 4.17
CA GLU B 14 16.19 -25.26 2.90
C GLU B 14 17.15 -24.36 2.13
N GLU B 15 17.49 -24.78 0.92
CA GLU B 15 18.22 -23.96 -0.04
C GLU B 15 17.15 -23.47 -0.98
N GLN B 16 16.59 -22.31 -0.70
CA GLN B 16 15.45 -21.81 -1.46
C GLN B 16 15.85 -20.75 -2.51
N VAL B 17 15.20 -20.82 -3.68
CA VAL B 17 15.38 -19.80 -4.70
C VAL B 17 14.33 -18.67 -4.53
N PRO B 18 14.71 -17.42 -4.86
CA PRO B 18 13.71 -16.35 -4.73
C PRO B 18 12.62 -16.57 -5.80
N GLN B 19 11.40 -16.15 -5.51
CA GLN B 19 10.29 -16.41 -6.41
C GLN B 19 9.92 -15.16 -7.20
N ASN B 20 10.33 -14.00 -6.71
CA ASN B 20 9.91 -12.73 -7.28
C ASN B 20 11.08 -11.74 -7.26
N LYS B 21 12.19 -12.16 -7.86
CA LYS B 21 13.43 -11.43 -7.83
C LYS B 21 13.56 -10.40 -8.96
N ILE B 22 14.11 -9.25 -8.61
CA ILE B 22 14.35 -8.19 -9.56
C ILE B 22 15.78 -7.75 -9.45
N THR B 23 16.39 -7.46 -10.59
CA THR B 23 17.74 -6.97 -10.65
C THR B 23 17.75 -5.62 -11.30
N VAL B 24 18.55 -4.69 -10.79
CA VAL B 24 18.71 -3.41 -11.43
C VAL B 24 20.16 -3.29 -11.77
N VAL B 25 20.45 -3.12 -13.06
CA VAL B 25 21.81 -2.97 -13.55
C VAL B 25 22.07 -1.48 -13.72
N GLY B 26 23.01 -0.99 -12.93
CA GLY B 26 23.36 0.41 -12.85
C GLY B 26 22.80 1.09 -11.61
N VAL B 27 23.68 1.71 -10.82
CA VAL B 27 23.34 2.37 -9.56
C VAL B 27 23.64 3.86 -9.64
N GLY B 28 23.44 4.44 -10.84
CA GLY B 28 23.41 5.87 -11.02
C GLY B 28 22.10 6.33 -10.42
N ALA B 29 21.78 7.62 -10.59
CA ALA B 29 20.56 8.19 -10.00
C ALA B 29 19.29 7.48 -10.52
N VAL B 30 19.27 7.08 -11.80
CA VAL B 30 18.09 6.42 -12.37
C VAL B 30 17.89 5.05 -11.74
N GLY B 31 18.93 4.21 -11.84
CA GLY B 31 18.94 2.87 -11.27
C GLY B 31 18.52 2.82 -9.82
N MET B 32 18.99 3.76 -9.01
CA MET B 32 18.61 3.82 -7.60
C MET B 32 17.18 4.38 -7.40
N ALA B 33 16.73 5.26 -8.28
CA ALA B 33 15.32 5.71 -8.26
C ALA B 33 14.39 4.52 -8.57
N CYS B 34 14.83 3.64 -9.49
CA CYS B 34 14.08 2.46 -9.83
C CYS B 34 14.03 1.55 -8.62
N ALA B 35 15.17 1.32 -8.00
CA ALA B 35 15.32 0.50 -6.80
C ALA B 35 14.38 0.95 -5.67
N ILE B 36 14.54 2.20 -5.24
CA ILE B 36 13.68 2.68 -4.12
C ILE B 36 12.18 2.55 -4.43
N SER B 37 11.78 2.91 -5.65
CA SER B 37 10.39 2.78 -6.10
C SER B 37 9.93 1.35 -6.05
N ILE B 38 10.73 0.43 -6.56
CA ILE B 38 10.39 -0.98 -6.51
C ILE B 38 10.24 -1.54 -5.08
N LEU B 39 11.13 -1.11 -4.20
CA LEU B 39 11.12 -1.57 -2.83
C LEU B 39 9.89 -1.00 -2.07
N MET B 40 9.52 0.25 -2.35
CA MET B 40 8.38 0.84 -1.68
C MET B 40 7.04 0.39 -2.29
N LYS B 41 7.08 -0.30 -3.44
CA LYS B 41 5.89 -0.95 -4.02
C LYS B 41 5.75 -2.45 -3.70
N ASP B 42 6.71 -3.01 -2.95
CA ASP B 42 6.62 -4.40 -2.49
C ASP B 42 6.57 -5.37 -3.67
N LEU B 43 7.33 -5.09 -4.72
CA LEU B 43 7.24 -5.90 -5.96
C LEU B 43 8.11 -7.14 -5.92
N ALA B 44 9.12 -7.13 -5.06
CA ALA B 44 10.21 -8.10 -5.16
C ALA B 44 10.42 -8.81 -3.83
N ASP B 45 10.88 -10.06 -3.88
CA ASP B 45 11.29 -10.74 -2.64
C ASP B 45 12.80 -10.75 -2.45
N GLU B 46 13.51 -10.37 -3.51
CA GLU B 46 14.95 -10.18 -3.53
C GLU B 46 15.26 -9.07 -4.55
N LEU B 47 16.17 -8.17 -4.21
CA LEU B 47 16.68 -7.11 -5.13
C LEU B 47 18.19 -7.27 -5.27
N ALA B 48 18.65 -7.44 -6.52
CA ALA B 48 20.08 -7.46 -6.85
C ALA B 48 20.44 -6.21 -7.61
N LEU B 49 21.55 -5.59 -7.23
CA LEU B 49 22.11 -4.40 -7.87
C LEU B 49 23.47 -4.78 -8.50
N VAL B 50 23.72 -4.35 -9.74
CA VAL B 50 24.98 -4.58 -10.42
C VAL B 50 25.53 -3.28 -10.99
N ASP B 51 26.83 -3.08 -10.83
CA ASP B 51 27.53 -1.93 -11.43
C ASP B 51 29.01 -2.29 -11.62
N VAL B 52 29.81 -1.36 -12.12
CA VAL B 52 31.23 -1.61 -12.29
C VAL B 52 32.09 -0.86 -11.28
N ILE B 53 31.50 0.07 -10.53
CA ILE B 53 32.22 0.82 -9.52
C ILE B 53 31.91 0.22 -8.15
N GLU B 54 32.85 -0.59 -7.67
CA GLU B 54 32.68 -1.43 -6.49
C GLU B 54 32.25 -0.71 -5.19
N ASP B 55 32.91 0.39 -4.87
CA ASP B 55 32.59 1.17 -3.67
C ASP B 55 31.20 1.75 -3.75
N LYS B 56 30.90 2.48 -4.82
CA LYS B 56 29.60 3.12 -4.99
C LYS B 56 28.48 2.05 -4.85
N LEU B 57 28.72 0.90 -5.46
CA LEU B 57 27.78 -0.24 -5.47
C LEU B 57 27.50 -0.78 -4.07
N LYS B 58 28.57 -1.03 -3.31
CA LYS B 58 28.43 -1.59 -1.98
C LYS B 58 27.74 -0.56 -1.09
N GLY B 59 28.05 0.72 -1.27
CA GLY B 59 27.45 1.79 -0.47
C GLY B 59 25.97 1.94 -0.66
N GLU B 60 25.55 1.92 -1.90
CA GLU B 60 24.12 1.99 -2.22
C GLU B 60 23.40 0.80 -1.66
N MET B 61 23.97 -0.38 -1.84
CA MET B 61 23.36 -1.58 -1.30
C MET B 61 23.14 -1.45 0.17
N MET B 62 24.20 -1.05 0.86
CA MET B 62 24.21 -0.97 2.29
C MET B 62 23.18 0.05 2.75
N ASP B 63 23.06 1.16 2.03
CA ASP B 63 22.15 2.26 2.48
C ASP B 63 20.71 1.72 2.40
N LEU B 64 20.43 0.90 1.40
CA LEU B 64 19.08 0.34 1.24
C LEU B 64 18.85 -0.67 2.37
N GLN B 65 19.83 -1.53 2.63
CA GLN B 65 19.72 -2.55 3.66
C GLN B 65 19.36 -1.96 5.01
N HIS B 66 20.02 -0.86 5.36
CA HIS B 66 19.74 -0.16 6.59
C HIS B 66 18.27 0.28 6.73
N GLY B 67 17.56 0.42 5.61
CA GLY B 67 16.13 0.74 5.59
C GLY B 67 15.18 -0.46 5.69
N SER B 68 15.76 -1.67 5.76
CA SER B 68 15.05 -2.94 5.77
C SER B 68 13.89 -3.08 6.74
N LEU B 69 14.01 -2.47 7.91
CA LEU B 69 12.92 -2.52 8.89
C LEU B 69 11.65 -1.95 8.30
N PHE B 70 11.79 -0.96 7.43
CA PHE B 70 10.64 -0.19 6.96
C PHE B 70 10.13 -0.75 5.65
N LEU B 71 10.78 -1.81 5.17
CA LEU B 71 10.48 -2.42 3.87
C LEU B 71 9.94 -3.85 4.02
N LYS B 72 9.58 -4.45 2.88
CA LYS B 72 9.08 -5.86 2.82
C LYS B 72 9.79 -6.70 1.72
N THR B 73 11.08 -6.44 1.59
CA THR B 73 11.94 -7.10 0.63
C THR B 73 13.13 -7.62 1.48
N PRO B 74 13.07 -8.93 1.83
CA PRO B 74 13.97 -9.45 2.85
C PRO B 74 15.40 -9.65 2.46
N LYS B 75 15.71 -9.54 1.17
CA LYS B 75 17.11 -9.72 0.73
C LYS B 75 17.47 -8.72 -0.33
N ILE B 76 18.44 -7.87 -0.01
CA ILE B 76 19.04 -6.91 -0.97
C ILE B 76 20.51 -7.29 -1.12
N VAL B 77 20.96 -7.49 -2.35
CA VAL B 77 22.33 -7.90 -2.58
C VAL B 77 22.97 -7.15 -3.76
N SER B 78 24.30 -7.14 -3.80
CA SER B 78 25.01 -6.48 -4.90
C SER B 78 26.35 -7.15 -5.24
N SER B 79 26.77 -6.99 -6.48
CA SER B 79 28.08 -7.44 -6.94
C SER B 79 28.40 -6.94 -8.35
N LYS B 80 29.70 -6.91 -8.67
CA LYS B 80 30.19 -6.70 -10.02
C LYS B 80 29.94 -7.95 -10.87
N ASP B 81 29.81 -9.09 -10.20
N ASP B 81 29.85 -9.11 -10.21
CA ASP B 81 29.67 -10.40 -10.85
CA ASP B 81 29.63 -10.40 -10.87
C ASP B 81 28.18 -10.75 -11.06
C ASP B 81 28.15 -10.62 -11.10
N TYR B 82 27.81 -11.14 -12.27
CA TYR B 82 26.39 -11.31 -12.63
C TYR B 82 25.76 -12.56 -12.01
N SER B 83 26.57 -13.38 -11.34
CA SER B 83 26.03 -14.47 -10.56
C SER B 83 25.09 -14.00 -9.48
N VAL B 84 25.30 -12.78 -8.99
CA VAL B 84 24.39 -12.22 -8.00
C VAL B 84 22.97 -12.02 -8.53
N THR B 85 22.81 -11.99 -9.86
CA THR B 85 21.50 -11.78 -10.49
C THR B 85 20.72 -13.07 -10.75
N ALA B 86 21.27 -14.21 -10.33
CA ALA B 86 20.74 -15.52 -10.73
C ALA B 86 19.25 -15.60 -10.29
N ASN B 87 18.44 -16.18 -11.18
CA ASN B 87 17.00 -16.42 -10.95
C ASN B 87 16.14 -15.14 -10.79
N SER B 88 16.43 -14.11 -11.57
CA SER B 88 15.66 -12.92 -11.61
C SER B 88 14.44 -13.13 -12.54
N LYS B 89 13.30 -12.55 -12.16
CA LYS B 89 12.12 -12.54 -13.01
C LYS B 89 12.12 -11.32 -13.92
N LEU B 90 12.73 -10.22 -13.45
CA LEU B 90 12.85 -9.02 -14.20
C LEU B 90 14.26 -8.41 -14.00
N VAL B 91 14.86 -7.98 -15.10
CA VAL B 91 16.19 -7.39 -15.12
C VAL B 91 16.01 -6.06 -15.82
N ILE B 92 16.23 -4.98 -15.08
CA ILE B 92 16.08 -3.61 -15.53
C ILE B 92 17.47 -3.07 -15.81
N ILE B 93 17.69 -2.56 -17.01
CA ILE B 93 19.04 -2.09 -17.43
C ILE B 93 19.05 -0.60 -17.58
N THR B 94 19.77 0.07 -16.68
CA THR B 94 19.75 1.54 -16.59
C THR B 94 21.17 2.08 -16.82
N ALA B 95 22.12 1.18 -17.17
CA ALA B 95 23.54 1.56 -17.33
C ALA B 95 23.75 2.37 -18.62
N GLY B 96 24.83 3.15 -18.65
CA GLY B 96 25.28 3.83 -19.87
C GLY B 96 25.49 5.31 -19.73
N ALA B 97 26.03 5.91 -20.77
CA ALA B 97 26.22 7.34 -20.86
C ALA B 97 24.86 8.02 -20.95
N ARG B 98 24.77 9.21 -20.36
CA ARG B 98 23.59 10.09 -20.40
C ARG B 98 23.85 11.32 -21.28
N GLN B 99 22.81 11.90 -21.87
CA GLN B 99 23.04 13.01 -22.80
C GLN B 99 23.32 14.32 -22.09
N GLN B 100 24.24 15.09 -22.67
CA GLN B 100 24.56 16.39 -22.17
C GLN B 100 23.44 17.31 -22.61
N GLU B 101 23.40 18.47 -21.97
CA GLU B 101 22.51 19.56 -22.37
C GLU B 101 22.75 19.82 -23.86
N GLY B 102 21.67 19.79 -24.64
CA GLY B 102 21.81 20.01 -26.08
C GLY B 102 22.42 18.86 -26.87
N GLU B 103 22.49 17.69 -26.27
CA GLU B 103 22.95 16.48 -26.98
C GLU B 103 21.73 15.60 -27.18
N SER B 104 21.63 14.94 -28.32
CA SER B 104 20.52 14.01 -28.57
C SER B 104 20.82 12.66 -27.94
N ARG B 105 19.78 12.02 -27.44
CA ARG B 105 19.88 10.64 -26.96
C ARG B 105 20.44 9.73 -28.06
N LEU B 106 20.24 10.11 -29.33
CA LEU B 106 20.69 9.29 -30.42
C LEU B 106 22.19 9.29 -30.53
N ASN B 107 22.83 10.33 -29.96
CA ASN B 107 24.27 10.41 -29.96
C ASN B 107 24.90 9.48 -28.93
N LEU B 108 24.10 8.83 -28.10
CA LEU B 108 24.60 7.92 -27.07
C LEU B 108 24.77 6.51 -27.61
N VAL B 109 24.37 6.30 -28.87
CA VAL B 109 24.24 4.95 -29.41
C VAL B 109 25.52 4.13 -29.36
N GLN B 110 26.63 4.61 -29.92
CA GLN B 110 27.82 3.73 -30.01
C GLN B 110 28.38 3.38 -28.62
N ARG B 111 28.33 4.33 -27.70
CA ARG B 111 28.84 4.12 -26.36
C ARG B 111 28.01 3.12 -25.60
N ASN B 112 26.70 3.19 -25.76
CA ASN B 112 25.81 2.35 -24.96
C ASN B 112 25.69 0.97 -25.57
N VAL B 113 25.72 0.89 -26.89
CA VAL B 113 25.85 -0.42 -27.56
C VAL B 113 27.07 -1.21 -27.08
N ASN B 114 28.23 -0.59 -27.13
N ASN B 114 28.25 -0.60 -27.08
CA ASN B 114 29.46 -1.19 -26.64
CA ASN B 114 29.46 -1.26 -26.60
C ASN B 114 29.32 -1.78 -25.22
C ASN B 114 29.33 -1.80 -25.19
N ILE B 115 28.64 -1.05 -24.34
CA ILE B 115 28.38 -1.48 -22.99
C ILE B 115 27.35 -2.62 -22.93
N PHE B 116 26.31 -2.54 -23.76
CA PHE B 116 25.30 -3.58 -23.79
C PHE B 116 25.91 -4.92 -24.28
N LYS B 117 26.92 -4.85 -25.12
CA LYS B 117 27.63 -6.05 -25.60
C LYS B 117 28.21 -6.89 -24.44
N PHE B 118 28.59 -6.24 -23.34
CA PHE B 118 29.03 -6.93 -22.15
C PHE B 118 27.90 -7.30 -21.21
N ILE B 119 27.08 -6.31 -20.86
CA ILE B 119 26.00 -6.47 -19.92
C ILE B 119 24.98 -7.54 -20.32
N ILE B 120 24.45 -7.49 -21.55
CA ILE B 120 23.34 -8.38 -21.93
C ILE B 120 23.63 -9.92 -21.87
N PRO B 121 24.71 -10.41 -22.51
CA PRO B 121 25.00 -11.84 -22.37
C PRO B 121 25.23 -12.26 -20.92
N ASN B 122 25.92 -11.44 -20.13
CA ASN B 122 26.12 -11.76 -18.72
C ASN B 122 24.83 -11.81 -17.91
N VAL B 123 23.90 -10.93 -18.24
CA VAL B 123 22.67 -10.83 -17.51
C VAL B 123 21.73 -12.03 -17.87
N VAL B 124 21.61 -12.38 -19.15
CA VAL B 124 20.68 -13.46 -19.49
C VAL B 124 21.16 -14.86 -19.09
N LYS B 125 22.48 -15.00 -18.92
CA LYS B 125 23.16 -16.25 -18.52
C LYS B 125 22.58 -16.92 -17.27
N TYR B 126 22.18 -16.11 -16.29
CA TYR B 126 21.80 -16.57 -14.94
C TYR B 126 20.31 -16.57 -14.63
N SER B 127 19.51 -16.00 -15.54
CA SER B 127 18.09 -15.88 -15.34
C SER B 127 17.27 -16.36 -16.55
N PRO B 128 17.01 -17.68 -16.62
CA PRO B 128 16.17 -18.21 -17.73
C PRO B 128 14.75 -17.60 -17.85
N GLN B 129 14.20 -17.13 -16.73
CA GLN B 129 12.82 -16.69 -16.68
C GLN B 129 12.64 -15.20 -16.77
N CYS B 130 13.71 -14.46 -17.00
CA CYS B 130 13.59 -13.04 -16.90
C CYS B 130 12.99 -12.39 -18.12
N LYS B 131 12.32 -11.27 -17.85
CA LYS B 131 12.02 -10.26 -18.86
C LYS B 131 13.14 -9.21 -18.80
N LEU B 132 13.48 -8.63 -19.94
CA LEU B 132 14.48 -7.54 -20.01
C LEU B 132 13.75 -6.21 -20.15
N LEU B 133 13.97 -5.33 -19.18
CA LEU B 133 13.38 -3.99 -19.25
C LEU B 133 14.52 -2.99 -19.48
N ILE B 134 14.61 -2.44 -20.68
CA ILE B 134 15.64 -1.49 -21.05
C ILE B 134 15.20 -0.07 -20.73
N VAL B 135 16.06 0.67 -20.01
CA VAL B 135 15.80 2.07 -19.64
C VAL B 135 16.84 3.01 -20.28
N SER B 136 18.10 2.52 -20.40
CA SER B 136 19.20 3.24 -21.07
C SER B 136 18.82 3.81 -22.45
N ASN B 137 19.42 4.92 -22.84
CA ASN B 137 19.12 5.56 -24.13
C ASN B 137 20.21 5.44 -25.21
N PRO B 138 19.80 5.57 -26.49
CA PRO B 138 18.40 5.69 -26.98
C PRO B 138 17.60 4.38 -26.78
N VAL B 139 16.57 4.46 -25.95
CA VAL B 139 15.87 3.28 -25.39
C VAL B 139 15.28 2.36 -26.45
N ASP B 140 14.68 2.94 -27.49
CA ASP B 140 14.10 2.15 -28.57
C ASP B 140 15.20 1.31 -29.29
N ILE B 141 16.30 1.97 -29.66
CA ILE B 141 17.41 1.33 -30.37
C ILE B 141 18.09 0.31 -29.45
N LEU B 142 18.24 0.68 -28.17
CA LEU B 142 18.83 -0.20 -27.18
C LEU B 142 17.93 -1.40 -26.85
N THR B 143 16.61 -1.25 -27.05
CA THR B 143 15.73 -2.43 -26.91
C THR B 143 15.92 -3.38 -28.10
N TYR B 144 16.15 -2.81 -29.27
CA TYR B 144 16.41 -3.62 -30.46
C TYR B 144 17.74 -4.35 -30.31
N VAL B 145 18.76 -3.63 -29.80
CA VAL B 145 20.07 -4.15 -29.57
C VAL B 145 20.07 -5.23 -28.49
N ALA B 146 19.37 -5.00 -27.38
CA ALA B 146 19.23 -6.05 -26.34
C ALA B 146 18.57 -7.33 -26.89
N TRP B 147 17.54 -7.14 -27.70
CA TRP B 147 16.86 -8.24 -28.38
C TRP B 147 17.82 -9.02 -29.29
N LYS B 148 18.59 -8.31 -30.12
CA LYS B 148 19.52 -9.02 -31.03
C LYS B 148 20.65 -9.72 -30.29
N ILE B 149 21.21 -9.08 -29.26
CA ILE B 149 22.33 -9.64 -28.49
C ILE B 149 21.85 -10.82 -27.60
N SER B 150 20.73 -10.62 -26.91
CA SER B 150 20.20 -11.67 -26.00
C SER B 150 19.67 -12.89 -26.71
N GLY B 151 19.15 -12.68 -27.92
CA GLY B 151 18.46 -13.73 -28.64
C GLY B 151 17.15 -14.15 -28.00
N PHE B 152 16.56 -13.25 -27.19
CA PHE B 152 15.31 -13.53 -26.52
C PHE B 152 14.16 -13.36 -27.52
N PRO B 153 13.04 -14.01 -27.30
CA PRO B 153 11.89 -13.66 -28.12
C PRO B 153 11.38 -12.24 -27.75
N LYS B 154 10.72 -11.59 -28.69
CA LYS B 154 10.41 -10.18 -28.59
C LYS B 154 9.48 -9.83 -27.43
N ASN B 155 8.65 -10.77 -26.99
CA ASN B 155 7.75 -10.53 -25.89
C ASN B 155 8.50 -10.26 -24.59
N ARG B 156 9.74 -10.75 -24.50
CA ARG B 156 10.55 -10.65 -23.28
C ARG B 156 11.51 -9.45 -23.17
N VAL B 157 11.59 -8.61 -24.20
CA VAL B 157 12.56 -7.51 -24.26
C VAL B 157 11.75 -6.25 -24.46
N ILE B 158 11.65 -5.43 -23.42
CA ILE B 158 10.74 -4.28 -23.35
C ILE B 158 11.56 -3.02 -23.12
N GLY B 159 11.19 -1.93 -23.80
CA GLY B 159 11.85 -0.66 -23.58
C GLY B 159 10.91 0.19 -22.75
N SER B 160 11.45 0.95 -21.81
CA SER B 160 10.63 1.81 -20.95
C SER B 160 9.90 2.83 -21.81
N GLY B 161 10.49 3.15 -22.96
CA GLY B 161 9.82 3.85 -24.07
C GLY B 161 9.12 5.13 -23.65
N CYS B 162 7.86 5.26 -24.07
CA CYS B 162 7.07 6.44 -23.88
C CYS B 162 6.13 6.44 -22.69
N ASN B 163 6.33 5.49 -21.77
CA ASN B 163 5.54 5.42 -20.57
C ASN B 163 5.70 6.73 -19.80
N LEU B 164 6.94 7.19 -19.65
CA LEU B 164 7.20 8.47 -19.01
C LEU B 164 6.70 9.61 -19.90
N ASP B 165 6.95 9.54 -21.19
CA ASP B 165 6.45 10.63 -22.06
C ASP B 165 4.93 10.84 -21.90
N SER B 166 4.19 9.72 -21.82
CA SER B 166 2.74 9.78 -21.74
C SER B 166 2.30 10.24 -20.34
N ALA B 167 3.06 9.83 -19.31
CA ALA B 167 2.86 10.29 -17.94
C ALA B 167 3.05 11.78 -17.85
N ARG B 168 4.10 12.29 -18.45
CA ARG B 168 4.28 13.76 -18.52
C ARG B 168 3.15 14.47 -19.26
N PHE B 169 2.75 13.90 -20.38
CA PHE B 169 1.64 14.42 -21.18
C PHE B 169 0.41 14.51 -20.30
N ARG B 170 0.10 13.44 -19.57
CA ARG B 170 -1.10 13.40 -18.76
C ARG B 170 -1.02 14.36 -17.54
N TYR B 171 0.17 14.48 -16.93
CA TYR B 171 0.40 15.52 -15.90
C TYR B 171 0.06 16.92 -16.45
N LEU B 172 0.67 17.26 -17.59
CA LEU B 172 0.47 18.61 -18.15
C LEU B 172 -0.99 18.84 -18.57
N MET B 173 -1.58 17.83 -19.21
CA MET B 173 -3.01 17.88 -19.52
C MET B 173 -3.86 18.10 -18.26
N GLY B 174 -3.59 17.31 -17.22
CA GLY B 174 -4.27 17.42 -15.97
C GLY B 174 -4.17 18.79 -15.34
N GLU B 175 -2.97 19.39 -15.40
CA GLU B 175 -2.77 20.76 -14.92
C GLU B 175 -3.56 21.77 -15.71
N ARG B 176 -3.57 21.63 -17.02
CA ARG B 176 -4.43 22.47 -17.87
C ARG B 176 -5.92 22.37 -17.52
N LEU B 177 -6.42 21.17 -17.25
CA LEU B 177 -7.86 20.94 -17.06
C LEU B 177 -8.33 20.92 -15.59
N GLY B 178 -7.43 21.09 -14.62
CA GLY B 178 -7.76 20.90 -13.21
C GLY B 178 -8.29 19.50 -12.90
N VAL B 179 -7.67 18.45 -13.48
CA VAL B 179 -8.09 17.07 -13.26
C VAL B 179 -6.84 16.22 -13.04
N HIS B 180 -6.96 15.18 -12.20
CA HIS B 180 -5.85 14.28 -11.89
C HIS B 180 -5.36 13.56 -13.11
N PRO B 181 -4.04 13.35 -13.23
CA PRO B 181 -3.59 12.67 -14.44
C PRO B 181 -4.19 11.27 -14.69
N LEU B 182 -4.53 10.55 -13.62
CA LEU B 182 -5.24 9.27 -13.72
C LEU B 182 -6.52 9.34 -14.59
N SER B 183 -7.27 10.45 -14.49
CA SER B 183 -8.48 10.63 -15.29
C SER B 183 -8.28 11.41 -16.58
N CYS B 184 -7.05 11.84 -16.87
CA CYS B 184 -6.74 12.52 -18.14
C CYS B 184 -6.05 11.52 -19.04
N HIS B 185 -6.64 11.22 -20.20
CA HIS B 185 -6.08 10.17 -21.07
C HIS B 185 -5.52 10.74 -22.33
N GLY B 186 -4.41 10.14 -22.78
CA GLY B 186 -3.63 10.67 -23.90
C GLY B 186 -2.35 9.88 -24.11
N TRP B 187 -1.97 9.67 -25.36
CA TRP B 187 -0.88 8.73 -25.72
C TRP B 187 0.15 9.45 -26.54
N VAL B 188 1.41 9.39 -26.10
CA VAL B 188 2.53 9.89 -26.84
C VAL B 188 3.28 8.57 -27.26
N LEU B 189 3.47 8.35 -28.57
CA LEU B 189 4.00 7.10 -29.14
C LEU B 189 5.27 7.36 -29.93
N GLY B 190 5.93 6.32 -30.40
CA GLY B 190 7.10 6.51 -31.23
C GLY B 190 8.39 6.54 -30.40
N GLU B 191 9.34 7.35 -30.84
CA GLU B 191 10.60 7.51 -30.16
C GLU B 191 10.43 8.18 -28.80
N HIS B 192 11.11 7.65 -27.79
CA HIS B 192 11.29 8.40 -26.57
C HIS B 192 12.41 9.37 -26.85
N GLY B 193 12.02 10.57 -27.29
CA GLY B 193 12.90 11.55 -27.86
C GLY B 193 12.17 12.54 -28.75
N ASP B 194 12.96 13.28 -29.53
CA ASP B 194 12.47 14.40 -30.31
C ASP B 194 11.41 14.07 -31.34
N SER B 195 11.35 12.84 -31.85
CA SER B 195 10.34 12.47 -32.88
C SER B 195 9.08 11.80 -32.33
N SER B 196 8.86 11.84 -31.03
CA SER B 196 7.64 11.25 -30.50
C SER B 196 6.37 11.90 -31.15
N VAL B 197 5.24 11.18 -31.07
CA VAL B 197 3.98 11.57 -31.69
C VAL B 197 2.83 11.63 -30.69
N PRO B 198 2.29 12.83 -30.45
CA PRO B 198 1.10 12.91 -29.63
C PRO B 198 -0.14 12.46 -30.41
N VAL B 199 -0.90 11.50 -29.88
CA VAL B 199 -2.09 11.01 -30.58
C VAL B 199 -3.36 11.80 -30.11
N TRP B 200 -3.52 12.98 -30.70
CA TRP B 200 -4.61 13.90 -30.39
C TRP B 200 -5.96 13.27 -30.53
N SER B 201 -6.09 12.33 -31.46
CA SER B 201 -7.38 11.69 -31.72
C SER B 201 -7.85 10.87 -30.51
N GLY B 202 -6.90 10.40 -29.69
CA GLY B 202 -7.22 9.63 -28.49
C GLY B 202 -7.26 10.43 -27.17
N VAL B 203 -6.98 11.73 -27.23
CA VAL B 203 -6.87 12.53 -26.01
C VAL B 203 -8.28 12.75 -25.46
N ASN B 204 -8.52 12.37 -24.20
CA ASN B 204 -9.87 12.39 -23.66
C ASN B 204 -10.00 12.43 -22.16
N VAL B 205 -11.05 13.08 -21.67
CA VAL B 205 -11.49 12.93 -20.29
C VAL B 205 -12.88 12.23 -20.27
N ALA B 206 -13.00 11.20 -19.46
CA ALA B 206 -14.24 10.42 -19.33
C ALA B 206 -14.84 9.98 -20.68
N GLY B 207 -13.97 9.58 -21.60
CA GLY B 207 -14.37 9.10 -22.93
C GLY B 207 -14.75 10.18 -23.95
N VAL B 208 -14.67 11.44 -23.52
CA VAL B 208 -14.99 12.62 -24.32
C VAL B 208 -13.73 13.13 -25.04
N SER B 209 -13.79 13.07 -26.36
CA SER B 209 -12.66 13.40 -27.19
C SER B 209 -12.46 14.89 -27.24
N LEU B 210 -11.26 15.33 -26.86
CA LEU B 210 -10.94 16.75 -26.93
C LEU B 210 -10.93 17.26 -28.38
N LYS B 211 -10.46 16.44 -29.32
CA LYS B 211 -10.42 16.82 -30.72
C LYS B 211 -11.85 17.04 -31.27
N SER B 212 -12.82 16.25 -30.80
CA SER B 212 -14.20 16.36 -31.25
C SER B 212 -14.85 17.66 -30.77
N LEU B 213 -14.35 18.21 -29.67
CA LEU B 213 -14.83 19.50 -29.16
C LEU B 213 -14.09 20.69 -29.80
N ASN B 214 -12.83 20.48 -30.18
CA ASN B 214 -12.01 21.47 -30.86
C ASN B 214 -11.26 20.72 -31.94
N PRO B 215 -11.81 20.70 -33.16
CA PRO B 215 -11.14 19.96 -34.24
C PRO B 215 -9.74 20.48 -34.61
N GLN B 216 -9.39 21.69 -34.18
CA GLN B 216 -8.02 22.25 -34.37
C GLN B 216 -6.99 21.79 -33.29
N LEU B 217 -7.39 20.95 -32.35
CA LEU B 217 -6.48 20.46 -31.27
C LEU B 217 -5.14 19.94 -31.81
N GLY B 218 -4.05 20.54 -31.32
CA GLY B 218 -2.69 20.06 -31.61
C GLY B 218 -2.12 20.53 -32.95
N THR B 219 -2.86 21.40 -33.64
CA THR B 219 -2.41 21.98 -34.89
C THR B 219 -1.95 23.39 -34.61
N ASP B 220 -1.34 24.00 -35.63
CA ASP B 220 -0.84 25.37 -35.48
C ASP B 220 -2.01 26.37 -35.38
N ALA B 221 -3.18 26.00 -35.90
CA ALA B 221 -4.40 26.82 -35.81
C ALA B 221 -5.08 26.78 -34.45
N ASP B 222 -4.62 25.87 -33.58
CA ASP B 222 -5.20 25.70 -32.25
C ASP B 222 -5.04 26.95 -31.41
N LYS B 223 -6.15 27.61 -31.07
CA LYS B 223 -6.12 28.84 -30.27
C LYS B 223 -5.61 28.58 -28.86
N GLU B 224 -5.81 27.36 -28.35
CA GLU B 224 -5.29 26.98 -27.04
C GLU B 224 -3.85 26.40 -27.10
N GLN B 225 -3.32 26.25 -28.32
CA GLN B 225 -1.96 25.81 -28.56
C GLN B 225 -1.59 24.54 -27.78
N TRP B 226 -2.43 23.51 -27.89
CA TRP B 226 -2.18 22.26 -27.23
C TRP B 226 -0.93 21.57 -27.72
N LYS B 227 -0.47 21.87 -28.94
CA LYS B 227 0.80 21.33 -29.44
C LYS B 227 1.97 21.66 -28.51
N ASP B 228 1.87 22.78 -27.78
N ASP B 228 1.87 22.78 -27.78
CA ASP B 228 2.93 23.17 -26.84
CA ASP B 228 2.90 23.20 -26.82
C ASP B 228 3.06 22.19 -25.67
C ASP B 228 3.03 22.24 -25.64
N VAL B 229 1.97 21.49 -25.36
CA VAL B 229 2.01 20.44 -24.33
C VAL B 229 2.92 19.30 -24.82
N HIS B 230 2.77 18.90 -26.07
CA HIS B 230 3.68 17.89 -26.62
C HIS B 230 5.11 18.38 -26.69
N LYS B 231 5.30 19.64 -27.08
CA LYS B 231 6.63 20.27 -27.06
C LYS B 231 7.29 20.16 -25.65
N GLN B 232 6.54 20.62 -24.62
CA GLN B 232 6.96 20.49 -23.26
C GLN B 232 7.33 19.06 -22.87
N VAL B 233 6.62 18.07 -23.40
CA VAL B 233 6.94 16.67 -23.22
C VAL B 233 8.30 16.30 -23.85
N VAL B 234 8.52 16.69 -25.10
CA VAL B 234 9.80 16.42 -25.78
C VAL B 234 10.96 17.07 -25.01
N ASP B 235 10.68 18.28 -24.49
CA ASP B 235 11.67 19.16 -23.85
C ASP B 235 11.92 18.84 -22.35
N SER B 236 11.03 18.05 -21.76
N SER B 236 11.02 18.05 -21.77
CA SER B 236 11.08 17.74 -20.34
CA SER B 236 11.07 17.69 -20.36
C SER B 236 12.45 17.27 -19.82
C SER B 236 12.44 17.27 -19.83
N ALA B 237 13.10 16.29 -20.46
CA ALA B 237 14.39 15.77 -19.97
C ALA B 237 15.46 16.85 -19.96
N TYR B 238 15.55 17.59 -21.05
N TYR B 238 15.54 17.56 -21.09
CA TYR B 238 16.51 18.65 -21.14
CA TYR B 238 16.40 18.72 -21.26
C TYR B 238 16.20 19.82 -20.21
C TYR B 238 16.19 19.76 -20.17
N GLU B 239 14.92 20.08 -19.92
CA GLU B 239 14.57 21.17 -18.95
C GLU B 239 15.00 20.82 -17.52
N VAL B 240 14.68 19.60 -17.09
CA VAL B 240 15.13 19.08 -15.81
C VAL B 240 16.65 18.90 -15.75
N ILE B 241 17.28 18.34 -16.78
CA ILE B 241 18.74 18.24 -16.82
C ILE B 241 19.40 19.62 -16.62
N LYS B 242 18.92 20.64 -17.33
CA LYS B 242 19.41 22.00 -17.21
C LYS B 242 19.25 22.54 -15.78
N LEU B 243 18.20 22.14 -15.07
CA LEU B 243 17.97 22.65 -13.68
C LEU B 243 18.70 21.93 -12.54
N LYS B 244 18.66 20.61 -12.53
CA LYS B 244 19.27 19.77 -11.48
C LYS B 244 20.37 18.88 -11.99
N GLY B 245 20.61 18.84 -13.30
CA GLY B 245 21.76 18.12 -13.85
C GLY B 245 21.51 16.74 -14.39
N TYR B 246 20.34 16.20 -14.05
CA TYR B 246 19.98 14.86 -14.46
C TYR B 246 18.50 14.67 -14.15
N THR B 247 17.87 13.62 -14.66
CA THR B 247 16.53 13.26 -14.19
C THR B 247 16.59 11.93 -13.46
N SER B 248 15.67 11.70 -12.54
CA SER B 248 15.72 10.44 -11.75
C SER B 248 14.37 9.95 -11.28
N TRP B 249 13.60 10.79 -10.60
CA TRP B 249 12.40 10.37 -9.90
C TRP B 249 11.30 9.91 -10.81
N ALA B 250 11.00 10.67 -11.86
CA ALA B 250 9.89 10.36 -12.74
C ALA B 250 10.14 9.08 -13.54
N ILE B 251 11.36 8.92 -14.06
CA ILE B 251 11.68 7.64 -14.80
C ILE B 251 11.70 6.46 -13.82
N GLY B 252 12.19 6.68 -12.60
CA GLY B 252 12.14 5.62 -11.57
C GLY B 252 10.72 5.15 -11.29
N LEU B 253 9.80 6.09 -11.18
CA LEU B 253 8.40 5.79 -10.94
C LEU B 253 7.75 5.13 -12.17
N SER B 254 8.14 5.56 -13.37
CA SER B 254 7.65 5.00 -14.63
C SER B 254 8.10 3.55 -14.79
N VAL B 255 9.35 3.29 -14.46
CA VAL B 255 9.90 1.93 -14.57
C VAL B 255 9.22 1.05 -13.54
N ALA B 256 9.00 1.57 -12.32
CA ALA B 256 8.34 0.80 -11.27
C ALA B 256 6.93 0.36 -11.71
N ASP B 257 6.26 1.25 -12.45
CA ASP B 257 4.88 1.06 -12.97
C ASP B 257 4.90 -0.13 -13.91
N LEU B 258 5.88 -0.12 -14.82
CA LEU B 258 6.06 -1.23 -15.74
C LEU B 258 6.40 -2.52 -14.96
N ALA B 259 7.28 -2.41 -13.94
CA ALA B 259 7.65 -3.55 -13.10
C ALA B 259 6.44 -4.17 -12.43
N GLU B 260 5.51 -3.32 -12.00
CA GLU B 260 4.29 -3.72 -11.33
C GLU B 260 3.39 -4.51 -12.22
N SER B 261 3.23 -4.07 -13.46
CA SER B 261 2.44 -4.82 -14.44
C SER B 261 3.06 -6.18 -14.78
N ILE B 262 4.39 -6.25 -14.89
CA ILE B 262 5.04 -7.52 -15.23
C ILE B 262 5.00 -8.48 -14.03
N MET B 263 5.32 -7.98 -12.82
CA MET B 263 5.42 -8.86 -11.63
C MET B 263 4.03 -9.36 -11.14
N LYS B 264 3.00 -8.54 -11.35
CA LYS B 264 1.67 -8.83 -10.86
C LYS B 264 0.76 -9.31 -11.98
N ASN B 265 1.36 -9.59 -13.14
CA ASN B 265 0.65 -10.06 -14.34
C ASN B 265 -0.62 -9.25 -14.61
N LEU B 266 -0.55 -7.93 -14.50
CA LEU B 266 -1.78 -7.13 -14.54
C LEU B 266 -2.43 -7.04 -15.94
N ARG B 267 -1.64 -7.13 -17.01
CA ARG B 267 -2.18 -6.99 -18.37
C ARG B 267 -2.82 -5.64 -18.60
N ARG B 268 -2.18 -4.61 -18.05
CA ARG B 268 -2.52 -3.24 -18.30
C ARG B 268 -1.83 -2.86 -19.59
N VAL B 269 -2.27 -1.74 -20.13
CA VAL B 269 -1.78 -1.25 -21.40
C VAL B 269 -0.80 -0.10 -21.20
N HIS B 270 0.41 -0.22 -21.75
CA HIS B 270 1.44 0.83 -21.63
C HIS B 270 2.03 1.19 -22.92
N PRO B 271 2.46 2.45 -23.09
CA PRO B 271 3.20 2.75 -24.32
C PRO B 271 4.68 2.55 -24.11
N ILE B 272 5.15 1.45 -24.67
CA ILE B 272 6.49 0.97 -24.42
C ILE B 272 7.11 0.40 -25.70
N SER B 273 8.43 0.22 -25.72
CA SER B 273 9.15 -0.12 -26.95
C SER B 273 9.07 -1.57 -27.30
N THR B 274 8.50 -1.83 -28.45
CA THR B 274 8.49 -3.15 -29.02
C THR B 274 8.63 -3.07 -30.53
N MET B 275 8.71 -4.23 -31.17
CA MET B 275 8.84 -4.29 -32.61
C MET B 275 7.52 -3.97 -33.31
N ILE B 276 7.55 -3.07 -34.29
CA ILE B 276 6.31 -2.69 -34.95
C ILE B 276 6.23 -3.11 -36.41
N LYS B 277 7.21 -3.91 -36.86
CA LYS B 277 7.17 -4.50 -38.22
C LYS B 277 5.78 -5.09 -38.46
N GLY B 278 5.13 -4.67 -39.53
CA GLY B 278 3.79 -5.14 -39.83
C GLY B 278 2.75 -4.05 -39.69
N LEU B 279 2.94 -3.15 -38.73
CA LEU B 279 1.99 -2.05 -38.53
C LEU B 279 2.34 -0.73 -39.27
N TYR B 280 1.30 0.02 -39.59
CA TYR B 280 1.42 1.34 -40.21
C TYR B 280 2.37 1.37 -41.42
N GLY B 281 2.32 0.28 -42.20
CA GLY B 281 3.19 0.13 -43.35
C GLY B 281 4.69 -0.01 -43.06
N ILE B 282 5.07 -0.19 -41.79
CA ILE B 282 6.48 -0.31 -41.45
C ILE B 282 6.88 -1.75 -41.72
N LYS B 283 7.86 -1.93 -42.60
CA LYS B 283 8.33 -3.23 -43.06
C LYS B 283 9.71 -3.65 -42.52
N GLU B 284 10.32 -2.80 -41.68
N GLU B 284 10.26 -2.79 -41.64
CA GLU B 284 11.63 -3.11 -41.13
CA GLU B 284 11.60 -2.96 -41.06
C GLU B 284 11.54 -3.42 -39.63
C GLU B 284 11.52 -3.43 -39.61
N ASP B 285 12.62 -3.97 -39.06
CA ASP B 285 12.66 -4.37 -37.62
C ASP B 285 12.75 -3.20 -36.64
N VAL B 286 11.93 -2.20 -36.81
CA VAL B 286 12.01 -1.03 -35.93
C VAL B 286 11.34 -1.27 -34.57
N PHE B 287 12.03 -0.95 -33.48
CA PHE B 287 11.43 -0.88 -32.17
C PHE B 287 11.00 0.54 -31.85
N LEU B 288 9.79 0.71 -31.34
CA LEU B 288 9.36 2.01 -30.86
C LEU B 288 8.10 1.82 -30.03
N SER B 289 7.65 2.88 -29.32
CA SER B 289 6.43 2.81 -28.48
C SER B 289 5.07 2.85 -29.16
N VAL B 290 4.25 1.86 -28.81
CA VAL B 290 2.86 1.69 -29.18
C VAL B 290 2.22 1.06 -27.95
N PRO B 291 0.88 1.20 -27.83
CA PRO B 291 0.26 0.69 -26.61
C PRO B 291 0.36 -0.85 -26.59
N CYS B 292 0.96 -1.39 -25.52
CA CYS B 292 1.13 -2.83 -25.34
C CYS B 292 0.52 -3.37 -24.06
N ILE B 293 0.05 -4.62 -24.11
CA ILE B 293 -0.51 -5.30 -22.97
C ILE B 293 0.67 -5.96 -22.26
N LEU B 294 0.88 -5.56 -21.01
CA LEU B 294 2.10 -5.96 -20.27
C LEU B 294 1.80 -6.89 -19.07
N GLY B 295 2.51 -8.00 -19.02
CA GLY B 295 2.24 -9.05 -18.02
C GLY B 295 3.43 -9.90 -17.71
N GLN B 296 3.19 -11.04 -17.05
CA GLN B 296 4.24 -11.90 -16.53
C GLN B 296 5.14 -12.47 -17.58
N ASN B 297 4.67 -12.52 -18.83
CA ASN B 297 5.51 -12.96 -19.95
C ASN B 297 5.96 -11.79 -20.83
N GLY B 298 5.90 -10.60 -20.26
CA GLY B 298 6.26 -9.37 -20.99
C GLY B 298 5.11 -8.87 -21.85
N ILE B 299 5.41 -8.45 -23.07
CA ILE B 299 4.39 -7.95 -24.02
C ILE B 299 3.79 -9.13 -24.76
N SER B 300 2.54 -9.46 -24.45
CA SER B 300 1.86 -10.59 -25.09
C SER B 300 1.02 -10.17 -26.27
N ASP B 301 0.62 -8.90 -26.29
CA ASP B 301 -0.25 -8.35 -27.29
C ASP B 301 0.06 -6.87 -27.54
N VAL B 302 -0.28 -6.38 -28.72
CA VAL B 302 -0.13 -4.97 -29.11
C VAL B 302 -1.49 -4.38 -29.49
N VAL B 303 -1.83 -3.21 -28.95
CA VAL B 303 -3.04 -2.51 -29.33
C VAL B 303 -2.75 -1.78 -30.64
N LYS B 304 -3.63 -2.00 -31.61
CA LYS B 304 -3.56 -1.31 -32.90
C LYS B 304 -4.29 0.01 -32.81
N VAL B 305 -3.54 1.08 -32.60
CA VAL B 305 -4.17 2.38 -32.50
C VAL B 305 -4.58 2.84 -33.88
N THR B 306 -5.77 3.43 -33.91
CA THR B 306 -6.32 4.00 -35.10
C THR B 306 -5.76 5.44 -35.22
N LEU B 307 -4.80 5.63 -36.11
CA LEU B 307 -4.17 6.95 -36.35
C LEU B 307 -4.74 7.68 -37.57
N THR B 308 -4.93 8.98 -37.45
CA THR B 308 -5.33 9.82 -38.56
C THR B 308 -4.18 9.79 -39.55
N PRO B 309 -4.44 10.08 -40.85
CA PRO B 309 -3.31 10.05 -41.82
C PRO B 309 -2.06 10.87 -41.42
N ASP B 310 -2.24 11.97 -40.69
CA ASP B 310 -1.12 12.79 -40.27
C ASP B 310 -0.36 12.16 -39.10
N GLU B 311 -1.11 11.59 -38.14
CA GLU B 311 -0.51 10.94 -36.96
C GLU B 311 0.32 9.76 -37.45
N GLU B 312 -0.23 9.03 -38.42
CA GLU B 312 0.43 7.89 -39.01
C GLU B 312 1.70 8.28 -39.75
N ALA B 313 1.69 9.43 -40.40
CA ALA B 313 2.86 9.90 -41.14
C ALA B 313 3.94 10.29 -40.13
N ARG B 314 3.52 10.99 -39.06
CA ARG B 314 4.45 11.28 -37.96
C ARG B 314 5.05 10.01 -37.34
N LEU B 315 4.24 8.96 -37.12
CA LEU B 315 4.75 7.72 -36.51
C LEU B 315 5.74 7.02 -37.46
N LYS B 316 5.44 7.03 -38.75
CA LYS B 316 6.35 6.50 -39.74
C LYS B 316 7.61 7.38 -39.85
N LYS B 317 7.51 8.68 -39.63
CA LYS B 317 8.72 9.53 -39.64
C LYS B 317 9.62 9.16 -38.45
N SER B 318 9.00 8.97 -37.28
CA SER B 318 9.72 8.49 -36.10
C SER B 318 10.41 7.16 -36.40
N ALA B 319 9.65 6.25 -36.98
CA ALA B 319 10.13 4.94 -37.39
C ALA B 319 11.31 5.04 -38.33
N ASP B 320 11.19 5.90 -39.34
CA ASP B 320 12.30 6.13 -40.31
C ASP B 320 13.57 6.62 -39.62
N THR B 321 13.44 7.57 -38.71
CA THR B 321 14.56 8.09 -37.97
C THR B 321 15.28 6.97 -37.22
N LEU B 322 14.50 6.27 -36.40
CA LEU B 322 15.03 5.20 -35.59
C LEU B 322 15.68 4.12 -36.47
N TRP B 323 15.03 3.73 -37.57
CA TRP B 323 15.59 2.73 -38.52
C TRP B 323 16.94 3.13 -39.04
N GLY B 324 17.08 4.40 -39.43
CA GLY B 324 18.35 4.90 -39.94
C GLY B 324 19.51 4.72 -38.95
N ILE B 325 19.25 5.00 -37.68
CA ILE B 325 20.23 4.80 -36.61
C ILE B 325 20.53 3.31 -36.45
N GLN B 326 19.51 2.45 -36.58
CA GLN B 326 19.72 0.99 -36.48
C GLN B 326 20.66 0.47 -37.60
N LYS B 327 20.65 1.15 -38.74
CA LYS B 327 21.55 0.80 -39.86
C LYS B 327 23.01 1.17 -39.53
N GLU B 328 23.23 1.97 -38.48
CA GLU B 328 24.59 2.31 -38.03
C GLU B 328 25.23 1.26 -37.13
N LEU B 329 24.43 0.26 -36.72
CA LEU B 329 24.87 -0.73 -35.73
C LEU B 329 25.76 -1.83 -36.31
N GLN B 330 26.80 -2.19 -35.56
CA GLN B 330 27.68 -3.30 -35.94
C GLN B 330 27.78 -4.33 -34.80
N PHE B 331 27.36 -5.56 -35.08
CA PHE B 331 27.31 -6.64 -34.08
C PHE B 331 28.44 -7.63 -34.23
N ALA C 2 0.38 2.58 40.02
CA ALA C 2 -0.26 2.19 38.72
C ALA C 2 0.79 1.81 37.67
N LEU C 3 0.56 0.72 36.94
CA LEU C 3 1.57 0.15 36.03
C LEU C 3 1.86 1.05 34.83
N LYS C 4 0.80 1.58 34.21
CA LYS C 4 0.92 2.54 33.13
C LYS C 4 1.86 3.69 33.52
N ASP C 5 1.67 4.24 34.72
CA ASP C 5 2.51 5.33 35.24
C ASP C 5 3.95 4.94 35.61
N GLN C 6 4.16 3.70 36.04
CA GLN C 6 5.53 3.20 36.24
C GLN C 6 6.26 3.09 34.89
N LEU C 7 5.50 2.75 33.85
CA LEU C 7 6.02 2.50 32.52
C LEU C 7 6.18 3.78 31.70
N ILE C 8 5.27 4.75 31.88
CA ILE C 8 5.12 5.90 30.97
C ILE C 8 5.00 7.24 31.72
N VAL C 9 5.84 8.21 31.39
CA VAL C 9 5.67 9.58 31.89
C VAL C 9 4.79 10.34 30.90
N ASN C 10 3.62 10.78 31.34
CA ASN C 10 2.77 11.62 30.51
C ASN C 10 3.35 13.01 30.47
N LEU C 11 3.47 13.57 29.26
CA LEU C 11 4.06 14.89 29.08
C LEU C 11 3.04 15.89 28.55
N LEU C 12 1.87 15.42 28.12
CA LEU C 12 0.90 16.28 27.47
C LEU C 12 -0.52 15.82 27.77
N LYS C 13 -1.39 16.74 28.21
CA LYS C 13 -2.78 16.41 28.52
C LYS C 13 -3.58 16.16 27.24
N GLU C 14 -4.30 15.03 27.19
CA GLU C 14 -5.11 14.63 26.03
C GLU C 14 -5.92 15.76 25.37
N GLN C 16 -7.36 15.67 22.22
CA GLN C 16 -7.29 14.91 20.98
C GLN C 16 -8.56 15.00 20.09
N VAL C 17 -8.45 15.73 18.97
CA VAL C 17 -9.51 15.76 17.95
C VAL C 17 -8.96 15.08 16.70
N PRO C 18 -9.76 14.23 16.05
CA PRO C 18 -9.19 13.51 14.89
C PRO C 18 -9.16 14.38 13.66
N GLN C 19 -8.19 14.12 12.80
CA GLN C 19 -7.97 14.93 11.62
C GLN C 19 -8.54 14.31 10.35
N ASN C 20 -8.80 13.01 10.37
CA ASN C 20 -9.19 12.30 9.15
C ASN C 20 -10.20 11.23 9.46
N LYS C 21 -11.27 11.64 10.12
CA LYS C 21 -12.25 10.73 10.65
C LYS C 21 -13.35 10.41 9.63
N ILE C 22 -13.74 9.14 9.58
CA ILE C 22 -14.78 8.67 8.70
C ILE C 22 -15.81 7.93 9.56
N THR C 23 -17.08 8.12 9.20
CA THR C 23 -18.18 7.46 9.85
C THR C 23 -18.95 6.66 8.80
N VAL C 24 -19.33 5.42 9.16
CA VAL C 24 -20.23 4.59 8.37
C VAL C 24 -21.45 4.35 9.22
N VAL C 25 -22.60 4.76 8.67
CA VAL C 25 -23.90 4.60 9.27
C VAL C 25 -24.51 3.36 8.63
N GLY C 26 -24.76 2.35 9.45
CA GLY C 26 -25.30 1.11 9.00
C GLY C 26 -24.17 0.09 9.02
N VAL C 27 -24.35 -0.98 9.82
CA VAL C 27 -23.38 -2.06 9.98
C VAL C 27 -23.96 -3.34 9.41
N GLY C 28 -24.76 -3.19 8.34
CA GLY C 28 -25.18 -4.32 7.53
C GLY C 28 -23.96 -4.79 6.72
N ALA C 29 -24.18 -5.72 5.80
CA ALA C 29 -23.07 -6.28 5.00
C ALA C 29 -22.37 -5.21 4.19
N VAL C 30 -23.14 -4.28 3.64
CA VAL C 30 -22.56 -3.21 2.84
C VAL C 30 -21.70 -2.25 3.67
N GLY C 31 -22.30 -1.79 4.78
CA GLY C 31 -21.65 -0.96 5.77
C GLY C 31 -20.31 -1.52 6.23
N MET C 32 -20.28 -2.78 6.63
CA MET C 32 -19.03 -3.42 7.06
C MET C 32 -18.02 -3.64 5.92
N ALA C 33 -18.51 -3.81 4.70
CA ALA C 33 -17.65 -3.93 3.49
C ALA C 33 -16.94 -2.60 3.22
N CYS C 34 -17.67 -1.52 3.49
CA CYS C 34 -17.15 -0.19 3.37
C CYS C 34 -16.13 0.02 4.44
N ALA C 35 -16.43 -0.46 5.64
CA ALA C 35 -15.55 -0.24 6.77
C ALA C 35 -14.22 -0.96 6.57
N ILE C 36 -14.28 -2.26 6.32
CA ILE C 36 -13.02 -3.02 6.13
C ILE C 36 -12.20 -2.47 4.96
N SER C 37 -12.83 -2.10 3.85
CA SER C 37 -12.14 -1.54 2.66
C SER C 37 -11.44 -0.21 2.96
N ILE C 38 -12.11 0.64 3.74
CA ILE C 38 -11.57 1.89 4.20
C ILE C 38 -10.41 1.71 5.19
N LEU C 39 -10.54 0.77 6.12
CA LEU C 39 -9.43 0.42 7.02
C LEU C 39 -8.24 -0.11 6.22
N MET C 40 -8.49 -0.92 5.21
CA MET C 40 -7.35 -1.52 4.52
C MET C 40 -6.69 -0.58 3.54
N LYS C 41 -7.30 0.62 3.34
CA LYS C 41 -6.75 1.67 2.46
C LYS C 41 -6.12 2.83 3.26
N ASP C 42 -5.96 2.62 4.56
CA ASP C 42 -5.45 3.64 5.46
C ASP C 42 -6.00 5.06 5.19
N LEU C 43 -7.32 5.20 5.10
CA LEU C 43 -7.88 6.52 4.77
C LEU C 43 -8.25 7.33 5.98
N ALA C 44 -8.30 6.70 7.14
CA ALA C 44 -8.90 7.32 8.33
C ALA C 44 -8.00 7.21 9.53
N ASP C 45 -8.06 8.21 10.42
CA ASP C 45 -7.37 8.09 11.70
C ASP C 45 -8.33 7.65 12.79
N GLU C 46 -9.59 7.56 12.43
CA GLU C 46 -10.65 7.21 13.34
C GLU C 46 -11.81 6.76 12.47
N LEU C 47 -12.46 5.68 12.89
CA LEU C 47 -13.64 5.16 12.22
C LEU C 47 -14.74 5.00 13.24
N ALA C 48 -15.86 5.66 12.96
CA ALA C 48 -17.04 5.50 13.78
C ALA C 48 -18.07 4.67 13.00
N LEU C 49 -18.76 3.77 13.71
CA LEU C 49 -19.90 3.00 13.20
C LEU C 49 -21.18 3.44 13.96
N VAL C 50 -22.31 3.52 13.27
CA VAL C 50 -23.58 3.79 13.89
C VAL C 50 -24.64 2.85 13.34
N ASP C 51 -25.45 2.29 14.24
CA ASP C 51 -26.65 1.53 13.84
C ASP C 51 -27.71 1.64 14.94
N VAL C 52 -28.80 0.89 14.82
CA VAL C 52 -29.87 0.90 15.83
C VAL C 52 -30.03 -0.46 16.53
N ILE C 53 -29.34 -1.49 16.03
CA ILE C 53 -29.27 -2.80 16.68
C ILE C 53 -27.99 -2.86 17.54
N GLU C 54 -28.19 -2.68 18.84
CA GLU C 54 -27.12 -2.48 19.82
C GLU C 54 -26.08 -3.61 19.84
N ASP C 55 -26.51 -4.85 19.96
CA ASP C 55 -25.58 -6.00 20.03
C ASP C 55 -24.71 -6.12 18.79
N LYS C 56 -25.37 -6.15 17.63
CA LYS C 56 -24.74 -6.26 16.32
C LYS C 56 -23.68 -5.17 16.14
N LEU C 57 -24.06 -3.95 16.51
CA LEU C 57 -23.19 -2.78 16.47
C LEU C 57 -21.91 -2.98 17.33
N LYS C 58 -22.06 -3.54 18.53
CA LYS C 58 -20.94 -3.67 19.43
C LYS C 58 -20.05 -4.81 18.93
N GLY C 59 -20.69 -5.84 18.41
CA GLY C 59 -20.00 -7.02 17.92
C GLY C 59 -19.11 -6.72 16.73
N GLU C 60 -19.65 -6.02 15.74
CA GLU C 60 -18.89 -5.53 14.59
C GLU C 60 -17.70 -4.58 14.99
N MET C 61 -17.95 -3.57 15.83
CA MET C 61 -16.86 -2.72 16.31
C MET C 61 -15.76 -3.57 16.96
N MET C 62 -16.16 -4.53 17.79
CA MET C 62 -15.22 -5.33 18.54
C MET C 62 -14.39 -6.17 17.62
N ASP C 63 -15.05 -6.79 16.64
CA ASP C 63 -14.44 -7.67 15.66
C ASP C 63 -13.42 -6.86 14.83
N LEU C 64 -13.75 -5.63 14.43
CA LEU C 64 -12.76 -4.76 13.75
C LEU C 64 -11.60 -4.38 14.68
N GLN C 65 -11.89 -4.00 15.92
CA GLN C 65 -10.85 -3.64 16.88
C GLN C 65 -9.81 -4.75 17.10
N HIS C 66 -10.26 -5.99 17.17
CA HIS C 66 -9.36 -7.12 17.41
C HIS C 66 -8.33 -7.29 16.33
N GLY C 67 -8.58 -6.74 15.14
CA GLY C 67 -7.62 -6.74 14.04
C GLY C 67 -6.71 -5.52 13.94
N SER C 68 -6.81 -4.65 14.96
CA SER C 68 -6.04 -3.39 15.06
C SER C 68 -4.54 -3.51 14.83
N LEU C 69 -3.93 -4.55 15.39
CA LEU C 69 -2.52 -4.86 15.14
C LEU C 69 -2.12 -4.81 13.65
N PHE C 70 -3.08 -5.13 12.80
CA PHE C 70 -2.84 -5.31 11.38
C PHE C 70 -3.28 -4.07 10.59
N LEU C 71 -3.78 -3.08 11.31
CA LEU C 71 -4.26 -1.87 10.72
C LEU C 71 -3.44 -0.64 11.13
N LYS C 72 -3.76 0.48 10.48
CA LYS C 72 -3.19 1.78 10.82
C LYS C 72 -4.28 2.84 11.03
N THR C 73 -5.36 2.44 11.71
CA THR C 73 -6.42 3.35 12.14
C THR C 73 -6.58 3.16 13.65
N PRO C 74 -6.01 4.07 14.45
CA PRO C 74 -5.85 3.76 15.87
C PRO C 74 -7.10 3.83 16.73
N LYS C 75 -8.18 4.38 16.20
CA LYS C 75 -9.40 4.45 16.97
C LYS C 75 -10.62 3.97 16.19
N ILE C 76 -11.28 2.97 16.74
CA ILE C 76 -12.54 2.46 16.21
C ILE C 76 -13.61 2.52 17.28
N VAL C 77 -14.68 3.23 16.99
CA VAL C 77 -15.71 3.48 17.97
C VAL C 77 -17.08 3.18 17.35
N SER C 78 -18.06 2.88 18.18
CA SER C 78 -19.44 2.79 17.71
C SER C 78 -20.43 3.28 18.78
N SER C 79 -21.67 3.55 18.37
CA SER C 79 -22.77 3.92 19.27
C SER C 79 -24.03 4.18 18.48
N LYS C 80 -25.16 3.91 19.11
CA LYS C 80 -26.47 4.34 18.60
C LYS C 80 -26.55 5.86 18.62
N ASP C 81 -25.79 6.50 19.51
CA ASP C 81 -25.82 7.95 19.65
C ASP C 81 -24.83 8.63 18.68
N TYR C 82 -25.31 9.63 17.94
CA TYR C 82 -24.51 10.30 16.87
C TYR C 82 -23.40 11.22 17.37
N SER C 83 -23.27 11.34 18.68
CA SER C 83 -22.21 12.12 19.28
C SER C 83 -20.90 11.43 19.00
N VAL C 84 -20.94 10.12 18.89
CA VAL C 84 -19.79 9.32 18.51
C VAL C 84 -19.26 9.62 17.13
N THR C 85 -20.03 10.36 16.30
CA THR C 85 -19.67 10.68 14.93
C THR C 85 -19.02 12.05 14.71
N ALA C 86 -18.82 12.77 15.80
CA ALA C 86 -18.41 14.18 15.81
C ALA C 86 -17.11 14.35 15.09
N ASN C 87 -17.00 15.47 14.37
CA ASN C 87 -15.84 15.88 13.60
C ASN C 87 -15.46 14.92 12.47
N SER C 88 -16.42 14.24 11.88
CA SER C 88 -16.11 13.39 10.75
C SER C 88 -15.85 14.30 9.55
N LYS C 89 -14.93 13.87 8.67
CA LYS C 89 -14.70 14.59 7.40
C LYS C 89 -15.52 13.94 6.29
N LEU C 90 -15.97 12.71 6.54
CA LEU C 90 -16.75 11.98 5.59
C LEU C 90 -17.71 11.13 6.37
N VAL C 91 -18.99 11.16 5.98
CA VAL C 91 -19.97 10.27 6.55
C VAL C 91 -20.67 9.49 5.45
N ILE C 92 -20.67 8.18 5.60
CA ILE C 92 -21.14 7.30 4.57
C ILE C 92 -22.44 6.66 5.08
N ILE C 93 -23.53 6.84 4.33
CA ILE C 93 -24.84 6.35 4.73
C ILE C 93 -25.22 5.11 3.96
N THR C 94 -25.29 4.00 4.67
CA THR C 94 -25.55 2.71 4.07
C THR C 94 -26.83 2.11 4.65
N ALA C 95 -27.50 2.85 5.52
CA ALA C 95 -28.64 2.31 6.25
C ALA C 95 -29.89 2.29 5.37
N GLY C 96 -30.79 1.35 5.66
CA GLY C 96 -32.10 1.29 4.99
C GLY C 96 -32.50 -0.10 4.54
N ALA C 97 -33.76 -0.25 4.15
CA ALA C 97 -34.24 -1.51 3.61
C ALA C 97 -33.54 -1.74 2.30
N ARG C 98 -33.37 -3.02 1.96
CA ARG C 98 -32.84 -3.39 0.66
C ARG C 98 -33.89 -4.18 -0.12
N GLN C 99 -33.78 -4.11 -1.45
CA GLN C 99 -34.79 -4.67 -2.32
C GLN C 99 -34.82 -6.18 -2.18
N GLN C 100 -36.02 -6.75 -2.26
CA GLN C 100 -36.11 -8.21 -2.38
C GLN C 100 -35.70 -8.64 -3.79
N GLU C 101 -35.56 -9.93 -4.00
CA GLU C 101 -35.41 -10.46 -5.34
C GLU C 101 -36.63 -10.02 -6.12
N GLY C 102 -36.45 -9.38 -7.27
CA GLY C 102 -37.58 -8.94 -8.10
C GLY C 102 -38.26 -7.66 -7.64
N GLU C 103 -37.67 -6.98 -6.67
CA GLU C 103 -38.16 -5.66 -6.23
C GLU C 103 -37.16 -4.61 -6.76
N SER C 104 -37.67 -3.50 -7.25
CA SER C 104 -36.88 -2.39 -7.75
C SER C 104 -36.31 -1.69 -6.57
N ARG C 105 -35.11 -1.13 -6.74
CA ARG C 105 -34.58 -0.21 -5.71
C ARG C 105 -35.51 0.95 -5.45
N LEU C 106 -36.17 1.42 -6.51
CA LEU C 106 -37.16 2.51 -6.44
C LEU C 106 -38.35 2.30 -5.48
N ASN C 107 -38.65 1.05 -5.13
CA ASN C 107 -39.71 0.69 -4.19
C ASN C 107 -39.25 0.82 -2.74
N LEU C 108 -37.98 1.14 -2.52
CA LEU C 108 -37.42 1.32 -1.18
C LEU C 108 -37.59 2.77 -0.70
N VAL C 109 -38.13 3.62 -1.56
CA VAL C 109 -37.99 5.06 -1.39
C VAL C 109 -38.71 5.63 -0.15
N GLN C 110 -39.97 5.24 0.09
CA GLN C 110 -40.70 5.74 1.27
C GLN C 110 -40.08 5.21 2.59
N ARG C 111 -39.59 3.96 2.58
CA ARG C 111 -38.97 3.41 3.79
C ARG C 111 -37.69 4.17 4.11
N ASN C 112 -36.86 4.30 3.09
CA ASN C 112 -35.56 4.91 3.25
C ASN C 112 -35.56 6.45 3.36
N VAL C 113 -36.58 7.14 2.84
CA VAL C 113 -36.77 8.59 3.12
C VAL C 113 -37.13 8.86 4.59
N ASN C 114 -38.04 8.05 5.13
CA ASN C 114 -38.38 8.10 6.53
C ASN C 114 -37.17 7.89 7.48
N ILE C 115 -36.26 6.98 7.12
CA ILE C 115 -35.07 6.72 7.94
C ILE C 115 -34.10 7.92 7.80
N PHE C 116 -33.97 8.44 6.59
CA PHE C 116 -33.10 9.60 6.34
C PHE C 116 -33.58 10.84 7.11
N LYS C 117 -34.88 10.93 7.37
CA LYS C 117 -35.43 12.08 8.13
C LYS C 117 -34.88 12.09 9.56
N PHE C 118 -34.47 10.91 10.06
CA PHE C 118 -33.80 10.82 11.35
C PHE C 118 -32.28 10.89 11.24
N ILE C 119 -31.69 10.04 10.40
CA ILE C 119 -30.26 9.97 10.21
C ILE C 119 -29.61 11.30 9.82
N ILE C 120 -30.07 11.93 8.74
CA ILE C 120 -29.37 13.10 8.19
C ILE C 120 -29.24 14.31 9.15
N PRO C 121 -30.34 14.78 9.77
CA PRO C 121 -30.13 15.86 10.75
C PRO C 121 -29.16 15.50 11.89
N ASN C 122 -29.21 14.27 12.38
CA ASN C 122 -28.25 13.82 13.39
C ASN C 122 -26.79 13.81 12.92
N VAL C 123 -26.52 13.35 11.71
CA VAL C 123 -25.16 13.39 11.19
C VAL C 123 -24.63 14.83 11.06
N VAL C 124 -25.43 15.68 10.47
CA VAL C 124 -25.05 17.06 10.23
C VAL C 124 -24.92 17.87 11.55
N LYS C 125 -25.67 17.48 12.57
CA LYS C 125 -25.60 18.07 13.92
C LYS C 125 -24.16 18.06 14.43
N TYR C 126 -23.48 16.94 14.22
CA TYR C 126 -22.19 16.67 14.84
C TYR C 126 -21.01 16.79 13.90
N SER C 127 -21.25 16.83 12.58
CA SER C 127 -20.16 16.94 11.60
C SER C 127 -20.48 18.00 10.52
N PRO C 128 -20.37 19.28 10.88
CA PRO C 128 -20.71 20.39 9.98
C PRO C 128 -19.75 20.59 8.79
N GLN C 129 -18.59 19.94 8.82
CA GLN C 129 -17.62 20.03 7.73
C GLN C 129 -17.59 18.81 6.83
N CYS C 130 -18.37 17.81 7.14
CA CYS C 130 -18.25 16.59 6.40
C CYS C 130 -18.85 16.70 5.00
N LYS C 131 -18.38 15.81 4.14
CA LYS C 131 -19.04 15.38 2.92
C LYS C 131 -19.96 14.20 3.30
N LEU C 132 -21.11 14.12 2.65
CA LEU C 132 -22.06 13.04 2.88
C LEU C 132 -22.02 12.16 1.67
N LEU C 133 -21.65 10.89 1.85
CA LEU C 133 -21.61 9.91 0.75
C LEU C 133 -22.82 8.96 0.91
N ILE C 134 -23.78 9.07 0.00
CA ILE C 134 -25.02 8.33 0.08
C ILE C 134 -24.87 7.04 -0.72
N VAL C 135 -25.18 5.91 -0.06
CA VAL C 135 -25.02 4.58 -0.66
C VAL C 135 -26.37 3.88 -0.74
N SER C 136 -27.23 4.16 0.26
CA SER C 136 -28.58 3.58 0.38
C SER C 136 -29.37 3.81 -0.90
N ASN C 137 -30.36 2.96 -1.13
CA ASN C 137 -31.15 3.03 -2.37
C ASN C 137 -32.62 3.49 -2.20
N PRO C 138 -33.22 4.10 -3.25
CA PRO C 138 -32.58 4.46 -4.53
C PRO C 138 -31.60 5.63 -4.38
N VAL C 139 -30.32 5.36 -4.61
CA VAL C 139 -29.21 6.27 -4.30
C VAL C 139 -29.37 7.68 -4.87
N ASP C 140 -29.83 7.76 -6.12
CA ASP C 140 -29.92 9.04 -6.83
C ASP C 140 -30.97 9.96 -6.20
N ILE C 141 -32.08 9.37 -5.73
CA ILE C 141 -33.21 10.11 -5.11
C ILE C 141 -32.89 10.38 -3.67
N LEU C 142 -32.24 9.41 -3.02
CA LEU C 142 -31.80 9.64 -1.64
C LEU C 142 -30.67 10.67 -1.50
N THR C 143 -29.87 10.89 -2.54
CA THR C 143 -28.85 11.96 -2.50
C THR C 143 -29.55 13.29 -2.51
N TYR C 144 -30.61 13.40 -3.31
CA TYR C 144 -31.47 14.60 -3.37
C TYR C 144 -32.13 14.87 -2.02
N VAL C 145 -32.70 13.83 -1.45
CA VAL C 145 -33.33 13.87 -0.16
C VAL C 145 -32.36 14.33 0.93
N ALA C 146 -31.20 13.69 1.02
CA ALA C 146 -30.18 14.07 2.02
C ALA C 146 -29.74 15.51 1.79
N TRP C 147 -29.65 15.93 0.53
CA TRP C 147 -29.30 17.30 0.22
C TRP C 147 -30.33 18.28 0.74
N LYS C 148 -31.63 18.04 0.47
CA LYS C 148 -32.71 18.95 0.97
C LYS C 148 -32.83 18.97 2.50
N ILE C 149 -32.66 17.81 3.16
CA ILE C 149 -32.71 17.74 4.61
C ILE C 149 -31.49 18.40 5.26
N SER C 150 -30.30 18.07 4.76
CA SER C 150 -29.03 18.53 5.38
C SER C 150 -28.83 20.04 5.48
N GLY C 151 -29.16 20.77 4.41
CA GLY C 151 -28.83 22.18 4.33
C GLY C 151 -27.44 22.40 3.83
N PHE C 152 -26.81 21.31 3.43
CA PHE C 152 -25.47 21.32 2.86
C PHE C 152 -25.51 21.80 1.41
N PRO C 153 -24.40 22.37 0.94
CA PRO C 153 -24.39 22.68 -0.48
C PRO C 153 -24.25 21.39 -1.30
N LYS C 154 -24.81 21.38 -2.51
CA LYS C 154 -24.90 20.19 -3.34
C LYS C 154 -23.56 19.52 -3.61
N ASN C 155 -22.47 20.30 -3.64
CA ASN C 155 -21.14 19.73 -3.83
C ASN C 155 -20.76 18.75 -2.72
N ARG C 156 -21.31 18.95 -1.52
CA ARG C 156 -20.95 18.08 -0.38
C ARG C 156 -21.93 16.94 -0.09
N VAL C 157 -22.87 16.67 -1.01
CA VAL C 157 -23.83 15.56 -0.88
C VAL C 157 -23.70 14.65 -2.13
N ILE C 158 -22.98 13.54 -1.98
CA ILE C 158 -22.58 12.69 -3.14
C ILE C 158 -23.29 11.33 -3.08
N GLY C 159 -23.91 10.94 -4.18
CA GLY C 159 -24.37 9.57 -4.29
C GLY C 159 -23.35 8.65 -4.92
N SER C 160 -23.19 7.47 -4.38
CA SER C 160 -22.23 6.51 -4.93
C SER C 160 -22.59 6.15 -6.37
N GLY C 161 -23.88 6.34 -6.70
CA GLY C 161 -24.40 6.30 -8.06
C GLY C 161 -23.86 5.15 -8.86
N CYS C 162 -23.26 5.47 -10.00
CA CYS C 162 -22.86 4.50 -11.03
C CYS C 162 -21.41 4.15 -11.01
N ASN C 163 -20.72 4.54 -9.94
CA ASN C 163 -19.32 4.20 -9.80
C ASN C 163 -19.20 2.66 -9.87
N LEU C 164 -20.10 1.94 -9.21
CA LEU C 164 -20.13 0.48 -9.23
C LEU C 164 -20.51 -0.09 -10.61
N ASP C 165 -21.56 0.47 -11.22
CA ASP C 165 -22.05 0.00 -12.51
C ASP C 165 -20.95 0.09 -13.52
N SER C 166 -20.24 1.23 -13.52
CA SER C 166 -19.10 1.40 -14.42
C SER C 166 -17.95 0.43 -14.13
N ALA C 167 -17.62 0.23 -12.86
CA ALA C 167 -16.63 -0.80 -12.54
C ALA C 167 -17.05 -2.17 -13.09
N ARG C 168 -18.35 -2.51 -12.94
CA ARG C 168 -18.88 -3.75 -13.47
C ARG C 168 -18.72 -3.84 -14.98
N PHE C 169 -19.11 -2.76 -15.65
CA PHE C 169 -18.94 -2.65 -17.07
C PHE C 169 -17.51 -2.92 -17.49
N ARG C 170 -16.59 -2.22 -16.82
CA ARG C 170 -15.16 -2.31 -17.11
C ARG C 170 -14.59 -3.69 -16.86
N TYR C 171 -14.97 -4.33 -15.76
CA TYR C 171 -14.67 -5.75 -15.55
C TYR C 171 -15.11 -6.62 -16.73
N LEU C 172 -16.40 -6.54 -17.06
CA LEU C 172 -16.94 -7.38 -18.12
C LEU C 172 -16.22 -7.11 -19.46
N MET C 173 -16.05 -5.83 -19.76
CA MET C 173 -15.25 -5.43 -20.93
C MET C 173 -13.85 -6.05 -20.95
N GLY C 174 -13.15 -5.95 -19.82
CA GLY C 174 -11.79 -6.46 -19.73
C GLY C 174 -11.74 -7.95 -19.91
N GLU C 175 -12.71 -8.63 -19.29
CA GLU C 175 -12.85 -10.06 -19.42
C GLU C 175 -12.96 -10.45 -20.90
N ARG C 176 -13.77 -9.71 -21.67
CA ARG C 176 -13.91 -10.00 -23.11
C ARG C 176 -12.63 -9.73 -23.88
N LEU C 177 -11.94 -8.67 -23.53
CA LEU C 177 -10.75 -8.26 -24.31
C LEU C 177 -9.39 -8.84 -23.85
N GLY C 178 -9.37 -9.54 -22.72
CA GLY C 178 -8.12 -9.94 -22.09
C GLY C 178 -7.22 -8.77 -21.72
N VAL C 179 -7.81 -7.78 -21.06
CA VAL C 179 -7.15 -6.55 -20.65
C VAL C 179 -7.66 -6.18 -19.26
N HIS C 180 -6.80 -5.61 -18.43
CA HIS C 180 -7.18 -5.30 -17.08
C HIS C 180 -8.25 -4.22 -17.08
N PRO C 181 -9.21 -4.26 -16.13
CA PRO C 181 -10.19 -3.18 -16.14
C PRO C 181 -9.65 -1.75 -16.13
N LEU C 182 -8.51 -1.56 -15.49
CA LEU C 182 -7.91 -0.24 -15.40
C LEU C 182 -7.59 0.34 -16.76
N SER C 183 -7.34 -0.50 -17.76
CA SER C 183 -7.02 -0.05 -19.11
C SER C 183 -8.23 -0.13 -20.09
N CYS C 184 -9.36 -0.63 -19.60
CA CYS C 184 -10.63 -0.64 -20.32
C CYS C 184 -11.59 0.48 -19.87
N HIS C 185 -11.86 1.44 -20.74
CA HIS C 185 -12.66 2.62 -20.35
C HIS C 185 -14.03 2.52 -20.93
N GLY C 186 -15.03 2.95 -20.14
CA GLY C 186 -16.44 2.84 -20.50
C GLY C 186 -17.26 3.40 -19.37
N TRP C 187 -18.29 4.16 -19.71
CA TRP C 187 -19.11 4.85 -18.76
C TRP C 187 -20.54 4.36 -18.83
N VAL C 188 -21.06 3.96 -17.66
CA VAL C 188 -22.48 3.73 -17.45
C VAL C 188 -22.98 4.92 -16.63
N LEU C 189 -23.95 5.69 -17.14
CA LEU C 189 -24.44 6.92 -16.49
C LEU C 189 -25.92 6.81 -16.20
N GLY C 190 -26.48 7.84 -15.54
CA GLY C 190 -27.91 7.90 -15.24
C GLY C 190 -28.22 7.25 -13.91
N GLU C 191 -29.39 6.60 -13.82
CA GLU C 191 -29.81 5.94 -12.59
C GLU C 191 -28.88 4.81 -12.22
N HIS C 192 -28.59 4.68 -10.92
CA HIS C 192 -28.07 3.41 -10.39
C HIS C 192 -29.22 2.44 -10.29
N GLY C 193 -29.58 1.86 -11.42
CA GLY C 193 -30.67 0.88 -11.51
C GLY C 193 -30.98 0.54 -12.95
N ASP C 194 -32.22 0.05 -13.20
CA ASP C 194 -32.57 -0.55 -14.48
C ASP C 194 -32.51 0.43 -15.66
N SER C 195 -32.56 1.73 -15.40
CA SER C 195 -32.54 2.73 -16.49
C SER C 195 -31.15 3.37 -16.72
N SER C 196 -30.09 2.74 -16.21
CA SER C 196 -28.73 3.24 -16.47
C SER C 196 -28.43 3.19 -17.97
N VAL C 197 -27.43 3.98 -18.40
CA VAL C 197 -27.13 4.22 -19.82
C VAL C 197 -25.67 3.96 -20.13
N PRO C 198 -25.39 2.88 -20.88
CA PRO C 198 -24.03 2.72 -21.37
C PRO C 198 -23.73 3.73 -22.45
N VAL C 199 -22.61 4.44 -22.31
CA VAL C 199 -22.17 5.41 -23.33
C VAL C 199 -21.18 4.69 -24.27
N TRP C 200 -21.72 3.96 -25.24
CA TRP C 200 -20.93 3.22 -26.21
C TRP C 200 -19.94 4.07 -26.97
N SER C 201 -20.33 5.30 -27.23
CA SER C 201 -19.49 6.24 -27.95
C SER C 201 -18.15 6.45 -27.24
N GLY C 202 -18.15 6.40 -25.91
CA GLY C 202 -16.92 6.63 -25.12
C GLY C 202 -16.05 5.41 -24.86
N VAL C 203 -16.53 4.21 -25.18
CA VAL C 203 -15.88 2.93 -24.80
C VAL C 203 -14.63 2.76 -25.64
N ASN C 204 -13.50 2.64 -24.98
CA ASN C 204 -12.23 2.58 -25.67
C ASN C 204 -11.13 1.87 -24.84
N VAL C 205 -10.18 1.28 -25.56
CA VAL C 205 -8.88 0.90 -25.05
C VAL C 205 -7.79 1.80 -25.71
N ALA C 206 -6.90 2.35 -24.90
CA ALA C 206 -5.79 3.21 -25.35
C ALA C 206 -6.24 4.33 -26.29
N GLY C 207 -7.45 4.84 -26.08
CA GLY C 207 -7.98 5.90 -26.89
C GLY C 207 -8.60 5.45 -28.19
N VAL C 208 -8.53 4.15 -28.49
CA VAL C 208 -9.21 3.56 -29.65
C VAL C 208 -10.68 3.28 -29.37
N SER C 209 -11.56 4.04 -30.00
CA SER C 209 -13.00 3.85 -29.87
C SER C 209 -13.46 2.48 -30.38
N LEU C 210 -14.10 1.67 -29.52
CA LEU C 210 -14.63 0.37 -29.96
C LEU C 210 -15.75 0.55 -30.98
N LYS C 211 -16.57 1.58 -30.81
CA LYS C 211 -17.68 1.83 -31.72
C LYS C 211 -17.18 2.17 -33.10
N SER C 212 -16.06 2.88 -33.20
CA SER C 212 -15.48 3.21 -34.50
C SER C 212 -15.06 1.93 -35.21
N LEU C 213 -14.49 0.97 -34.48
CA LEU C 213 -14.12 -0.34 -35.02
C LEU C 213 -15.33 -1.21 -35.39
N ASN C 214 -16.39 -1.15 -34.56
CA ASN C 214 -17.67 -1.89 -34.78
C ASN C 214 -18.86 -0.93 -34.62
N PRO C 215 -19.32 -0.32 -35.71
CA PRO C 215 -20.39 0.70 -35.60
C PRO C 215 -21.65 0.20 -34.92
N GLN C 216 -21.89 -1.11 -34.98
CA GLN C 216 -23.09 -1.71 -34.39
C GLN C 216 -22.94 -1.99 -32.87
N LEU C 217 -21.82 -1.60 -32.27
CA LEU C 217 -21.57 -1.81 -30.84
C LEU C 217 -22.72 -1.35 -29.93
N GLY C 218 -23.28 -2.30 -29.19
CA GLY C 218 -24.30 -2.00 -28.21
C GLY C 218 -25.72 -2.02 -28.74
N THR C 219 -25.88 -2.37 -30.02
CA THR C 219 -27.21 -2.51 -30.65
C THR C 219 -27.53 -3.96 -30.88
N ASP C 220 -28.78 -4.25 -31.22
CA ASP C 220 -29.21 -5.64 -31.45
C ASP C 220 -28.55 -6.24 -32.70
N ALA C 221 -28.07 -5.37 -33.60
CA ALA C 221 -27.36 -5.80 -34.80
C ALA C 221 -25.95 -6.35 -34.51
N ASP C 222 -25.42 -6.02 -33.34
CA ASP C 222 -24.07 -6.43 -32.94
C ASP C 222 -23.91 -7.95 -32.91
N LYS C 223 -23.09 -8.49 -33.81
CA LYS C 223 -22.85 -9.93 -33.89
C LYS C 223 -22.26 -10.53 -32.60
N GLU C 224 -21.60 -9.69 -31.81
CA GLU C 224 -21.02 -10.04 -30.50
C GLU C 224 -21.88 -9.64 -29.31
N GLN C 225 -22.96 -8.89 -29.54
CA GLN C 225 -23.96 -8.58 -28.53
C GLN C 225 -23.39 -7.92 -27.29
N TRP C 226 -22.56 -6.90 -27.50
CA TRP C 226 -22.01 -6.11 -26.39
C TRP C 226 -23.09 -5.49 -25.57
N LYS C 227 -24.29 -5.37 -26.14
CA LYS C 227 -25.44 -4.92 -25.37
C LYS C 227 -25.69 -5.83 -24.16
N ASP C 228 -25.34 -7.12 -24.27
CA ASP C 228 -25.52 -8.04 -23.15
C ASP C 228 -24.55 -7.71 -22.00
N VAL C 229 -23.43 -7.03 -22.30
CA VAL C 229 -22.56 -6.48 -21.25
C VAL C 229 -23.34 -5.48 -20.36
N HIS C 230 -24.04 -4.53 -20.97
CA HIS C 230 -24.85 -3.59 -20.18
C HIS C 230 -26.01 -4.26 -19.49
N LYS C 231 -26.60 -5.26 -20.14
CA LYS C 231 -27.69 -6.01 -19.50
C LYS C 231 -27.15 -6.68 -18.21
N GLN C 232 -25.97 -7.29 -18.31
CA GLN C 232 -25.30 -7.88 -17.13
C GLN C 232 -25.04 -6.86 -16.04
N VAL C 233 -24.67 -5.64 -16.42
CA VAL C 233 -24.47 -4.56 -15.45
C VAL C 233 -25.77 -4.27 -14.70
N VAL C 234 -26.84 -3.97 -15.44
CA VAL C 234 -28.20 -3.79 -14.90
C VAL C 234 -28.65 -4.95 -13.98
N ASP C 235 -28.35 -6.19 -14.36
CA ASP C 235 -28.85 -7.38 -13.65
C ASP C 235 -27.92 -7.87 -12.52
N SER C 236 -26.73 -7.27 -12.43
N SER C 236 -26.73 -7.28 -12.42
CA SER C 236 -25.67 -7.72 -11.53
CA SER C 236 -25.69 -7.79 -11.54
C SER C 236 -26.17 -7.90 -10.10
C SER C 236 -26.16 -7.90 -10.09
N ALA C 237 -26.75 -6.83 -9.54
CA ALA C 237 -27.29 -6.83 -8.15
C ALA C 237 -28.27 -7.97 -7.96
N TYR C 238 -29.31 -7.97 -8.81
N TYR C 238 -29.29 -7.99 -8.80
CA TYR C 238 -30.31 -9.04 -8.84
CA TYR C 238 -30.30 -9.03 -8.76
C TYR C 238 -29.66 -10.41 -8.86
C TYR C 238 -29.69 -10.44 -8.88
N GLU C 239 -28.78 -10.62 -9.84
CA GLU C 239 -28.10 -11.93 -10.02
C GLU C 239 -27.29 -12.31 -8.74
N VAL C 240 -26.47 -11.39 -8.21
CA VAL C 240 -25.72 -11.67 -6.99
C VAL C 240 -26.68 -11.87 -5.79
N ILE C 241 -27.76 -11.08 -5.68
CA ILE C 241 -28.72 -11.27 -4.57
C ILE C 241 -29.35 -12.67 -4.68
N LYS C 242 -29.75 -13.05 -5.89
CA LYS C 242 -30.29 -14.39 -6.17
C LYS C 242 -29.30 -15.48 -5.71
N LEU C 243 -28.00 -15.26 -5.85
CA LEU C 243 -27.04 -16.31 -5.55
C LEU C 243 -26.57 -16.36 -4.10
N LYS C 244 -26.15 -15.21 -3.54
CA LYS C 244 -25.63 -15.15 -2.15
C LYS C 244 -26.54 -14.45 -1.12
N GLY C 245 -27.62 -13.83 -1.58
CA GLY C 245 -28.64 -13.24 -0.70
C GLY C 245 -28.57 -11.74 -0.59
N TYR C 246 -27.45 -11.17 -1.04
CA TYR C 246 -27.20 -9.75 -0.97
C TYR C 246 -25.87 -9.44 -1.69
N THR C 247 -25.54 -8.17 -1.89
CA THR C 247 -24.22 -7.79 -2.40
C THR C 247 -23.48 -6.96 -1.34
N SER C 248 -22.17 -6.98 -1.36
CA SER C 248 -21.39 -6.26 -0.33
C SER C 248 -20.02 -5.84 -0.78
N TRP C 249 -19.20 -6.74 -1.34
CA TRP C 249 -17.82 -6.44 -1.64
C TRP C 249 -17.61 -5.40 -2.75
N ALA C 250 -18.34 -5.51 -3.86
CA ALA C 250 -18.10 -4.59 -4.97
C ALA C 250 -18.51 -3.19 -4.55
N ILE C 251 -19.66 -3.09 -3.91
CA ILE C 251 -20.11 -1.77 -3.40
C ILE C 251 -19.14 -1.25 -2.36
N GLY C 252 -18.65 -2.14 -1.47
CA GLY C 252 -17.66 -1.74 -0.49
C GLY C 252 -16.42 -1.09 -1.07
N LEU C 253 -15.83 -1.78 -2.05
CA LEU C 253 -14.70 -1.28 -2.79
C LEU C 253 -15.00 -0.03 -3.62
N SER C 254 -16.15 0.00 -4.28
CA SER C 254 -16.56 1.19 -5.01
C SER C 254 -16.70 2.37 -4.07
N VAL C 255 -17.21 2.14 -2.86
CA VAL C 255 -17.34 3.27 -1.90
C VAL C 255 -15.97 3.72 -1.33
N ALA C 256 -15.05 2.77 -1.14
CA ALA C 256 -13.68 3.05 -0.69
C ALA C 256 -12.94 3.90 -1.71
N ASP C 257 -13.16 3.58 -2.99
CA ASP C 257 -12.62 4.33 -4.12
C ASP C 257 -13.03 5.82 -4.08
N LEU C 258 -14.31 6.07 -3.84
CA LEU C 258 -14.81 7.46 -3.69
C LEU C 258 -14.25 8.08 -2.42
N ALA C 259 -14.26 7.36 -1.31
CA ALA C 259 -13.64 7.86 -0.07
C ALA C 259 -12.19 8.27 -0.28
N GLU C 260 -11.45 7.52 -1.10
CA GLU C 260 -10.06 7.87 -1.33
C GLU C 260 -9.91 9.20 -2.09
N SER C 261 -10.69 9.37 -3.17
CA SER C 261 -10.66 10.61 -3.96
C SER C 261 -11.03 11.80 -3.05
N ILE C 262 -12.02 11.62 -2.16
CA ILE C 262 -12.46 12.71 -1.26
C ILE C 262 -11.38 13.00 -0.22
N MET C 263 -10.92 11.96 0.49
CA MET C 263 -9.97 12.13 1.59
C MET C 263 -8.60 12.62 1.14
N LYS C 264 -8.20 12.23 -0.05
CA LYS C 264 -6.90 12.58 -0.55
C LYS C 264 -6.96 13.73 -1.58
N ASN C 265 -8.10 14.42 -1.67
CA ASN C 265 -8.33 15.49 -2.64
C ASN C 265 -7.75 15.18 -4.05
N LEU C 266 -8.07 14.00 -4.57
CA LEU C 266 -7.46 13.55 -5.82
C LEU C 266 -7.96 14.26 -7.09
N ARG C 267 -9.21 14.72 -7.09
CA ARG C 267 -9.83 15.33 -8.30
C ARG C 267 -9.83 14.34 -9.46
N ARG C 268 -10.06 13.07 -9.14
CA ARG C 268 -10.29 12.08 -10.14
C ARG C 268 -11.74 12.16 -10.64
N VAL C 269 -11.99 11.55 -11.80
CA VAL C 269 -13.34 11.62 -12.41
C VAL C 269 -14.15 10.34 -12.15
N HIS C 270 -15.31 10.47 -11.51
CA HIS C 270 -16.19 9.33 -11.18
C HIS C 270 -17.63 9.52 -11.66
N PRO C 271 -18.33 8.43 -12.03
CA PRO C 271 -19.74 8.55 -12.40
C PRO C 271 -20.60 8.41 -11.17
N ILE C 272 -21.04 9.56 -10.62
CA ILE C 272 -21.64 9.62 -9.30
C ILE C 272 -22.85 10.61 -9.29
N SER C 273 -23.75 10.42 -8.31
CA SER C 273 -25.00 11.16 -8.27
C SER C 273 -24.82 12.62 -7.88
N THR C 274 -25.25 13.50 -8.77
CA THR C 274 -25.28 14.92 -8.52
C THR C 274 -26.45 15.56 -9.30
N MET C 275 -26.76 16.81 -9.00
CA MET C 275 -27.86 17.53 -9.68
C MET C 275 -27.50 17.76 -11.14
N ILE C 276 -28.38 17.38 -12.08
CA ILE C 276 -28.08 17.61 -13.50
C ILE C 276 -28.97 18.67 -14.15
N LYS C 277 -29.73 19.43 -13.34
CA LYS C 277 -30.61 20.49 -13.81
C LYS C 277 -29.81 21.48 -14.65
N GLY C 278 -30.20 21.63 -15.92
CA GLY C 278 -29.51 22.53 -16.85
C GLY C 278 -28.56 21.84 -17.81
N LEU C 279 -28.57 20.51 -17.81
CA LEU C 279 -27.81 19.73 -18.77
C LEU C 279 -28.76 18.78 -19.48
N TYR C 280 -28.49 18.57 -20.77
CA TYR C 280 -29.33 17.71 -21.61
C TYR C 280 -30.82 18.11 -21.54
N GLY C 281 -31.06 19.39 -21.25
CA GLY C 281 -32.41 19.93 -21.18
C GLY C 281 -33.28 19.51 -20.00
N ILE C 282 -32.71 18.86 -18.98
CA ILE C 282 -33.49 18.52 -17.77
C ILE C 282 -33.82 19.81 -16.99
N LYS C 283 -35.10 20.02 -16.70
CA LYS C 283 -35.59 21.26 -16.07
C LYS C 283 -35.81 21.16 -14.56
N GLU C 284 -35.90 19.95 -14.02
CA GLU C 284 -36.16 19.74 -12.57
C GLU C 284 -34.90 19.38 -11.72
N ASP C 285 -35.06 19.41 -10.40
CA ASP C 285 -33.98 19.08 -9.47
C ASP C 285 -33.68 17.58 -9.39
N VAL C 286 -33.35 16.97 -10.51
CA VAL C 286 -33.06 15.54 -10.56
C VAL C 286 -31.58 15.25 -10.27
N PHE C 287 -31.30 14.26 -9.43
CA PHE C 287 -29.92 13.80 -9.24
C PHE C 287 -29.71 12.50 -10.00
N LEU C 288 -28.63 12.40 -10.75
CA LEU C 288 -28.22 11.13 -11.36
C LEU C 288 -26.74 11.20 -11.73
N SER C 289 -26.16 10.06 -12.13
CA SER C 289 -24.74 10.00 -12.35
C SER C 289 -24.32 10.57 -13.70
N VAL C 290 -23.31 11.43 -13.62
CA VAL C 290 -22.57 11.94 -14.75
C VAL C 290 -21.12 12.00 -14.28
N PRO C 291 -20.15 12.09 -15.21
CA PRO C 291 -18.77 12.10 -14.69
C PRO C 291 -18.48 13.36 -13.92
N CYS C 292 -18.03 13.21 -12.66
CA CYS C 292 -17.75 14.35 -11.80
C CYS C 292 -16.33 14.28 -11.29
N ILE C 293 -15.74 15.47 -11.10
CA ILE C 293 -14.42 15.58 -10.50
C ILE C 293 -14.66 15.60 -9.00
N LEU C 294 -13.96 14.69 -8.30
CA LEU C 294 -14.22 14.48 -6.89
C LEU C 294 -12.99 14.72 -6.03
N GLY C 295 -13.17 15.56 -5.01
CA GLY C 295 -12.08 15.96 -4.14
C GLY C 295 -12.51 16.31 -2.72
N GLN C 296 -11.64 17.02 -2.01
CA GLN C 296 -11.90 17.43 -0.59
C GLN C 296 -13.18 18.25 -0.36
N ASN C 297 -13.66 18.96 -1.38
CA ASN C 297 -14.93 19.70 -1.27
C ASN C 297 -16.06 18.95 -1.98
N GLY C 298 -15.87 17.64 -2.20
CA GLY C 298 -16.86 16.84 -2.88
C GLY C 298 -16.78 17.09 -4.38
N ILE C 299 -17.95 17.20 -5.04
CA ILE C 299 -18.06 17.37 -6.48
C ILE C 299 -17.86 18.83 -6.84
N SER C 300 -16.75 19.17 -7.49
CA SER C 300 -16.44 20.58 -7.80
C SER C 300 -16.79 20.97 -9.24
N ASP C 301 -16.84 19.96 -10.10
CA ASP C 301 -16.98 20.08 -11.53
C ASP C 301 -17.70 18.85 -12.11
N VAL C 302 -18.45 19.08 -13.19
CA VAL C 302 -19.05 18.05 -13.97
C VAL C 302 -18.50 18.02 -15.40
N VAL C 303 -18.14 16.84 -15.90
CA VAL C 303 -17.76 16.68 -17.29
C VAL C 303 -19.03 16.53 -18.17
N LYS C 304 -19.13 17.39 -19.19
CA LYS C 304 -20.24 17.36 -20.14
C LYS C 304 -19.95 16.30 -21.17
N VAL C 305 -20.48 15.10 -20.99
CA VAL C 305 -20.25 14.05 -21.97
C VAL C 305 -21.07 14.38 -23.21
N THR C 306 -20.41 14.34 -24.35
CA THR C 306 -21.04 14.44 -25.65
C THR C 306 -21.69 13.11 -25.95
N LEU C 307 -23.00 13.05 -25.87
CA LEU C 307 -23.72 11.81 -26.08
C LEU C 307 -24.36 11.76 -27.47
N THR C 308 -24.44 10.58 -28.08
CA THR C 308 -25.23 10.43 -29.31
C THR C 308 -26.70 10.73 -28.98
N PRO C 309 -27.50 11.13 -29.99
CA PRO C 309 -28.92 11.41 -29.74
C PRO C 309 -29.65 10.31 -28.98
N ASP C 310 -29.38 9.05 -29.33
CA ASP C 310 -30.02 7.93 -28.65
C ASP C 310 -29.54 7.75 -27.21
N GLU C 311 -28.22 7.90 -27.01
CA GLU C 311 -27.66 7.91 -25.65
C GLU C 311 -28.30 9.02 -24.81
N GLU C 312 -28.39 10.21 -25.40
CA GLU C 312 -29.02 11.38 -24.74
C GLU C 312 -30.49 11.14 -24.39
N ALA C 313 -31.25 10.60 -25.33
CA ALA C 313 -32.64 10.21 -25.10
C ALA C 313 -32.70 9.21 -23.94
N ARG C 314 -31.88 8.17 -24.03
CA ARG C 314 -31.83 7.18 -22.95
C ARG C 314 -31.56 7.85 -21.61
N LEU C 315 -30.66 8.83 -21.57
CA LEU C 315 -30.38 9.53 -20.30
C LEU C 315 -31.54 10.40 -19.82
N LYS C 316 -32.17 11.11 -20.75
CA LYS C 316 -33.36 11.90 -20.45
C LYS C 316 -34.46 10.97 -19.94
N LYS C 317 -34.54 9.78 -20.54
CA LYS C 317 -35.49 8.75 -20.08
C LYS C 317 -35.20 8.32 -18.65
N SER C 318 -33.92 8.13 -18.33
CA SER C 318 -33.53 7.80 -16.95
C SER C 318 -33.93 8.93 -15.99
N ALA C 319 -33.71 10.16 -16.42
CA ALA C 319 -34.10 11.35 -15.65
C ALA C 319 -35.58 11.35 -15.38
N ASP C 320 -36.36 11.09 -16.42
CA ASP C 320 -37.83 11.07 -16.32
C ASP C 320 -38.28 10.05 -15.29
N THR C 321 -37.78 8.81 -15.39
CA THR C 321 -38.11 7.78 -14.39
C THR C 321 -37.84 8.28 -12.98
N LEU C 322 -36.67 8.85 -12.75
CA LEU C 322 -36.30 9.30 -11.41
C LEU C 322 -37.24 10.41 -10.87
N TRP C 323 -37.58 11.38 -11.72
CA TRP C 323 -38.53 12.44 -11.34
C TRP C 323 -39.93 11.95 -11.02
N GLY C 324 -40.44 11.02 -11.82
CA GLY C 324 -41.74 10.41 -11.57
C GLY C 324 -41.92 9.81 -10.18
N ILE C 325 -40.81 9.35 -9.58
CA ILE C 325 -40.78 8.86 -8.20
C ILE C 325 -40.54 10.05 -7.25
N GLN C 326 -39.68 10.97 -7.68
CA GLN C 326 -39.28 12.09 -6.83
C GLN C 326 -40.37 13.13 -6.63
N LYS C 327 -41.12 13.48 -7.67
CA LYS C 327 -42.16 14.51 -7.54
C LYS C 327 -43.20 14.19 -6.42
N GLU C 328 -43.50 12.91 -6.24
CA GLU C 328 -44.49 12.49 -5.21
C GLU C 328 -43.91 12.34 -3.79
N LEU C 329 -42.74 12.91 -3.49
CA LEU C 329 -42.09 12.65 -2.18
C LEU C 329 -42.43 13.66 -1.08
N GLN C 330 -42.78 13.15 0.10
CA GLN C 330 -43.06 14.00 1.26
C GLN C 330 -42.01 13.80 2.37
N PHE C 331 -41.46 14.93 2.86
CA PHE C 331 -40.52 14.98 3.99
C PHE C 331 -40.34 16.43 4.45
N ALA D 2 -14.04 -10.08 -35.59
CA ALA D 2 -14.17 -9.93 -34.13
C ALA D 2 -13.42 -8.67 -33.64
N LEU D 3 -14.08 -7.96 -32.72
CA LEU D 3 -13.61 -6.68 -32.21
C LEU D 3 -12.25 -6.85 -31.51
N LYS D 4 -12.15 -7.83 -30.59
CA LYS D 4 -10.89 -8.13 -29.92
C LYS D 4 -9.72 -8.16 -30.90
N ASP D 5 -9.88 -8.90 -32.00
CA ASP D 5 -8.83 -9.08 -32.99
C ASP D 5 -8.58 -7.86 -33.88
N GLN D 6 -9.60 -7.02 -34.08
CA GLN D 6 -9.39 -5.75 -34.79
C GLN D 6 -8.61 -4.76 -33.93
N LEU D 7 -8.75 -4.91 -32.62
CA LEU D 7 -8.19 -3.96 -31.67
C LEU D 7 -6.80 -4.39 -31.24
N ILE D 8 -6.63 -5.70 -31.07
CA ILE D 8 -5.40 -6.28 -30.53
C ILE D 8 -4.73 -7.31 -31.45
N VAL D 9 -3.42 -7.19 -31.64
CA VAL D 9 -2.62 -8.25 -32.26
C VAL D 9 -1.93 -9.11 -31.20
N ASN D 10 -2.24 -10.40 -31.17
CA ASN D 10 -1.63 -11.35 -30.26
C ASN D 10 -0.23 -11.79 -30.70
N LEU D 11 0.69 -11.87 -29.74
CA LEU D 11 2.07 -12.24 -30.02
C LEU D 11 2.41 -13.67 -29.66
N LEU D 12 1.80 -14.20 -28.60
CA LEU D 12 2.07 -15.57 -28.18
C LEU D 12 0.95 -16.15 -27.34
N LYS D 13 0.91 -17.48 -27.28
CA LYS D 13 0.00 -18.25 -26.41
C LYS D 13 0.75 -18.56 -25.12
N GLU D 14 0.44 -17.85 -24.03
CA GLU D 14 1.10 -18.13 -22.73
C GLU D 14 0.38 -19.26 -22.00
N GLU D 15 1.12 -20.02 -21.19
CA GLU D 15 0.52 -21.02 -20.30
C GLU D 15 -0.38 -20.38 -19.23
N GLN D 16 -0.13 -19.11 -18.93
CA GLN D 16 -0.92 -18.37 -17.92
C GLN D 16 -0.91 -19.02 -16.51
N VAL D 17 -0.01 -19.99 -16.28
CA VAL D 17 0.11 -20.63 -14.96
C VAL D 17 0.58 -19.57 -13.99
N PRO D 18 -0.22 -19.32 -12.94
CA PRO D 18 0.08 -18.19 -12.06
C PRO D 18 1.29 -18.46 -11.19
N GLN D 19 1.92 -17.39 -10.73
CA GLN D 19 3.13 -17.48 -9.95
C GLN D 19 2.88 -17.31 -8.47
N ASN D 20 1.78 -16.65 -8.11
CA ASN D 20 1.49 -16.34 -6.74
C ASN D 20 0.03 -16.61 -6.39
N LYS D 21 -0.45 -17.79 -6.74
CA LYS D 21 -1.83 -18.15 -6.47
C LYS D 21 -2.14 -18.55 -5.03
N ILE D 22 -3.22 -17.96 -4.47
CA ILE D 22 -3.80 -18.35 -3.20
C ILE D 22 -5.20 -18.98 -3.45
N THR D 23 -5.53 -20.03 -2.72
CA THR D 23 -6.87 -20.63 -2.69
C THR D 23 -7.42 -20.49 -1.28
N VAL D 24 -8.66 -20.03 -1.19
CA VAL D 24 -9.37 -20.07 0.06
C VAL D 24 -10.47 -21.11 -0.08
N VAL D 25 -10.43 -22.10 0.80
CA VAL D 25 -11.50 -23.13 0.81
C VAL D 25 -12.51 -22.74 1.89
N GLY D 26 -13.75 -22.65 1.46
CA GLY D 26 -14.80 -22.13 2.34
C GLY D 26 -15.11 -20.69 2.05
N VAL D 27 -16.37 -20.39 1.74
CA VAL D 27 -16.83 -19.01 1.51
C VAL D 27 -17.87 -18.54 2.54
N GLY D 28 -17.72 -19.05 3.75
CA GLY D 28 -18.39 -18.47 4.89
C GLY D 28 -17.79 -17.11 5.22
N ALA D 29 -18.30 -16.49 6.28
CA ALA D 29 -17.84 -15.19 6.71
C ALA D 29 -16.32 -15.16 6.86
N VAL D 30 -15.75 -16.19 7.47
CA VAL D 30 -14.30 -16.23 7.70
C VAL D 30 -13.53 -16.30 6.38
N GLY D 31 -13.95 -17.17 5.47
CA GLY D 31 -13.20 -17.38 4.22
C GLY D 31 -13.24 -16.09 3.36
N MET D 32 -14.41 -15.44 3.35
CA MET D 32 -14.56 -14.24 2.57
C MET D 32 -13.76 -13.09 3.15
N ALA D 33 -13.61 -13.06 4.47
CA ALA D 33 -12.85 -12.03 5.15
C ALA D 33 -11.38 -12.21 4.83
N CYS D 34 -10.98 -13.47 4.78
CA CYS D 34 -9.62 -13.85 4.36
C CYS D 34 -9.39 -13.38 2.92
N ALA D 35 -10.37 -13.67 2.07
CA ALA D 35 -10.31 -13.30 0.68
C ALA D 35 -10.13 -11.81 0.47
N ILE D 36 -11.04 -10.99 1.03
CA ILE D 36 -10.95 -9.56 0.80
C ILE D 36 -9.69 -8.95 1.46
N SER D 37 -9.25 -9.46 2.58
CA SER D 37 -7.98 -8.96 3.14
C SER D 37 -6.81 -9.32 2.22
N ILE D 38 -6.80 -10.54 1.67
CA ILE D 38 -5.72 -10.94 0.78
C ILE D 38 -5.73 -10.06 -0.48
N LEU D 39 -6.93 -9.80 -1.00
CA LEU D 39 -7.07 -8.97 -2.22
C LEU D 39 -6.56 -7.59 -1.98
N MET D 40 -6.85 -7.06 -0.81
CA MET D 40 -6.52 -5.71 -0.52
C MET D 40 -5.06 -5.52 -0.10
N LYS D 41 -4.36 -6.63 0.12
CA LYS D 41 -2.92 -6.58 0.42
C LYS D 41 -2.08 -6.94 -0.80
N ASP D 42 -2.72 -7.19 -1.93
CA ASP D 42 -2.04 -7.52 -3.20
C ASP D 42 -1.07 -8.70 -3.08
N LEU D 43 -1.50 -9.77 -2.43
CA LEU D 43 -0.60 -10.88 -2.17
C LEU D 43 -0.55 -11.90 -3.29
N ALA D 44 -1.58 -11.89 -4.14
CA ALA D 44 -1.80 -12.94 -5.10
C ALA D 44 -2.12 -12.42 -6.51
N ASP D 45 -1.66 -13.17 -7.51
CA ASP D 45 -2.00 -12.90 -8.91
C ASP D 45 -3.20 -13.71 -9.43
N GLU D 46 -3.57 -14.77 -8.70
CA GLU D 46 -4.84 -15.48 -8.87
C GLU D 46 -5.42 -15.89 -7.51
N LEU D 47 -6.72 -15.69 -7.32
CA LEU D 47 -7.42 -16.10 -6.10
C LEU D 47 -8.51 -17.08 -6.52
N ALA D 48 -8.52 -18.24 -5.88
CA ALA D 48 -9.46 -19.29 -6.19
C ALA D 48 -10.28 -19.59 -4.95
N LEU D 49 -11.60 -19.74 -5.12
CA LEU D 49 -12.49 -20.11 -4.03
C LEU D 49 -13.13 -21.46 -4.28
N VAL D 50 -13.32 -22.20 -3.19
CA VAL D 50 -13.97 -23.50 -3.23
C VAL D 50 -14.93 -23.67 -2.07
N ASP D 51 -16.12 -24.21 -2.37
CA ASP D 51 -17.13 -24.56 -1.39
C ASP D 51 -18.07 -25.59 -2.00
N VAL D 52 -19.06 -26.03 -1.23
CA VAL D 52 -20.01 -27.07 -1.65
C VAL D 52 -21.38 -26.49 -2.04
N ILE D 53 -21.74 -25.33 -1.48
CA ILE D 53 -23.00 -24.64 -1.79
C ILE D 53 -22.70 -23.81 -3.06
N GLU D 54 -23.25 -24.23 -4.20
CA GLU D 54 -22.84 -23.67 -5.50
C GLU D 54 -23.30 -22.23 -5.71
N ASP D 55 -24.55 -21.96 -5.40
CA ASP D 55 -25.11 -20.63 -5.54
C ASP D 55 -24.28 -19.60 -4.73
N LYS D 56 -24.02 -19.90 -3.47
CA LYS D 56 -23.32 -18.98 -2.58
C LYS D 56 -21.92 -18.72 -3.14
N LEU D 57 -21.28 -19.79 -3.63
CA LEU D 57 -19.93 -19.75 -4.15
C LEU D 57 -19.82 -18.86 -5.40
N LYS D 58 -20.73 -19.06 -6.36
CA LYS D 58 -20.76 -18.22 -7.56
C LYS D 58 -21.05 -16.76 -7.20
N GLY D 59 -21.95 -16.55 -6.25
CA GLY D 59 -22.32 -15.20 -5.85
C GLY D 59 -21.17 -14.43 -5.25
N GLU D 60 -20.48 -15.05 -4.29
CA GLU D 60 -19.29 -14.44 -3.72
C GLU D 60 -18.20 -14.15 -4.78
N MET D 61 -17.92 -15.11 -5.67
CA MET D 61 -16.94 -14.91 -6.72
C MET D 61 -17.28 -13.69 -7.56
N MET D 62 -18.54 -13.59 -7.98
CA MET D 62 -18.98 -12.51 -8.84
C MET D 62 -18.85 -11.18 -8.13
N ASP D 63 -19.19 -11.19 -6.83
CA ASP D 63 -19.21 -9.97 -6.06
C ASP D 63 -17.74 -9.50 -5.97
N LEU D 64 -16.79 -10.41 -5.70
CA LEU D 64 -15.35 -10.00 -5.69
C LEU D 64 -14.95 -9.52 -7.09
N GLN D 65 -15.34 -10.26 -8.15
CA GLN D 65 -14.96 -9.90 -9.53
C GLN D 65 -15.35 -8.49 -9.92
N HIS D 66 -16.58 -8.14 -9.55
CA HIS D 66 -17.12 -6.82 -9.82
C HIS D 66 -16.30 -5.71 -9.24
N GLY D 67 -15.53 -5.93 -8.19
CA GLY D 67 -14.58 -4.89 -7.68
C GLY D 67 -13.17 -4.87 -8.28
N SER D 68 -12.90 -5.69 -9.31
CA SER D 68 -11.56 -5.88 -9.87
C SER D 68 -10.84 -4.62 -10.30
N LEU D 69 -11.60 -3.66 -10.85
CA LEU D 69 -11.08 -2.33 -11.13
C LEU D 69 -10.32 -1.71 -9.93
N PHE D 70 -10.72 -2.07 -8.71
CA PHE D 70 -10.15 -1.49 -7.50
C PHE D 70 -9.06 -2.35 -6.88
N LEU D 71 -8.70 -3.42 -7.59
CA LEU D 71 -7.79 -4.41 -7.03
C LEU D 71 -6.62 -4.56 -7.98
N LYS D 72 -5.69 -5.45 -7.63
CA LYS D 72 -4.56 -5.81 -8.51
C LYS D 72 -4.39 -7.31 -8.48
N THR D 73 -5.51 -7.99 -8.57
CA THR D 73 -5.54 -9.44 -8.65
C THR D 73 -6.35 -9.76 -9.88
N PRO D 74 -5.65 -10.06 -10.98
CA PRO D 74 -6.28 -10.11 -12.31
C PRO D 74 -7.14 -11.35 -12.63
N LYS D 75 -7.16 -12.35 -11.76
CA LYS D 75 -8.01 -13.49 -11.95
C LYS D 75 -8.55 -13.95 -10.61
N ILE D 76 -9.86 -14.09 -10.55
CA ILE D 76 -10.60 -14.53 -9.39
C ILE D 76 -11.52 -15.62 -9.94
N VAL D 77 -11.42 -16.81 -9.37
CA VAL D 77 -12.15 -17.95 -9.90
C VAL D 77 -12.70 -18.77 -8.77
N SER D 78 -13.69 -19.59 -9.06
CA SER D 78 -14.30 -20.48 -8.07
C SER D 78 -14.90 -21.72 -8.75
N SER D 79 -15.00 -22.80 -7.97
CA SER D 79 -15.66 -24.04 -8.36
C SER D 79 -15.73 -24.93 -7.13
N LYS D 80 -16.67 -25.88 -7.16
CA LYS D 80 -16.66 -26.98 -6.19
C LYS D 80 -15.57 -28.01 -6.54
N ASP D 81 -15.08 -27.93 -7.77
CA ASP D 81 -14.04 -28.80 -8.26
C ASP D 81 -12.67 -28.23 -7.98
N TYR D 82 -11.80 -29.04 -7.39
CA TYR D 82 -10.47 -28.60 -7.01
C TYR D 82 -9.50 -28.45 -8.20
N SER D 83 -9.94 -28.77 -9.42
CA SER D 83 -9.15 -28.37 -10.60
C SER D 83 -8.85 -26.86 -10.57
N VAL D 84 -9.77 -26.08 -10.01
CA VAL D 84 -9.65 -24.62 -9.94
C VAL D 84 -8.55 -24.11 -8.99
N THR D 85 -8.09 -24.98 -8.09
CA THR D 85 -7.04 -24.66 -7.10
C THR D 85 -5.63 -25.02 -7.60
N ALA D 86 -5.55 -25.65 -8.76
CA ALA D 86 -4.28 -26.13 -9.32
C ALA D 86 -3.18 -25.04 -9.27
N ASN D 87 -1.98 -25.48 -8.92
CA ASN D 87 -0.79 -24.63 -8.84
C ASN D 87 -0.92 -23.49 -7.79
N SER D 88 -1.63 -23.71 -6.69
CA SER D 88 -1.68 -22.71 -5.63
C SER D 88 -0.38 -22.76 -4.85
N LYS D 89 0.16 -21.62 -4.44
CA LYS D 89 1.30 -21.59 -3.52
C LYS D 89 0.84 -21.71 -2.07
N LEU D 90 -0.32 -21.15 -1.77
CA LEU D 90 -0.93 -21.19 -0.43
C LEU D 90 -2.39 -21.66 -0.57
N VAL D 91 -2.82 -22.62 0.26
CA VAL D 91 -4.22 -23.02 0.29
C VAL D 91 -4.67 -22.88 1.72
N ILE D 92 -5.70 -22.04 1.95
CA ILE D 92 -6.16 -21.71 3.27
C ILE D 92 -7.52 -22.37 3.47
N ILE D 93 -7.63 -23.23 4.48
CA ILE D 93 -8.84 -24.06 4.70
C ILE D 93 -9.60 -23.41 5.86
N THR D 94 -10.74 -22.78 5.57
CA THR D 94 -11.63 -22.21 6.56
C THR D 94 -12.95 -23.01 6.65
N ALA D 95 -13.04 -24.13 5.93
CA ALA D 95 -14.31 -24.90 5.84
C ALA D 95 -14.59 -25.62 7.15
N GLY D 96 -15.88 -25.83 7.43
CA GLY D 96 -16.30 -26.62 8.59
C GLY D 96 -17.29 -25.88 9.50
N ALA D 97 -17.78 -26.61 10.50
CA ALA D 97 -18.71 -26.12 11.50
C ALA D 97 -18.01 -25.12 12.37
N ARG D 98 -18.75 -24.13 12.85
N ARG D 98 -18.76 -24.13 12.85
CA ARG D 98 -18.24 -23.13 13.77
CA ARG D 98 -18.25 -23.12 13.76
C ARG D 98 -19.04 -23.20 15.05
C ARG D 98 -19.05 -23.20 15.06
N GLN D 99 -18.43 -22.75 16.15
CA GLN D 99 -19.07 -22.87 17.44
C GLN D 99 -20.23 -21.89 17.54
N GLN D 100 -21.38 -22.41 17.95
CA GLN D 100 -22.50 -21.61 18.41
C GLN D 100 -22.13 -20.93 19.73
N GLU D 101 -22.99 -20.04 20.20
CA GLU D 101 -22.77 -19.36 21.46
C GLU D 101 -22.67 -20.37 22.60
N GLY D 102 -21.57 -20.30 23.37
CA GLY D 102 -21.39 -21.19 24.53
C GLY D 102 -20.69 -22.51 24.18
N GLU D 103 -20.73 -22.90 22.89
CA GLU D 103 -20.17 -24.16 22.44
C GLU D 103 -18.66 -24.09 22.31
N SER D 104 -18.01 -25.19 22.69
CA SER D 104 -16.55 -25.28 22.69
C SER D 104 -16.01 -25.59 21.30
N ARG D 105 -14.82 -25.09 20.99
CA ARG D 105 -14.19 -25.43 19.72
C ARG D 105 -13.90 -26.92 19.57
N LEU D 106 -13.65 -27.59 20.67
CA LEU D 106 -13.31 -29.00 20.64
C LEU D 106 -14.54 -29.84 20.23
N ASN D 107 -15.73 -29.33 20.53
CA ASN D 107 -16.98 -29.96 20.12
C ASN D 107 -17.19 -30.02 18.60
N LEU D 108 -16.38 -29.29 17.83
CA LEU D 108 -16.45 -29.29 16.36
C LEU D 108 -15.64 -30.43 15.76
N VAL D 109 -14.85 -31.11 16.58
CA VAL D 109 -13.74 -31.91 16.02
C VAL D 109 -14.17 -33.02 15.04
N GLN D 110 -15.18 -33.83 15.37
CA GLN D 110 -15.53 -34.93 14.49
C GLN D 110 -16.13 -34.48 13.16
N ARG D 111 -17.05 -33.51 13.23
CA ARG D 111 -17.60 -32.90 12.03
C ARG D 111 -16.48 -32.38 11.10
N ASN D 112 -15.54 -31.62 11.67
CA ASN D 112 -14.58 -30.95 10.79
C ASN D 112 -13.52 -31.92 10.31
N VAL D 113 -13.23 -32.95 11.11
CA VAL D 113 -12.35 -34.05 10.68
C VAL D 113 -12.97 -34.74 9.49
N ASN D 114 -14.24 -35.09 9.55
CA ASN D 114 -14.89 -35.77 8.41
C ASN D 114 -14.85 -34.93 7.16
N ILE D 115 -15.12 -33.64 7.30
CA ILE D 115 -14.99 -32.70 6.18
C ILE D 115 -13.55 -32.69 5.60
N PHE D 116 -12.54 -32.65 6.47
CA PHE D 116 -11.13 -32.62 6.04
C PHE D 116 -10.70 -33.90 5.30
N LYS D 117 -11.39 -35.01 5.56
CA LYS D 117 -11.14 -36.28 4.85
C LYS D 117 -11.38 -36.10 3.36
N PHE D 118 -12.33 -35.23 3.00
CA PHE D 118 -12.62 -34.98 1.59
C PHE D 118 -11.74 -33.85 1.07
N ILE D 119 -11.62 -32.77 1.83
CA ILE D 119 -10.89 -31.60 1.37
C ILE D 119 -9.40 -31.85 1.11
N ILE D 120 -8.72 -32.37 2.13
CA ILE D 120 -7.26 -32.39 2.13
C ILE D 120 -6.65 -33.24 0.97
N PRO D 121 -7.21 -34.43 0.67
CA PRO D 121 -6.64 -35.13 -0.48
C PRO D 121 -6.86 -34.44 -1.83
N ASN D 122 -7.94 -33.67 -1.95
CA ASN D 122 -8.19 -32.94 -3.19
C ASN D 122 -7.23 -31.76 -3.36
N VAL D 123 -6.97 -31.02 -2.28
CA VAL D 123 -6.00 -29.94 -2.28
C VAL D 123 -4.64 -30.47 -2.75
N VAL D 124 -4.18 -31.58 -2.18
CA VAL D 124 -2.86 -32.13 -2.48
C VAL D 124 -2.70 -32.59 -3.94
N LYS D 125 -3.71 -33.27 -4.47
CA LYS D 125 -3.73 -33.67 -5.89
C LYS D 125 -3.47 -32.51 -6.86
N TYR D 126 -3.96 -31.31 -6.56
CA TYR D 126 -3.81 -30.20 -7.52
C TYR D 126 -2.68 -29.23 -7.20
N SER D 127 -2.25 -29.18 -5.95
CA SER D 127 -1.12 -28.33 -5.55
C SER D 127 -0.20 -29.12 -4.64
N PRO D 128 0.50 -30.12 -5.18
CA PRO D 128 1.32 -30.96 -4.30
C PRO D 128 2.43 -30.20 -3.56
N GLN D 129 2.80 -29.02 -4.03
CA GLN D 129 3.88 -28.24 -3.43
C GLN D 129 3.39 -27.05 -2.60
N CYS D 130 2.09 -26.94 -2.36
CA CYS D 130 1.55 -25.79 -1.58
C CYS D 130 1.91 -25.86 -0.12
N LYS D 131 1.84 -24.70 0.52
CA LYS D 131 1.76 -24.63 1.95
C LYS D 131 0.28 -24.66 2.31
N LEU D 132 -0.09 -25.48 3.29
CA LEU D 132 -1.44 -25.54 3.82
C LEU D 132 -1.55 -24.67 5.07
N LEU D 133 -2.52 -23.77 5.10
CA LEU D 133 -2.81 -22.94 6.29
C LEU D 133 -4.23 -23.25 6.78
N ILE D 134 -4.30 -23.88 7.96
CA ILE D 134 -5.53 -24.34 8.55
C ILE D 134 -6.09 -23.27 9.49
N VAL D 135 -7.33 -22.91 9.26
CA VAL D 135 -8.03 -21.92 10.09
C VAL D 135 -9.19 -22.54 10.86
N SER D 136 -9.80 -23.59 10.29
CA SER D 136 -10.89 -24.38 10.91
C SER D 136 -10.54 -24.87 12.33
N ASN D 137 -11.56 -25.09 13.16
CA ASN D 137 -11.32 -25.43 14.56
C ASN D 137 -11.83 -26.80 14.93
N PRO D 138 -11.17 -27.48 15.89
CA PRO D 138 -10.02 -27.04 16.69
C PRO D 138 -8.72 -27.05 15.91
N VAL D 139 -8.20 -25.84 15.65
CA VAL D 139 -7.14 -25.60 14.69
C VAL D 139 -5.89 -26.44 14.94
N ASP D 140 -5.54 -26.60 16.22
CA ASP D 140 -4.37 -27.38 16.65
C ASP D 140 -4.53 -28.83 16.24
N ILE D 141 -5.72 -29.40 16.47
CA ILE D 141 -5.99 -30.77 16.09
C ILE D 141 -6.15 -30.87 14.56
N LEU D 142 -6.96 -29.98 13.99
CA LEU D 142 -7.11 -29.98 12.54
C LEU D 142 -5.79 -29.81 11.71
N THR D 143 -4.81 -29.04 12.20
CA THR D 143 -3.51 -28.98 11.55
C THR D 143 -2.80 -30.34 11.57
N TYR D 144 -2.90 -31.08 12.67
CA TYR D 144 -2.36 -32.45 12.74
C TYR D 144 -3.09 -33.30 11.71
N VAL D 145 -4.40 -33.18 11.69
CA VAL D 145 -5.21 -33.97 10.78
C VAL D 145 -4.82 -33.67 9.35
N ALA D 146 -4.86 -32.38 8.97
CA ALA D 146 -4.32 -32.03 7.65
C ALA D 146 -2.90 -32.61 7.42
N TRP D 147 -2.02 -32.50 8.42
CA TRP D 147 -0.65 -32.96 8.25
C TRP D 147 -0.59 -34.44 7.96
N LYS D 148 -1.26 -35.27 8.78
CA LYS D 148 -1.30 -36.71 8.60
C LYS D 148 -1.89 -37.07 7.24
N ILE D 149 -2.98 -36.42 6.84
CA ILE D 149 -3.68 -36.76 5.59
C ILE D 149 -2.88 -36.38 4.34
N SER D 150 -2.28 -35.19 4.35
CA SER D 150 -1.52 -34.69 3.19
C SER D 150 -0.26 -35.49 2.87
N GLY D 151 0.39 -36.04 3.89
CA GLY D 151 1.72 -36.60 3.75
C GLY D 151 2.78 -35.53 3.51
N PHE D 152 2.42 -34.27 3.75
CA PHE D 152 3.36 -33.16 3.55
C PHE D 152 4.38 -33.20 4.67
N PRO D 153 5.59 -32.65 4.43
CA PRO D 153 6.45 -32.38 5.57
C PRO D 153 5.88 -31.29 6.49
N LYS D 154 6.23 -31.36 7.76
CA LYS D 154 5.61 -30.54 8.80
C LYS D 154 5.74 -29.04 8.57
N ASN D 155 6.82 -28.60 7.91
CA ASN D 155 7.00 -27.17 7.61
C ASN D 155 5.85 -26.56 6.81
N ARG D 156 5.24 -27.36 5.94
CA ARG D 156 4.27 -26.84 4.97
C ARG D 156 2.80 -27.02 5.38
N VAL D 157 2.56 -27.42 6.63
CA VAL D 157 1.23 -27.52 7.22
C VAL D 157 1.19 -26.66 8.49
N ILE D 158 0.46 -25.55 8.39
CA ILE D 158 0.49 -24.51 9.40
C ILE D 158 -0.91 -24.21 9.88
N GLY D 159 -1.05 -24.04 11.18
CA GLY D 159 -2.31 -23.65 11.75
C GLY D 159 -2.31 -22.22 12.22
N SER D 160 -3.44 -21.52 11.99
CA SER D 160 -3.51 -20.10 12.34
C SER D 160 -3.25 -19.90 13.80
N GLY D 161 -3.64 -20.86 14.62
CA GLY D 161 -3.26 -20.90 16.01
C GLY D 161 -3.64 -19.69 16.88
N CYS D 162 -2.63 -19.20 17.61
CA CYS D 162 -2.78 -18.11 18.55
C CYS D 162 -2.36 -16.76 17.95
N ASN D 163 -2.28 -16.70 16.62
CA ASN D 163 -1.87 -15.47 15.96
C ASN D 163 -2.90 -14.39 16.28
N LEU D 164 -4.15 -14.78 16.22
CA LEU D 164 -5.25 -13.94 16.51
C LEU D 164 -5.32 -13.64 18.00
N ASP D 165 -5.07 -14.67 18.81
CA ASP D 165 -5.19 -14.53 20.26
C ASP D 165 -4.18 -13.51 20.71
N SER D 166 -2.99 -13.64 20.17
CA SER D 166 -1.93 -12.68 20.50
C SER D 166 -2.23 -11.23 20.06
N ALA D 167 -2.86 -11.09 18.90
CA ALA D 167 -3.26 -9.79 18.39
C ALA D 167 -4.30 -9.17 19.28
N ARG D 168 -5.23 -10.01 19.76
CA ARG D 168 -6.25 -9.55 20.71
C ARG D 168 -5.58 -9.05 22.00
N PHE D 169 -4.64 -9.83 22.51
CA PHE D 169 -3.84 -9.48 23.69
C PHE D 169 -3.14 -8.14 23.47
N ARG D 170 -2.55 -7.96 22.30
CA ARG D 170 -1.78 -6.73 22.04
C ARG D 170 -2.70 -5.52 21.91
N TYR D 171 -3.86 -5.71 21.28
CA TYR D 171 -4.91 -4.69 21.28
C TYR D 171 -5.33 -4.27 22.70
N LEU D 172 -5.58 -5.25 23.57
CA LEU D 172 -6.15 -4.93 24.86
C LEU D 172 -5.08 -4.26 25.70
N MET D 173 -3.85 -4.75 25.56
CA MET D 173 -2.70 -4.13 26.21
C MET D 173 -2.52 -2.69 25.72
N GLY D 174 -2.53 -2.51 24.38
CA GLY D 174 -2.47 -1.21 23.76
C GLY D 174 -3.49 -0.25 24.38
N GLU D 175 -4.73 -0.71 24.52
CA GLU D 175 -5.83 0.10 25.07
C GLU D 175 -5.61 0.49 26.52
N ARG D 176 -5.08 -0.42 27.32
CA ARG D 176 -4.76 -0.11 28.69
C ARG D 176 -3.61 0.90 28.81
N LEU D 177 -2.61 0.81 27.95
CA LEU D 177 -1.44 1.71 28.06
C LEU D 177 -1.52 2.99 27.20
N GLY D 178 -2.48 3.07 26.30
CA GLY D 178 -2.57 4.19 25.35
C GLY D 178 -1.39 4.17 24.41
N VAL D 179 -1.07 2.98 23.90
CA VAL D 179 0.00 2.77 22.92
C VAL D 179 -0.52 1.88 21.79
N HIS D 180 -0.04 2.11 20.58
CA HIS D 180 -0.45 1.27 19.45
C HIS D 180 -0.06 -0.16 19.71
N PRO D 181 -0.91 -1.12 19.32
CA PRO D 181 -0.57 -2.55 19.46
C PRO D 181 0.73 -2.96 18.79
N LEU D 182 1.12 -2.22 17.76
CA LEU D 182 2.38 -2.47 17.09
C LEU D 182 3.57 -2.33 18.07
N SER D 183 3.40 -1.48 19.10
CA SER D 183 4.47 -1.20 20.06
C SER D 183 4.31 -1.91 21.40
N CYS D 184 3.23 -2.67 21.56
CA CYS D 184 2.98 -3.45 22.75
C CYS D 184 3.16 -4.91 22.42
N HIS D 185 4.11 -5.56 23.08
CA HIS D 185 4.49 -6.91 22.70
C HIS D 185 4.03 -7.90 23.74
N GLY D 186 3.55 -9.04 23.29
CA GLY D 186 3.10 -10.09 24.19
C GLY D 186 2.60 -11.32 23.49
N TRP D 187 2.85 -12.48 24.09
CA TRP D 187 2.65 -13.75 23.41
C TRP D 187 1.64 -14.63 24.11
N VAL D 188 0.66 -15.15 23.37
CA VAL D 188 -0.30 -16.12 23.89
C VAL D 188 -0.02 -17.42 23.12
N LEU D 189 0.41 -18.47 23.82
CA LEU D 189 0.81 -19.72 23.16
C LEU D 189 -0.06 -20.92 23.56
N GLY D 190 0.18 -22.08 22.97
CA GLY D 190 -0.57 -23.28 23.33
C GLY D 190 -1.82 -23.44 22.47
N GLU D 191 -2.85 -24.09 23.03
CA GLU D 191 -4.10 -24.33 22.33
C GLU D 191 -4.76 -23.02 21.99
N HIS D 192 -5.34 -22.94 20.80
CA HIS D 192 -6.20 -21.82 20.44
C HIS D 192 -7.60 -22.05 21.00
N GLY D 193 -7.82 -21.55 22.21
CA GLY D 193 -9.04 -21.81 22.99
C GLY D 193 -8.82 -21.50 24.47
N ASP D 194 -9.59 -22.16 25.34
CA ASP D 194 -9.63 -21.84 26.78
C ASP D 194 -8.30 -22.13 27.53
N SER D 195 -7.53 -23.08 27.05
CA SER D 195 -6.27 -23.48 27.69
C SER D 195 -4.99 -22.75 27.18
N SER D 196 -5.15 -21.71 26.36
CA SER D 196 -4.00 -20.90 25.90
C SER D 196 -3.26 -20.29 27.08
N VAL D 197 -2.01 -19.97 26.88
CA VAL D 197 -1.08 -19.53 27.93
C VAL D 197 -0.57 -18.13 27.60
N PRO D 198 -0.88 -17.14 28.45
CA PRO D 198 -0.25 -15.84 28.28
C PRO D 198 1.16 -15.88 28.86
N VAL D 199 2.16 -15.53 28.06
CA VAL D 199 3.54 -15.54 28.56
C VAL D 199 3.91 -14.20 29.17
N TRP D 200 3.68 -14.09 30.47
CA TRP D 200 3.80 -12.79 31.15
C TRP D 200 5.20 -12.28 31.20
N SER D 201 6.17 -13.19 31.22
CA SER D 201 7.58 -12.83 31.25
C SER D 201 8.02 -12.05 30.00
N GLY D 202 7.34 -12.30 28.88
CA GLY D 202 7.68 -11.66 27.61
C GLY D 202 6.92 -10.39 27.30
N VAL D 203 5.90 -10.08 28.10
CA VAL D 203 5.08 -8.88 27.92
C VAL D 203 5.86 -7.61 28.25
N ASN D 204 5.95 -6.71 27.26
CA ASN D 204 6.85 -5.55 27.30
C ASN D 204 6.54 -4.46 26.25
N VAL D 205 6.94 -3.24 26.57
CA VAL D 205 6.91 -2.12 25.66
C VAL D 205 8.30 -1.55 25.63
N ALA D 206 8.84 -1.43 24.41
CA ALA D 206 10.16 -0.88 24.20
C ALA D 206 11.22 -1.69 24.95
N GLY D 207 11.02 -2.99 25.03
CA GLY D 207 11.94 -3.86 25.73
C GLY D 207 11.89 -3.80 27.25
N VAL D 208 10.98 -2.98 27.81
CA VAL D 208 10.80 -2.82 29.25
C VAL D 208 9.72 -3.80 29.76
N SER D 209 10.12 -4.69 30.65
CA SER D 209 9.26 -5.78 31.10
C SER D 209 8.21 -5.27 32.07
N LEU D 210 6.94 -5.53 31.73
CA LEU D 210 5.81 -5.16 32.59
C LEU D 210 5.86 -5.92 33.95
N LYS D 211 6.25 -7.20 33.89
CA LYS D 211 6.39 -8.01 35.09
C LYS D 211 7.53 -7.52 35.98
N SER D 212 8.55 -6.91 35.39
CA SER D 212 9.64 -6.36 36.18
C SER D 212 9.13 -5.19 37.02
N LEU D 213 8.23 -4.38 36.45
CA LEU D 213 7.63 -3.25 37.15
C LEU D 213 6.55 -3.70 38.14
N ASN D 214 5.78 -4.71 37.76
CA ASN D 214 4.77 -5.29 38.64
C ASN D 214 5.05 -6.78 38.76
N PRO D 215 5.74 -7.22 39.82
CA PRO D 215 6.04 -8.66 39.94
C PRO D 215 4.82 -9.57 39.99
N GLN D 216 3.68 -9.03 40.44
CA GLN D 216 2.44 -9.79 40.57
C GLN D 216 1.60 -9.83 39.26
N LEU D 217 2.18 -9.31 38.17
CA LEU D 217 1.55 -9.33 36.84
C LEU D 217 1.09 -10.72 36.42
N GLY D 218 -0.20 -10.83 36.13
CA GLY D 218 -0.80 -12.07 35.64
C GLY D 218 -1.29 -13.04 36.71
N THR D 219 -1.04 -12.70 37.98
CA THR D 219 -1.41 -13.54 39.13
C THR D 219 -2.72 -13.04 39.73
N ASP D 220 -3.23 -13.77 40.72
CA ASP D 220 -4.42 -13.35 41.48
C ASP D 220 -4.15 -12.14 42.39
N ALA D 221 -2.88 -11.95 42.78
CA ALA D 221 -2.45 -10.81 43.60
C ALA D 221 -2.44 -9.49 42.83
N ASP D 222 -2.38 -9.56 41.51
CA ASP D 222 -2.24 -8.38 40.65
C ASP D 222 -3.27 -7.26 40.96
N LYS D 223 -2.76 -6.15 41.50
CA LYS D 223 -3.60 -4.99 41.82
C LYS D 223 -4.41 -4.55 40.60
N GLU D 224 -3.79 -4.58 39.42
CA GLU D 224 -4.45 -4.15 38.18
C GLU D 224 -5.20 -5.29 37.45
N GLN D 225 -5.08 -6.52 37.94
CA GLN D 225 -5.79 -7.69 37.39
C GLN D 225 -5.55 -7.90 35.88
N TRP D 226 -4.28 -8.01 35.50
CA TRP D 226 -3.92 -8.25 34.10
C TRP D 226 -4.32 -9.60 33.59
N LYS D 227 -4.52 -10.54 34.50
CA LYS D 227 -5.09 -11.84 34.16
C LYS D 227 -6.41 -11.66 33.39
N ASP D 228 -7.22 -10.66 33.77
CA ASP D 228 -8.46 -10.36 33.05
C ASP D 228 -8.21 -10.10 31.57
N VAL D 229 -7.03 -9.57 31.20
CA VAL D 229 -6.70 -9.33 29.80
C VAL D 229 -6.65 -10.66 29.05
N HIS D 230 -6.01 -11.67 29.63
CA HIS D 230 -5.94 -12.98 28.99
C HIS D 230 -7.29 -13.66 29.01
N LYS D 231 -8.02 -13.42 30.08
CA LYS D 231 -9.38 -13.90 30.17
C LYS D 231 -10.23 -13.33 29.02
N GLN D 232 -10.08 -12.03 28.79
CA GLN D 232 -10.75 -11.37 27.69
C GLN D 232 -10.34 -12.01 26.35
N VAL D 233 -9.05 -12.32 26.20
CA VAL D 233 -8.57 -13.00 24.98
C VAL D 233 -9.33 -14.30 24.78
N VAL D 234 -9.35 -15.15 25.80
CA VAL D 234 -10.03 -16.46 25.75
C VAL D 234 -11.49 -16.31 25.40
N ASP D 235 -12.15 -15.37 26.05
CA ASP D 235 -13.56 -15.13 25.84
C ASP D 235 -13.90 -14.38 24.56
N SER D 236 -12.90 -13.77 23.89
CA SER D 236 -13.17 -12.91 22.74
C SER D 236 -14.15 -13.47 21.72
N ALA D 237 -13.90 -14.68 21.25
CA ALA D 237 -14.73 -15.27 20.20
C ALA D 237 -16.17 -15.40 20.65
N TYR D 238 -16.33 -15.90 21.88
N TYR D 238 -16.34 -15.90 21.88
CA TYR D 238 -17.64 -16.08 22.49
CA TYR D 238 -17.65 -16.07 22.50
C TYR D 238 -18.41 -14.78 22.61
C TYR D 238 -18.42 -14.77 22.59
N GLU D 239 -17.73 -13.71 23.02
CA GLU D 239 -18.38 -12.38 23.22
C GLU D 239 -18.83 -11.82 21.89
N VAL D 240 -18.03 -12.03 20.84
CA VAL D 240 -18.39 -11.52 19.53
C VAL D 240 -19.53 -12.33 18.92
N ILE D 241 -19.44 -13.66 19.01
CA ILE D 241 -20.55 -14.54 18.62
C ILE D 241 -21.87 -14.18 19.31
N LYS D 242 -21.83 -13.94 20.62
CA LYS D 242 -23.03 -13.54 21.37
C LYS D 242 -23.64 -12.25 20.80
N LEU D 243 -22.77 -11.32 20.38
CA LEU D 243 -23.21 -10.02 19.87
C LEU D 243 -23.64 -10.01 18.38
N LYS D 244 -22.86 -10.66 17.51
CA LYS D 244 -23.14 -10.64 16.07
C LYS D 244 -23.32 -12.02 15.43
N GLY D 245 -23.22 -13.10 16.23
CA GLY D 245 -23.56 -14.44 15.72
C GLY D 245 -22.36 -15.22 15.18
N TYR D 246 -21.24 -14.52 14.94
CA TYR D 246 -20.01 -15.13 14.37
C TYR D 246 -18.83 -14.13 14.44
N THR D 247 -17.60 -14.57 14.23
CA THR D 247 -16.46 -13.67 14.02
C THR D 247 -15.94 -13.80 12.58
N SER D 248 -15.32 -12.73 12.08
CA SER D 248 -14.85 -12.71 10.69
C SER D 248 -13.68 -11.76 10.45
N TRP D 249 -13.84 -10.47 10.77
CA TRP D 249 -12.82 -9.47 10.38
C TRP D 249 -11.43 -9.72 10.95
N ALA D 250 -11.34 -9.90 12.26
CA ALA D 250 -10.04 -10.03 12.93
C ALA D 250 -9.29 -11.28 12.43
N ILE D 251 -10.01 -12.37 12.28
CA ILE D 251 -9.39 -13.62 11.81
C ILE D 251 -8.97 -13.52 10.36
N GLY D 252 -9.77 -12.81 9.57
CA GLY D 252 -9.45 -12.49 8.19
C GLY D 252 -8.14 -11.75 8.09
N LEU D 253 -8.00 -10.75 8.94
CA LEU D 253 -6.77 -9.91 8.99
C LEU D 253 -5.52 -10.69 9.44
N SER D 254 -5.74 -11.61 10.39
CA SER D 254 -4.72 -12.42 11.00
C SER D 254 -4.23 -13.44 10.01
N VAL D 255 -5.16 -14.03 9.28
CA VAL D 255 -4.80 -14.98 8.25
C VAL D 255 -4.04 -14.29 7.11
N ALA D 256 -4.44 -13.09 6.72
CA ALA D 256 -3.74 -12.35 5.66
C ALA D 256 -2.33 -11.92 6.09
N ASP D 257 -2.17 -11.63 7.39
CA ASP D 257 -0.88 -11.36 8.00
C ASP D 257 0.07 -12.55 7.78
N LEU D 258 -0.44 -13.75 8.04
CA LEU D 258 0.36 -14.98 7.83
C LEU D 258 0.58 -15.25 6.35
N ALA D 259 -0.44 -15.06 5.54
CA ALA D 259 -0.26 -15.12 4.08
C ALA D 259 0.84 -14.19 3.57
N GLU D 260 0.90 -12.96 4.11
CA GLU D 260 1.95 -12.02 3.72
C GLU D 260 3.35 -12.55 4.01
N SER D 261 3.57 -13.01 5.24
CA SER D 261 4.87 -13.56 5.60
C SER D 261 5.21 -14.74 4.68
N ILE D 262 4.22 -15.56 4.36
CA ILE D 262 4.46 -16.76 3.55
C ILE D 262 4.80 -16.38 2.13
N MET D 263 3.89 -15.64 1.50
CA MET D 263 4.02 -15.25 0.10
C MET D 263 5.22 -14.34 -0.21
N LYS D 264 5.62 -13.52 0.77
CA LYS D 264 6.76 -12.59 0.59
C LYS D 264 8.05 -13.03 1.29
N ASN D 265 8.06 -14.28 1.78
CA ASN D 265 9.22 -14.89 2.47
C ASN D 265 9.83 -13.97 3.50
N LEU D 266 9.01 -13.46 4.41
CA LEU D 266 9.46 -12.40 5.28
C LEU D 266 10.30 -12.93 6.45
N ARG D 267 10.01 -14.13 6.93
CA ARG D 267 10.72 -14.69 8.10
C ARG D 267 10.45 -13.87 9.35
N ARG D 268 9.20 -13.40 9.46
CA ARG D 268 8.71 -12.83 10.72
C ARG D 268 8.34 -13.95 11.66
N VAL D 269 8.22 -13.62 12.93
CA VAL D 269 7.94 -14.58 13.98
C VAL D 269 6.49 -14.46 14.37
N HIS D 270 5.74 -15.57 14.35
CA HIS D 270 4.29 -15.56 14.67
C HIS D 270 3.98 -16.71 15.60
N PRO D 271 2.99 -16.56 16.48
CA PRO D 271 2.51 -17.67 17.31
C PRO D 271 1.40 -18.43 16.62
N ILE D 272 1.82 -19.51 15.94
CA ILE D 272 0.97 -20.33 15.09
C ILE D 272 1.21 -21.81 15.43
N SER D 273 0.30 -22.68 15.01
CA SER D 273 0.40 -24.10 15.34
C SER D 273 1.39 -24.87 14.49
N THR D 274 2.25 -25.59 15.17
CA THR D 274 3.16 -26.52 14.55
C THR D 274 3.47 -27.64 15.53
N MET D 275 4.09 -28.73 15.04
CA MET D 275 4.41 -29.87 15.88
C MET D 275 5.54 -29.51 16.80
N ILE D 276 5.28 -29.52 18.10
CA ILE D 276 6.28 -29.21 19.12
C ILE D 276 6.88 -30.46 19.83
N LYS D 277 6.86 -31.62 19.15
CA LYS D 277 7.51 -32.85 19.64
C LYS D 277 9.00 -32.61 19.82
N GLY D 278 9.48 -32.73 21.05
CA GLY D 278 10.89 -32.47 21.35
C GLY D 278 11.11 -31.27 22.24
N LEU D 279 10.01 -30.58 22.60
CA LEU D 279 10.04 -29.37 23.45
C LEU D 279 9.16 -29.55 24.67
N TYR D 280 9.54 -28.87 25.76
CA TYR D 280 8.76 -28.80 27.02
C TYR D 280 8.28 -30.15 27.61
N GLY D 281 9.06 -31.20 27.36
CA GLY D 281 8.68 -32.54 27.76
C GLY D 281 7.46 -33.06 27.03
N ILE D 282 7.25 -32.61 25.78
CA ILE D 282 6.22 -33.17 24.91
C ILE D 282 6.84 -34.24 24.01
N LYS D 283 6.41 -35.50 24.22
CA LYS D 283 6.96 -36.66 23.50
C LYS D 283 6.07 -37.14 22.34
N GLU D 284 4.85 -36.62 22.28
CA GLU D 284 3.89 -37.01 21.23
C GLU D 284 3.77 -35.97 20.12
N ASP D 285 3.11 -36.34 19.02
CA ASP D 285 2.96 -35.51 17.84
C ASP D 285 1.87 -34.46 18.03
N VAL D 286 2.05 -33.58 19.01
CA VAL D 286 1.09 -32.50 19.36
C VAL D 286 1.43 -31.21 18.58
N PHE D 287 0.42 -30.65 17.93
CA PHE D 287 0.52 -29.36 17.25
C PHE D 287 -0.10 -28.32 18.21
N LEU D 288 0.61 -27.25 18.53
CA LEU D 288 0.03 -26.11 19.27
C LEU D 288 0.88 -24.86 18.97
N SER D 289 0.44 -23.68 19.38
CA SER D 289 1.18 -22.45 19.00
C SER D 289 2.42 -22.18 19.86
N VAL D 290 3.54 -21.96 19.17
CA VAL D 290 4.76 -21.33 19.72
C VAL D 290 5.27 -20.32 18.67
N PRO D 291 6.19 -19.40 19.04
CA PRO D 291 6.70 -18.46 18.05
C PRO D 291 7.45 -19.17 16.93
N CYS D 292 6.95 -19.03 15.70
CA CYS D 292 7.58 -19.68 14.52
C CYS D 292 8.06 -18.63 13.50
N ILE D 293 9.17 -18.95 12.85
CA ILE D 293 9.67 -18.14 11.75
C ILE D 293 8.97 -18.67 10.51
N LEU D 294 8.20 -17.79 9.87
CA LEU D 294 7.33 -18.11 8.77
C LEU D 294 7.85 -17.47 7.52
N GLY D 295 8.04 -18.29 6.47
CA GLY D 295 8.51 -17.83 5.18
C GLY D 295 7.93 -18.64 4.03
N GLN D 296 8.60 -18.57 2.90
CA GLN D 296 8.11 -19.18 1.67
C GLN D 296 8.09 -20.72 1.71
N ASN D 297 8.81 -21.32 2.65
CA ASN D 297 8.75 -22.79 2.86
C ASN D 297 7.99 -23.12 4.14
N GLY D 298 7.17 -22.18 4.59
CA GLY D 298 6.39 -22.32 5.80
C GLY D 298 7.24 -22.11 7.04
N ILE D 299 7.12 -23.02 7.98
CA ILE D 299 7.76 -22.89 9.27
C ILE D 299 9.10 -23.60 9.21
N SER D 300 10.18 -22.81 9.18
CA SER D 300 11.53 -23.35 9.08
C SER D 300 12.21 -23.44 10.46
N ASP D 301 11.75 -22.64 11.41
CA ASP D 301 12.40 -22.51 12.70
C ASP D 301 11.39 -22.16 13.77
N VAL D 302 11.70 -22.53 15.01
CA VAL D 302 10.87 -22.20 16.17
C VAL D 302 11.76 -21.47 17.17
N VAL D 303 11.19 -20.46 17.84
CA VAL D 303 11.89 -19.74 18.89
C VAL D 303 11.61 -20.47 20.20
N LYS D 304 12.67 -20.82 20.92
CA LYS D 304 12.55 -21.50 22.21
C LYS D 304 12.21 -20.46 23.29
N VAL D 305 10.96 -20.40 23.70
CA VAL D 305 10.59 -19.42 24.72
C VAL D 305 10.94 -19.93 26.12
N THR D 306 11.45 -19.01 26.93
CA THR D 306 11.88 -19.31 28.28
C THR D 306 10.67 -19.19 29.20
N LEU D 307 9.95 -20.30 29.35
CA LEU D 307 8.76 -20.38 30.19
C LEU D 307 9.09 -20.56 31.68
N THR D 308 8.35 -19.86 32.56
CA THR D 308 8.41 -20.10 34.00
C THR D 308 7.86 -21.50 34.27
N PRO D 309 8.20 -22.09 35.44
CA PRO D 309 7.68 -23.44 35.76
C PRO D 309 6.16 -23.55 35.62
N ASP D 310 5.46 -22.52 36.08
CA ASP D 310 4.01 -22.41 35.95
C ASP D 310 3.59 -22.30 34.47
N GLU D 311 4.19 -21.37 33.75
CA GLU D 311 3.95 -21.22 32.30
C GLU D 311 4.17 -22.55 31.57
N GLU D 312 5.30 -23.22 31.82
CA GLU D 312 5.60 -24.50 31.15
C GLU D 312 4.59 -25.59 31.47
N ALA D 313 4.06 -25.54 32.69
CA ALA D 313 3.04 -26.47 33.17
C ALA D 313 1.72 -26.20 32.46
N ARG D 314 1.26 -24.96 32.54
CA ARG D 314 0.06 -24.55 31.80
C ARG D 314 0.10 -25.03 30.34
N LEU D 315 1.28 -24.98 29.71
CA LEU D 315 1.46 -25.46 28.32
C LEU D 315 1.50 -26.99 28.20
N LYS D 316 2.20 -27.64 29.11
CA LYS D 316 2.18 -29.09 29.18
C LYS D 316 0.74 -29.60 29.38
N LYS D 317 -0.05 -28.82 30.10
CA LYS D 317 -1.48 -29.13 30.30
C LYS D 317 -2.23 -28.91 29.00
N SER D 318 -2.07 -27.71 28.41
CA SER D 318 -2.67 -27.39 27.09
C SER D 318 -2.34 -28.51 26.11
N ALA D 319 -1.09 -28.99 26.16
CA ALA D 319 -0.64 -30.09 25.31
C ALA D 319 -1.51 -31.29 25.59
N ASP D 320 -1.43 -31.79 26.82
CA ASP D 320 -2.13 -33.03 27.23
C ASP D 320 -3.61 -33.08 26.82
N THR D 321 -4.35 -32.02 27.14
CA THR D 321 -5.73 -31.85 26.69
C THR D 321 -5.83 -32.29 25.20
N LEU D 322 -5.02 -31.66 24.35
CA LEU D 322 -5.14 -31.80 22.89
C LEU D 322 -4.84 -33.22 22.38
N TRP D 323 -3.77 -33.82 22.90
CA TRP D 323 -3.41 -35.20 22.54
C TRP D 323 -4.42 -36.23 23.01
N GLY D 324 -5.24 -35.86 24.00
CA GLY D 324 -6.29 -36.76 24.49
C GLY D 324 -7.30 -37.08 23.41
N ILE D 325 -7.80 -36.02 22.78
CA ILE D 325 -8.75 -36.16 21.67
C ILE D 325 -8.03 -36.68 20.44
N GLN D 326 -6.82 -36.18 20.26
CA GLN D 326 -6.09 -36.32 19.02
C GLN D 326 -5.76 -37.77 18.75
N LYS D 327 -5.16 -38.44 19.74
CA LYS D 327 -4.70 -39.84 19.62
C LYS D 327 -5.79 -40.77 19.06
N GLU D 328 -7.04 -40.51 19.47
CA GLU D 328 -8.19 -41.39 19.19
C GLU D 328 -9.06 -41.01 17.98
N LEU D 329 -8.52 -40.19 17.07
CA LEU D 329 -9.26 -39.78 15.85
C LEU D 329 -9.26 -40.89 14.76
N GLN D 330 -10.36 -40.99 14.04
CA GLN D 330 -10.53 -42.00 12.99
C GLN D 330 -10.49 -41.38 11.58
N PHE D 331 -9.41 -41.66 10.85
CA PHE D 331 -9.28 -41.26 9.43
C PHE D 331 -8.13 -42.05 8.81
C23 88V E . 21.17 14.51 7.89
C27 88V E . 22.83 13.93 6.29
C24 88V E . 21.09 13.19 8.28
C26 88V E . 22.74 12.61 6.68
C5 88V E . 17.77 25.89 3.12
C6 88V E . 18.14 24.69 2.53
C8 88V E . 20.47 25.20 2.88
C22 88V E . 22.04 14.90 6.88
C25 88V E . 21.88 12.22 7.68
C4 88V E . 18.75 26.76 3.61
C7 88V E . 19.48 24.35 2.40
C9 88V E . 20.09 26.38 3.49
C2 88V E . 19.67 28.54 4.58
C12 88V E . 20.73 22.22 2.30
C30 88V E . 23.00 8.67 8.82
C33 88V E . 23.88 10.88 9.54
C17 88V E . 21.81 18.36 3.36
C1 88V E . 19.73 29.86 5.26
C21 88V E . 22.15 16.36 6.49
C28 88V E . 21.77 10.77 8.12
C14 88V E . 20.74 20.88 1.59
C20 88V E . 21.68 16.63 5.07
C15 88V E . 22.06 20.16 1.72
C29 88V E . 23.14 10.13 8.44
N3 88V E . 18.53 27.99 4.23
N11 88V E . 19.83 23.12 1.81
N19 88V E . 22.23 17.88 4.55
N16 88V E . 22.26 19.57 3.04
O13 88V E . 21.49 22.46 3.23
O31 88V E . 22.92 8.30 9.97
O34 88V E . 23.35 11.09 10.62
O18 88V E . 21.11 17.68 2.61
O32 88V E . 23.01 7.86 7.79
O35 88V E . 25.08 11.30 9.23
S10 88V E . 21.10 27.64 4.17
C1 GOL F . 29.53 3.53 -17.76
O1 GOL F . 30.83 3.56 -17.12
C2 GOL F . 28.77 4.76 -18.28
O2 GOL F . 29.56 5.56 -19.18
C3 GOL F . 28.15 5.64 -17.15
O3 GOL F . 29.01 6.62 -16.52
C23 88V G . 18.01 6.75 -18.74
C27 88V G . 19.05 8.67 -17.82
C24 88V G . 16.79 7.41 -18.75
C26 88V G . 17.84 9.33 -17.84
C5 88V G . 27.22 -1.60 -15.63
C6 88V G . 26.68 -0.49 -14.99
C8 88V G . 28.08 0.98 -16.28
C22 88V G . 19.16 7.37 -18.27
C25 88V G . 16.70 8.72 -18.30
C4 88V G . 28.20 -1.43 -16.61
C7 88V G . 27.09 0.78 -15.32
C9 88V G . 28.61 -0.13 -16.92
C2 88V G . 29.72 -1.92 -18.15
C12 88V G . 26.16 3.08 -15.14
C30 88V G . 14.07 11.43 -19.18
C33 88V G . 15.82 10.48 -20.61
C17 88V G . 23.09 5.91 -15.63
C1 88V G . 30.58 -2.76 -19.05
C21 88V G . 20.50 6.65 -18.24
C28 88V G . 15.37 9.44 -18.34
C14 88V G . 25.57 4.04 -14.12
C20 88V G . 21.03 6.51 -16.83
C15 88V G . 25.30 5.39 -14.70
C29 88V G . 15.40 10.74 -19.18
N3 88V G . 28.84 -2.44 -17.32
N11 88V G . 26.50 1.89 -14.64
N19 88V G . 22.42 6.07 -16.79
N16 88V G . 24.31 5.33 -15.76
O13 88V G . 26.32 3.40 -16.31
O31 88V G . 13.31 11.47 -20.14
O34 88V G . 15.24 9.70 -21.35
O18 88V G . 22.62 6.23 -14.54
O32 88V G . 13.82 11.97 -18.03
O35 88V G . 16.82 11.21 -20.99
S10 88V G . 29.85 -0.19 -18.13
C23 88V H . -26.96 -0.26 -0.77
C27 88V H . -27.30 -2.59 -0.45
C24 88V H . -26.26 -0.52 -1.93
C26 88V H . -26.62 -2.85 -1.63
C5 88V H . -29.33 3.29 11.29
C6 88V H . -28.77 2.15 10.74
C8 88V H . -30.96 1.30 10.19
C22 88V H . -27.49 -1.29 -0.02
C25 88V H . -26.08 -1.82 -2.37
C4 88V H . -30.71 3.45 11.30
C7 88V H . -29.58 1.16 10.19
C9 88V H . -31.50 2.45 10.75
C2 88V H . -32.70 4.38 11.67
C12 88V H . -29.29 -0.66 8.52
C30 88V H . -25.48 -3.25 -5.91
C33 88V H . -27.52 -2.22 -4.94
C17 88V H . -28.11 -2.15 4.79
C1 88V H . -33.69 5.40 12.13
C21 88V H . -28.27 -1.02 1.26
C28 88V H . -25.36 -2.11 -3.65
C14 88V H . -28.36 -1.81 8.19
C20 88V H . -27.59 -1.62 2.46
C15 88V H . -28.90 -2.65 7.05
C29 88V H . -26.22 -2.94 -4.63
N3 88V H . -31.41 4.54 11.82
N11 88V H . -28.98 -0.01 9.65
N19 88V H . -28.48 -1.62 3.61
N16 88V H . -28.96 -1.91 5.80
O13 88V H . -30.23 -0.35 7.80
O31 88V H . -25.65 -2.62 -6.95
O34 88V H . -27.55 -1.09 -5.38
O18 88V H . -27.09 -2.83 4.92
O32 88V H . -24.66 -4.24 -5.79
O35 88V H . -28.57 -2.93 -4.66
S10 88V H . -33.17 2.90 10.90
C23 88V I . -12.70 -20.50 11.92
C27 88V I . -14.84 -19.62 12.43
C24 88V I . -12.12 -19.55 12.74
C26 88V I . -14.26 -18.67 13.25
C5 88V I . -15.98 -27.06 1.51
C6 88V I . -16.34 -25.81 2.00
C8 88V I . -17.85 -26.83 3.58
C22 88V I . -14.07 -20.54 11.74
C25 88V I . -12.89 -18.62 13.41
C4 88V I . -16.57 -28.20 2.05
C7 88V I . -17.26 -25.69 3.03
C9 88V I . -17.50 -28.07 3.08
C2 88V I . -17.03 -30.35 2.38
C12 88V I . -17.85 -24.10 4.83
C30 88V I . -12.12 -16.59 16.61
C33 88V I . -12.20 -19.02 16.33
C17 88V I . -17.08 -21.65 7.96
C1 88V I . -16.98 -31.83 2.17
C21 88V I . -14.70 -21.58 10.83
C28 88V I . -12.24 -17.60 14.30
C14 88V I . -18.30 -22.67 5.05
C20 88V I . -15.52 -20.98 9.71
C15 88V I . -18.85 -22.45 6.45
C29 88V I . -12.66 -17.72 15.76
N3 88V I . -16.33 -29.52 1.66
N11 88V I . -17.62 -24.41 3.54
N19 88V I . -16.39 -21.96 9.08
N16 88V I . -17.81 -22.66 7.45
O13 88V I . -17.76 -24.91 5.76
O31 88V I . -11.32 -16.80 17.51
O34 88V I . -11.04 -19.38 16.23
O18 88V I . -17.05 -20.54 7.46
O32 88V I . -12.68 -15.45 16.34
O35 88V I . -13.14 -19.68 16.93
S10 88V I . -18.07 -29.64 3.57
#